data_7SIM
#
_entry.id   7SIM
#
loop_
_entity.id
_entity.type
_entity.pdbx_description
1 polymer 'Isoform 1 of Extracellular calcium-sensing receptor'
2 branched 2-acetamido-2-deoxy-beta-D-glucopyranose-(1-4)-2-acetamido-2-deoxy-beta-D-glucopyranose
3 non-polymer 2-acetamido-2-deoxy-beta-D-glucopyranose
4 non-polymer CYCLOMETHYLTRYPTOPHAN
5 non-polymer 'PHOSPHATE ION'
6 non-polymer 'CALCIUM ION'
7 non-polymer CHOLESTEROL
#
_entity_poly.entity_id   1
_entity_poly.type   'polypeptide(L)'
_entity_poly.pdbx_seq_one_letter_code
;MAFYSCCWVLLALTWHTSAYGPDQRAQKKGDIILGGLFPIHFGVAAKDQDLKSRPESVECIRYNFRGFRWLQAMIFAIEE
INSSPALLPNLTLGYRIFDTCNTVSKALEATLSFVAQNKIDSLNLDEFCNCSEHIPSTIAVVGATGSGVSTAVANLLGLF
YIPQVSYASSSRLLSNKNQFKSFLRTIPNDEHQATAMADIIEYFRWNWVGTIAADDDYGRPGIEKFREEAEERDICIDFS
ELISQYSDEEEIQHVVEVIQNSTAKVIVVFSSGPDLEPLIKEIVRRNITGKIWLASEAWASSSLIAMPQYFHVVGGTIGF
ALKAGQIPGFREFLKKVHPRKSVHNGFAKEFWEETFNCHLQEGAKGPLPVDTFLRGHEESGDRFSNSSTAFRPLCTGDEN
ISSVETPYIDYTHLRISYNVYLAVYSIAHALQDIYTCLPGRGLFTNGSCADIKKVEAWQVLKHLRHLNFTNNMGEQVTFD
ECGDLVGNYSIINWHLSPEDGSIVFKEVGYYNVYAKKGERLFINEEKILWSGFSREVPFSNCSRDCLAGTRKGIIEGEPT
CCFECVECPDGEYSDETDASACNKCPDDFWSNENHTSCIAKEIEFLSWTEPFGIALTLFAVLGIFLTAFVLGVFIKFRNT
PIVKATNRELSYLLLFSLLCCFSSSLFFIGEPQDWTCRLRQPAFGISFVLCISCILVKTNRVLLVFEAKIPTSFHRKWWG
LNLQFLLVFLCTFMQIVICVIWLYTAPPSSYRNQELEDEIIFITCHEGSLMALGFLIGYTCLLAAICFFFAFKSRKLPEN
FNEAKFITFSMLIFFIVWISFIPAYASTYGKFVSAVEVIAILAASFGLLACIFFNKIYIILFKPSRNTIEDYKDDDDK
;
_entity_poly.pdbx_strand_id   A,B
#
# COMPACT_ATOMS: atom_id res chain seq x y z
N GLY A 21 1.37 4.44 -58.12
CA GLY A 21 0.79 4.98 -56.91
C GLY A 21 -0.61 5.54 -57.09
N PRO A 22 -1.18 6.09 -56.02
CA PRO A 22 -2.53 6.65 -56.10
C PRO A 22 -2.58 7.82 -57.08
N ASP A 23 -3.74 7.95 -57.75
CA ASP A 23 -3.91 8.99 -58.76
C ASP A 23 -3.81 10.38 -58.14
N GLN A 24 -4.44 10.59 -56.98
CA GLN A 24 -4.40 11.89 -56.31
C GLN A 24 -3.04 12.05 -55.65
N ARG A 25 -2.28 13.05 -56.08
CA ARG A 25 -0.88 13.17 -55.72
C ARG A 25 -0.42 14.59 -55.97
N ALA A 26 0.76 14.91 -55.45
CA ALA A 26 1.42 16.19 -55.73
C ALA A 26 2.82 15.87 -56.25
N GLN A 27 3.05 16.11 -57.54
CA GLN A 27 4.31 15.78 -58.19
C GLN A 27 4.92 17.01 -58.84
N LYS A 28 6.23 17.15 -58.71
CA LYS A 28 7.01 18.10 -59.48
C LYS A 28 8.29 17.40 -59.94
N LYS A 29 8.66 17.65 -61.18
CA LYS A 29 9.83 17.02 -61.77
C LYS A 29 11.09 17.78 -61.35
N GLY A 30 12.17 17.04 -61.16
CA GLY A 30 13.41 17.65 -60.75
C GLY A 30 14.55 16.67 -60.87
N ASP A 31 15.76 17.15 -60.57
CA ASP A 31 16.93 16.30 -60.59
C ASP A 31 16.91 15.32 -59.42
N ILE A 32 16.63 15.82 -58.22
CA ILE A 32 16.61 15.01 -57.00
C ILE A 32 15.22 15.08 -56.42
N ILE A 33 14.61 13.91 -56.20
CA ILE A 33 13.18 13.80 -55.90
C ILE A 33 13.01 13.46 -54.43
N LEU A 34 12.14 14.19 -53.75
CA LEU A 34 11.79 13.94 -52.36
C LEU A 34 10.41 13.30 -52.30
N GLY A 35 10.29 12.21 -51.56
CA GLY A 35 8.98 11.64 -51.29
C GLY A 35 8.28 12.34 -50.15
N GLY A 36 6.95 12.32 -50.20
CA GLY A 36 6.15 12.98 -49.20
C GLY A 36 4.94 12.18 -48.76
N LEU A 37 4.72 12.10 -47.46
CA LEU A 37 3.58 11.38 -46.88
C LEU A 37 2.88 12.31 -45.90
N PHE A 38 1.62 12.62 -46.18
CA PHE A 38 0.85 13.51 -45.33
C PHE A 38 -0.56 12.99 -45.14
N PRO A 39 -1.18 13.29 -44.00
CA PRO A 39 -2.57 12.89 -43.79
C PRO A 39 -3.56 13.93 -44.31
N ILE A 40 -3.77 13.97 -45.63
CA ILE A 40 -4.75 14.87 -46.20
C ILE A 40 -6.16 14.52 -45.76
N HIS A 41 -6.38 13.28 -45.32
CA HIS A 41 -7.64 12.86 -44.73
C HIS A 41 -7.38 12.27 -43.36
N PHE A 42 -8.38 12.36 -42.48
CA PHE A 42 -8.21 11.85 -41.12
C PHE A 42 -8.26 10.33 -41.06
N GLY A 43 -8.96 9.69 -41.99
CA GLY A 43 -9.07 8.25 -41.94
C GLY A 43 -9.67 7.71 -43.23
N VAL A 44 -10.16 6.49 -43.15
CA VAL A 44 -10.71 5.78 -44.30
C VAL A 44 -12.16 5.42 -44.02
N ALA A 45 -12.89 5.14 -45.09
CA ALA A 45 -14.30 4.77 -44.97
C ALA A 45 -14.44 3.45 -44.22
N ALA A 46 -15.50 3.37 -43.41
CA ALA A 46 -15.78 2.17 -42.62
C ALA A 46 -16.47 1.11 -43.50
N LYS A 47 -15.72 0.62 -44.48
CA LYS A 47 -16.21 -0.40 -45.41
C LYS A 47 -15.43 -1.68 -45.11
N ASP A 48 -15.94 -2.47 -44.17
CA ASP A 48 -15.35 -3.76 -43.83
C ASP A 48 -15.96 -4.79 -44.77
N GLN A 49 -15.23 -5.12 -45.82
CA GLN A 49 -15.74 -6.01 -46.86
C GLN A 49 -15.92 -7.42 -46.33
N ASP A 50 -17.01 -8.05 -46.75
CA ASP A 50 -17.21 -9.48 -46.49
C ASP A 50 -16.45 -10.34 -47.49
N LEU A 51 -15.71 -9.71 -48.40
CA LEU A 51 -14.90 -10.41 -49.41
C LEU A 51 -15.77 -11.26 -50.33
N LYS A 52 -17.00 -10.82 -50.59
CA LYS A 52 -17.83 -11.49 -51.57
C LYS A 52 -17.37 -11.17 -52.99
N SER A 53 -16.91 -9.95 -53.22
CA SER A 53 -16.37 -9.52 -54.50
C SER A 53 -14.93 -9.07 -54.30
N ARG A 54 -14.25 -8.79 -55.41
CA ARG A 54 -12.89 -8.30 -55.35
C ARG A 54 -12.84 -7.01 -54.53
N PRO A 55 -12.02 -6.93 -53.50
CA PRO A 55 -12.01 -5.72 -52.66
C PRO A 55 -11.39 -4.55 -53.40
N GLU A 56 -12.17 -3.49 -53.58
CA GLU A 56 -11.69 -2.28 -54.22
C GLU A 56 -10.99 -1.38 -53.22
N SER A 57 -10.24 -0.41 -53.74
CA SER A 57 -9.44 0.46 -52.89
C SER A 57 -10.33 1.21 -51.91
N VAL A 58 -9.92 1.17 -50.63
CA VAL A 58 -10.69 1.87 -49.60
C VAL A 58 -10.53 3.37 -49.80
N GLU A 59 -11.62 4.10 -49.63
CA GLU A 59 -11.64 5.53 -49.87
C GLU A 59 -11.49 6.31 -48.57
N CYS A 60 -10.74 7.41 -48.64
CA CYS A 60 -10.57 8.30 -47.49
C CYS A 60 -11.71 9.31 -47.45
N ILE A 61 -12.10 9.71 -46.23
CA ILE A 61 -13.39 10.39 -46.07
C ILE A 61 -13.28 11.80 -45.52
N ARG A 62 -12.77 11.96 -44.30
CA ARG A 62 -12.84 13.25 -43.62
C ARG A 62 -11.63 14.10 -43.96
N TYR A 63 -11.85 15.26 -44.55
CA TYR A 63 -10.74 16.09 -45.00
C TYR A 63 -10.00 16.72 -43.84
N ASN A 64 -8.69 16.87 -44.01
CA ASN A 64 -7.78 17.30 -42.97
C ASN A 64 -7.02 18.52 -43.50
N PHE A 65 -7.53 19.71 -43.16
CA PHE A 65 -6.94 20.96 -43.64
C PHE A 65 -5.55 21.19 -43.07
N ARG A 66 -5.34 20.82 -41.80
CA ARG A 66 -4.03 20.98 -41.18
C ARG A 66 -2.98 20.13 -41.90
N GLY A 67 -3.36 18.90 -42.28
CA GLY A 67 -2.45 18.08 -43.07
C GLY A 67 -2.16 18.67 -44.44
N PHE A 68 -3.15 19.30 -45.06
CA PHE A 68 -2.90 19.96 -46.34
C PHE A 68 -1.96 21.15 -46.16
N ARG A 69 -2.07 21.86 -45.03
CA ARG A 69 -1.11 22.91 -44.74
C ARG A 69 0.29 22.34 -44.53
N TRP A 70 0.40 21.16 -43.92
CA TRP A 70 1.70 20.51 -43.78
C TRP A 70 2.29 20.17 -45.15
N LEU A 71 1.47 19.61 -46.04
CA LEU A 71 1.92 19.34 -47.39
C LEU A 71 2.38 20.62 -48.09
N GLN A 72 1.64 21.71 -47.87
CA GLN A 72 2.02 22.99 -48.45
C GLN A 72 3.33 23.48 -47.87
N ALA A 73 3.59 23.19 -46.59
CA ALA A 73 4.87 23.55 -45.99
C ALA A 73 6.01 22.82 -46.69
N MET A 74 5.82 21.52 -46.98
CA MET A 74 6.85 20.79 -47.72
C MET A 74 7.08 21.41 -49.09
N ILE A 75 6.00 21.68 -49.82
CA ILE A 75 6.13 22.23 -51.17
C ILE A 75 6.79 23.60 -51.12
N PHE A 76 6.41 24.42 -50.15
CA PHE A 76 6.96 25.76 -50.01
C PHE A 76 8.45 25.72 -49.68
N ALA A 77 8.87 24.82 -48.79
CA ALA A 77 10.28 24.70 -48.47
C ALA A 77 11.07 24.29 -49.70
N ILE A 78 10.53 23.33 -50.47
CA ILE A 78 11.19 22.92 -51.70
C ILE A 78 11.28 24.09 -52.67
N GLU A 79 10.23 24.90 -52.76
CA GLU A 79 10.22 26.02 -53.71
C GLU A 79 11.20 27.11 -53.30
N GLU A 80 11.34 27.39 -52.01
CA GLU A 80 12.41 28.31 -51.59
C GLU A 80 13.78 27.75 -51.91
N ILE A 81 13.98 26.46 -51.67
CA ILE A 81 15.30 25.88 -51.94
C ILE A 81 15.63 25.98 -53.41
N ASN A 82 14.66 25.71 -54.28
CA ASN A 82 14.87 25.87 -55.72
C ASN A 82 15.13 27.33 -56.08
N SER A 83 14.36 28.25 -55.50
CA SER A 83 14.49 29.65 -55.88
C SER A 83 15.80 30.25 -55.38
N SER A 84 16.26 29.83 -54.22
CA SER A 84 17.49 30.37 -53.65
C SER A 84 18.70 29.79 -54.36
N PRO A 85 19.61 30.62 -54.90
CA PRO A 85 20.83 30.07 -55.50
C PRO A 85 21.89 29.69 -54.48
N ALA A 86 21.73 30.09 -53.21
CA ALA A 86 22.71 29.74 -52.19
C ALA A 86 22.68 28.24 -51.89
N LEU A 87 21.49 27.65 -51.85
CA LEU A 87 21.33 26.24 -51.49
C LEU A 87 21.10 25.41 -52.73
N LEU A 88 21.92 24.39 -52.92
CA LEU A 88 21.85 23.47 -54.05
C LEU A 88 21.80 24.20 -55.38
N PRO A 89 22.82 24.96 -55.74
CA PRO A 89 22.78 25.71 -57.01
C PRO A 89 22.79 24.77 -58.20
N ASN A 90 22.09 25.19 -59.26
CA ASN A 90 21.98 24.47 -60.52
C ASN A 90 21.33 23.10 -60.38
N LEU A 91 20.77 22.79 -59.21
CA LEU A 91 20.03 21.55 -58.99
C LEU A 91 18.60 21.89 -58.62
N THR A 92 17.65 21.25 -59.28
CA THR A 92 16.24 21.46 -59.00
C THR A 92 15.69 20.28 -58.21
N LEU A 93 14.90 20.57 -57.18
CA LEU A 93 14.33 19.55 -56.33
C LEU A 93 12.90 19.26 -56.78
N GLY A 94 12.57 17.98 -56.90
CA GLY A 94 11.22 17.56 -57.21
C GLY A 94 10.63 16.81 -56.04
N TYR A 95 9.31 16.65 -56.08
CA TYR A 95 8.62 15.93 -55.03
C TYR A 95 7.61 14.97 -55.62
N ARG A 96 7.31 13.93 -54.85
CA ARG A 96 6.19 13.02 -55.11
C ARG A 96 5.53 12.81 -53.75
N ILE A 97 4.38 13.43 -53.55
CA ILE A 97 3.71 13.46 -52.27
C ILE A 97 2.36 12.76 -52.40
N PHE A 98 2.10 11.82 -51.50
CA PHE A 98 0.88 11.04 -51.48
C PHE A 98 0.17 11.24 -50.15
N ASP A 99 -1.14 10.98 -50.17
CA ASP A 99 -1.97 11.05 -48.97
C ASP A 99 -1.99 9.69 -48.29
N THR A 100 -1.75 9.68 -46.98
CA THR A 100 -1.75 8.45 -46.22
C THR A 100 -3.10 8.16 -45.55
N CYS A 101 -3.88 9.19 -45.26
CA CYS A 101 -5.15 9.07 -44.53
C CYS A 101 -4.97 8.41 -43.17
N ASN A 102 -3.80 8.65 -42.55
CA ASN A 102 -3.46 8.08 -41.25
C ASN A 102 -3.54 6.55 -41.26
N THR A 103 -3.33 5.95 -42.42
CA THR A 103 -3.55 4.53 -42.63
C THR A 103 -2.26 3.88 -43.09
N VAL A 104 -1.97 2.69 -42.55
CA VAL A 104 -0.77 1.96 -42.93
C VAL A 104 -0.85 1.50 -44.39
N SER A 105 -2.03 1.09 -44.84
CA SER A 105 -2.16 0.52 -46.18
C SER A 105 -1.88 1.54 -47.27
N LYS A 106 -2.49 2.73 -47.16
CA LYS A 106 -2.22 3.78 -48.15
C LYS A 106 -0.78 4.23 -48.11
N ALA A 107 -0.21 4.39 -46.91
CA ALA A 107 1.19 4.76 -46.80
C ALA A 107 2.09 3.71 -47.43
N LEU A 108 1.74 2.44 -47.31
CA LEU A 108 2.56 1.39 -47.91
C LEU A 108 2.41 1.35 -49.42
N GLU A 109 1.23 1.64 -49.96
CA GLU A 109 1.13 1.81 -51.41
C GLU A 109 2.03 2.93 -51.90
N ALA A 110 2.00 4.07 -51.21
CA ALA A 110 2.87 5.19 -51.58
C ALA A 110 4.35 4.83 -51.44
N THR A 111 4.71 4.08 -50.40
CA THR A 111 6.10 3.72 -50.17
C THR A 111 6.58 2.70 -51.19
N LEU A 112 5.71 1.79 -51.60
CA LEU A 112 6.03 0.91 -52.73
C LEU A 112 6.25 1.72 -53.99
N SER A 113 5.46 2.78 -54.18
CA SER A 113 5.73 3.71 -55.27
C SER A 113 7.11 4.36 -55.11
N PHE A 114 7.53 4.61 -53.87
CA PHE A 114 8.83 5.24 -53.65
C PHE A 114 9.99 4.33 -54.01
N VAL A 115 9.85 3.02 -53.80
CA VAL A 115 10.97 2.09 -53.88
C VAL A 115 10.95 1.26 -55.17
N ALA A 116 10.23 1.73 -56.20
CA ALA A 116 10.08 0.93 -57.41
C ALA A 116 11.42 0.65 -58.07
N GLN A 117 12.26 1.68 -58.20
CA GLN A 117 13.56 1.49 -58.84
C GLN A 117 14.47 0.59 -58.00
N ASN A 118 14.30 0.61 -56.68
CA ASN A 118 15.06 -0.30 -55.84
C ASN A 118 14.49 -1.70 -55.89
N LYS A 119 13.16 -1.83 -55.95
CA LYS A 119 12.55 -3.16 -56.05
C LYS A 119 12.95 -3.85 -57.35
N ILE A 120 13.07 -3.09 -58.43
CA ILE A 120 13.53 -3.66 -59.69
C ILE A 120 14.94 -4.21 -59.53
N ASP A 121 15.77 -3.54 -58.75
CA ASP A 121 17.15 -3.95 -58.51
C ASP A 121 17.29 -4.84 -57.27
N SER A 122 16.18 -5.24 -56.66
CA SER A 122 16.21 -6.08 -55.47
C SER A 122 15.69 -7.50 -55.71
N LEU A 123 14.66 -7.66 -56.52
CA LEU A 123 14.12 -8.99 -56.80
C LEU A 123 14.91 -9.69 -57.92
N ILE A 135 9.75 5.39 -63.76
CA ILE A 135 9.57 5.76 -62.36
C ILE A 135 10.82 6.42 -61.83
N PRO A 136 10.69 7.64 -61.31
CA PRO A 136 11.85 8.33 -60.75
C PRO A 136 12.35 7.68 -59.48
N SER A 137 13.63 7.90 -59.20
CA SER A 137 14.20 7.45 -57.94
C SER A 137 13.89 8.45 -56.83
N THR A 138 13.64 7.92 -55.63
CA THR A 138 13.34 8.72 -54.45
C THR A 138 14.59 8.76 -53.59
N ILE A 139 15.07 9.97 -53.28
CA ILE A 139 16.33 10.10 -52.56
C ILE A 139 16.08 10.14 -51.06
N ALA A 140 14.90 10.60 -50.65
CA ALA A 140 14.52 10.69 -49.25
C ALA A 140 13.03 10.95 -49.18
N VAL A 141 12.44 10.62 -48.03
CA VAL A 141 11.00 10.72 -47.82
C VAL A 141 10.74 11.57 -46.59
N VAL A 142 9.75 12.45 -46.69
CA VAL A 142 9.30 13.26 -45.58
C VAL A 142 7.97 12.70 -45.09
N GLY A 143 7.92 12.32 -43.82
CA GLY A 143 6.78 11.64 -43.24
C GLY A 143 7.21 10.41 -42.46
N ALA A 144 6.22 9.75 -41.85
CA ALA A 144 4.81 10.15 -41.86
C ALA A 144 4.42 10.80 -40.55
N THR A 145 3.12 10.99 -40.35
CA THR A 145 2.59 11.58 -39.12
C THR A 145 2.46 10.56 -37.99
N GLY A 146 1.66 9.51 -38.17
CA GLY A 146 1.47 8.54 -37.11
C GLY A 146 2.68 7.65 -36.93
N SER A 147 2.89 7.20 -35.70
CA SER A 147 4.05 6.36 -35.41
C SER A 147 3.91 4.97 -36.00
N GLY A 148 2.70 4.42 -35.99
CA GLY A 148 2.50 3.12 -36.63
C GLY A 148 2.69 3.20 -38.12
N VAL A 149 2.17 4.25 -38.74
CA VAL A 149 2.37 4.48 -40.17
C VAL A 149 3.85 4.67 -40.47
N SER A 150 4.53 5.48 -39.65
CA SER A 150 5.95 5.71 -39.86
C SER A 150 6.76 4.43 -39.67
N THR A 151 6.36 3.58 -38.74
CA THR A 151 7.05 2.31 -38.52
C THR A 151 6.89 1.39 -39.72
N ALA A 152 5.66 1.28 -40.23
CA ALA A 152 5.42 0.45 -41.40
C ALA A 152 6.17 0.97 -42.62
N VAL A 153 6.23 2.28 -42.77
CA VAL A 153 6.98 2.87 -43.89
C VAL A 153 8.48 2.67 -43.70
N ALA A 154 8.95 2.79 -42.45
CA ALA A 154 10.38 2.77 -42.19
C ALA A 154 10.95 1.38 -42.37
N ASN A 155 10.17 0.35 -42.09
CA ASN A 155 10.63 -1.00 -42.41
C ASN A 155 11.03 -1.10 -43.89
N LEU A 156 10.11 -0.71 -44.77
CA LEU A 156 10.35 -0.79 -46.21
C LEU A 156 11.46 0.14 -46.66
N LEU A 157 11.51 1.35 -46.11
CA LEU A 157 12.51 2.32 -46.57
C LEU A 157 13.90 1.96 -46.09
N GLY A 158 14.04 1.57 -44.83
CA GLY A 158 15.34 1.14 -44.32
C GLY A 158 15.78 -0.18 -44.92
N LEU A 159 14.85 -0.92 -45.53
CA LEU A 159 15.28 -2.05 -46.35
C LEU A 159 16.19 -1.60 -47.48
N PHE A 160 15.88 -0.46 -48.10
CA PHE A 160 16.66 0.07 -49.22
C PHE A 160 17.57 1.22 -48.82
N TYR A 161 17.72 1.47 -47.52
CA TYR A 161 18.58 2.53 -46.99
C TYR A 161 18.18 3.90 -47.54
N ILE A 162 16.89 4.12 -47.74
CA ILE A 162 16.37 5.42 -48.14
C ILE A 162 16.06 6.22 -46.88
N PRO A 163 16.68 7.39 -46.69
CA PRO A 163 16.41 8.16 -45.47
C PRO A 163 14.97 8.63 -45.41
N GLN A 164 14.42 8.64 -44.20
CA GLN A 164 13.05 9.04 -43.95
C GLN A 164 13.03 9.95 -42.73
N VAL A 165 12.66 11.21 -42.93
CA VAL A 165 12.63 12.19 -41.85
C VAL A 165 11.17 12.50 -41.54
N SER A 166 10.72 12.07 -40.37
CA SER A 166 9.35 12.32 -39.94
C SER A 166 9.24 13.68 -39.26
N TYR A 167 8.09 14.31 -39.45
CA TYR A 167 7.80 15.60 -38.84
C TYR A 167 6.91 15.49 -37.62
N ALA A 168 6.24 14.36 -37.41
CA ALA A 168 5.30 14.22 -36.31
C ALA A 168 5.42 12.93 -35.51
N SER A 169 5.99 11.86 -36.07
CA SER A 169 6.01 10.57 -35.37
C SER A 169 7.04 10.61 -34.26
N SER A 170 6.60 10.47 -33.01
CA SER A 170 7.48 10.69 -31.86
C SER A 170 7.62 9.46 -30.97
N SER A 171 7.27 8.27 -31.45
CA SER A 171 7.37 7.08 -30.62
C SER A 171 8.82 6.74 -30.32
N ARG A 172 9.06 6.30 -29.08
CA ARG A 172 10.41 5.86 -28.71
C ARG A 172 10.82 4.61 -29.48
N LEU A 173 9.83 3.84 -29.96
CA LEU A 173 10.13 2.62 -30.71
C LEU A 173 10.91 2.95 -31.98
N LEU A 174 10.73 4.14 -32.53
CA LEU A 174 11.44 4.52 -33.73
C LEU A 174 12.87 4.98 -33.45
N SER A 175 13.25 5.08 -32.18
CA SER A 175 14.64 5.40 -31.85
C SER A 175 15.55 4.18 -31.95
N ASN A 176 14.97 2.98 -32.07
CA ASN A 176 15.76 1.77 -32.23
C ASN A 176 16.40 1.75 -33.61
N LYS A 177 17.71 2.01 -33.66
CA LYS A 177 18.41 2.09 -34.92
C LYS A 177 18.86 0.74 -35.46
N ASN A 178 18.67 -0.34 -34.70
CA ASN A 178 18.82 -1.68 -35.27
C ASN A 178 17.63 -2.01 -36.17
N GLN A 179 16.42 -1.70 -35.70
CA GLN A 179 15.23 -2.01 -36.48
C GLN A 179 15.02 -0.99 -37.60
N PHE A 180 15.31 0.28 -37.34
CA PHE A 180 15.08 1.36 -38.30
C PHE A 180 16.41 2.04 -38.62
N LYS A 181 17.04 1.60 -39.72
CA LYS A 181 18.38 2.07 -40.06
C LYS A 181 18.39 3.49 -40.62
N SER A 182 17.31 3.93 -41.24
CA SER A 182 17.30 5.20 -41.96
C SER A 182 16.22 6.16 -41.51
N PHE A 183 15.85 6.14 -40.24
CA PHE A 183 14.76 6.97 -39.75
C PHE A 183 15.31 8.12 -38.89
N LEU A 184 14.86 9.34 -39.20
CA LEU A 184 15.25 10.53 -38.45
C LEU A 184 13.99 11.33 -38.15
N ARG A 185 14.13 12.28 -37.22
CA ARG A 185 13.00 13.04 -36.71
C ARG A 185 13.37 14.50 -36.53
N THR A 186 12.48 15.38 -36.98
CA THR A 186 12.52 16.78 -36.60
C THR A 186 11.59 17.06 -35.42
N ILE A 187 10.97 16.03 -34.86
CA ILE A 187 10.11 16.16 -33.69
C ILE A 187 10.81 15.47 -32.52
N PRO A 188 10.70 15.98 -31.30
CA PRO A 188 11.32 15.31 -30.15
C PRO A 188 10.68 13.97 -29.85
N ASN A 189 11.39 13.17 -29.08
CA ASN A 189 10.88 11.88 -28.61
C ASN A 189 9.77 12.07 -27.60
N ASP A 190 9.05 10.99 -27.32
CA ASP A 190 7.91 11.05 -26.40
C ASP A 190 8.30 10.82 -24.95
N GLU A 191 9.53 10.38 -24.69
CA GLU A 191 9.92 10.06 -23.31
C GLU A 191 9.87 11.30 -22.42
N HIS A 192 10.40 12.42 -22.92
CA HIS A 192 10.39 13.65 -22.15
C HIS A 192 8.96 14.11 -21.86
N GLN A 193 8.04 13.86 -22.79
CA GLN A 193 6.67 14.30 -22.60
C GLN A 193 5.96 13.48 -21.51
N ALA A 194 6.22 12.17 -21.46
CA ALA A 194 5.68 11.36 -20.38
C ALA A 194 6.28 11.77 -19.04
N THR A 195 7.59 12.02 -19.00
CA THR A 195 8.20 12.51 -17.77
C THR A 195 7.60 13.85 -17.35
N ALA A 196 7.33 14.72 -18.32
CA ALA A 196 6.74 16.01 -18.03
C ALA A 196 5.31 15.86 -17.52
N MET A 197 4.57 14.89 -18.05
CA MET A 197 3.24 14.61 -17.51
C MET A 197 3.32 14.19 -16.06
N ALA A 198 4.28 13.32 -15.72
CA ALA A 198 4.47 12.93 -14.33
C ALA A 198 4.86 14.12 -13.46
N ASP A 199 5.73 14.99 -13.97
CA ASP A 199 6.15 16.17 -13.22
C ASP A 199 4.99 17.14 -12.99
N ILE A 200 4.12 17.29 -13.99
CA ILE A 200 2.94 18.13 -13.84
C ILE A 200 2.02 17.55 -12.77
N ILE A 201 1.83 16.23 -12.77
CA ILE A 201 1.01 15.61 -11.74
C ILE A 201 1.61 15.85 -10.37
N GLU A 202 2.93 15.70 -10.24
CA GLU A 202 3.58 15.91 -8.95
C GLU A 202 3.46 17.36 -8.50
N TYR A 203 3.49 18.30 -9.44
CA TYR A 203 3.49 19.71 -9.11
C TYR A 203 2.21 20.13 -8.40
N PHE A 204 1.08 19.57 -8.82
CA PHE A 204 -0.22 19.89 -8.24
C PHE A 204 -0.61 18.93 -7.14
N ARG A 205 0.31 18.09 -6.68
CA ARG A 205 0.12 17.23 -5.52
C ARG A 205 -1.07 16.28 -5.73
N TRP A 206 -1.02 15.56 -6.84
CA TRP A 206 -1.95 14.48 -7.14
C TRP A 206 -1.21 13.16 -7.05
N ASN A 207 -1.88 12.15 -6.50
CA ASN A 207 -1.35 10.79 -6.52
C ASN A 207 -2.35 9.76 -7.00
N TRP A 208 -3.49 10.17 -7.55
CA TRP A 208 -4.60 9.28 -7.85
C TRP A 208 -5.13 9.69 -9.23
N VAL A 209 -4.61 9.07 -10.28
CA VAL A 209 -4.85 9.48 -11.65
C VAL A 209 -5.27 8.26 -12.48
N GLY A 210 -5.89 8.54 -13.61
CA GLY A 210 -6.20 7.50 -14.58
C GLY A 210 -5.40 7.67 -15.85
N THR A 211 -5.28 6.61 -16.64
CA THR A 211 -4.53 6.64 -17.89
C THR A 211 -5.39 6.09 -19.01
N ILE A 212 -5.44 6.83 -20.11
CA ILE A 212 -6.05 6.36 -21.36
C ILE A 212 -5.01 6.54 -22.46
N ALA A 213 -4.82 5.48 -23.24
CA ALA A 213 -3.84 5.50 -24.31
C ALA A 213 -4.46 4.96 -25.58
N ALA A 214 -4.02 5.49 -26.72
CA ALA A 214 -4.35 4.88 -28.00
C ALA A 214 -3.64 3.55 -28.13
N ASP A 215 -4.33 2.57 -28.72
CA ASP A 215 -3.80 1.22 -28.87
C ASP A 215 -2.95 1.14 -30.14
N ASP A 216 -1.84 1.87 -30.12
CA ASP A 216 -0.95 1.93 -31.28
C ASP A 216 0.47 2.20 -30.79
N ASP A 217 1.38 2.37 -31.75
CA ASP A 217 2.79 2.56 -31.42
C ASP A 217 3.04 3.93 -30.81
N TYR A 218 2.03 4.80 -30.84
CA TYR A 218 2.16 6.08 -30.15
C TYR A 218 1.70 5.99 -28.70
N GLY A 219 0.47 5.55 -28.48
CA GLY A 219 -0.11 5.53 -27.15
C GLY A 219 0.54 4.59 -26.14
N ARG A 220 0.76 3.33 -26.52
CA ARG A 220 1.28 2.36 -25.56
C ARG A 220 2.68 2.70 -25.06
N PRO A 221 3.68 2.99 -25.90
CA PRO A 221 5.00 3.32 -25.34
C PRO A 221 4.98 4.56 -24.47
N GLY A 222 4.23 5.57 -24.86
CA GLY A 222 4.14 6.78 -24.05
C GLY A 222 3.51 6.52 -22.70
N ILE A 223 2.42 5.74 -22.69
CA ILE A 223 1.73 5.49 -21.44
C ILE A 223 2.56 4.57 -20.55
N GLU A 224 3.38 3.69 -21.15
CA GLU A 224 4.25 2.84 -20.36
C GLU A 224 5.39 3.65 -19.72
N LYS A 225 5.97 4.58 -20.48
CA LYS A 225 6.96 5.48 -19.89
C LYS A 225 6.33 6.31 -18.78
N PHE A 226 5.10 6.78 -18.98
CA PHE A 226 4.43 7.53 -17.93
C PHE A 226 4.20 6.68 -16.70
N ARG A 227 3.81 5.42 -16.89
CA ARG A 227 3.60 4.53 -15.75
C ARG A 227 4.88 4.35 -14.96
N GLU A 228 6.00 4.16 -15.66
CA GLU A 228 7.29 4.04 -14.98
C GLU A 228 7.62 5.30 -14.18
N GLU A 229 7.46 6.48 -14.81
CA GLU A 229 7.82 7.71 -14.13
C GLU A 229 6.86 8.02 -12.99
N ALA A 230 5.61 7.56 -13.09
CA ALA A 230 4.66 7.78 -12.01
C ALA A 230 4.93 6.87 -10.82
N GLU A 231 5.25 5.59 -11.09
CA GLU A 231 5.55 4.69 -9.99
C GLU A 231 6.87 5.08 -9.32
N GLU A 232 7.77 5.73 -10.07
CA GLU A 232 8.96 6.29 -9.44
C GLU A 232 8.61 7.41 -8.47
N ARG A 233 7.50 8.12 -8.73
CA ARG A 233 7.09 9.27 -7.93
C ARG A 233 5.95 8.95 -6.98
N ASP A 234 5.65 7.67 -6.75
CA ASP A 234 4.60 7.23 -5.84
C ASP A 234 3.23 7.80 -6.22
N ILE A 235 2.97 7.95 -7.51
CA ILE A 235 1.65 8.28 -8.00
C ILE A 235 0.94 6.98 -8.36
N CYS A 236 -0.28 6.82 -7.83
CA CYS A 236 -1.04 5.60 -8.07
C CYS A 236 -2.01 5.81 -9.22
N ILE A 237 -2.04 4.86 -10.13
CA ILE A 237 -2.90 4.91 -11.31
C ILE A 237 -4.08 4.00 -11.06
N ASP A 238 -5.28 4.57 -11.05
CA ASP A 238 -6.49 3.80 -10.75
C ASP A 238 -6.82 2.83 -11.88
N PHE A 239 -6.85 3.33 -13.12
CA PHE A 239 -7.25 2.52 -14.26
C PHE A 239 -6.35 2.84 -15.44
N SER A 240 -6.23 1.87 -16.34
CA SER A 240 -5.46 2.01 -17.58
C SER A 240 -6.28 1.39 -18.70
N GLU A 241 -6.71 2.21 -19.64
CA GLU A 241 -7.55 1.76 -20.74
C GLU A 241 -6.90 2.10 -22.08
N LEU A 242 -7.22 1.29 -23.08
CA LEU A 242 -6.76 1.49 -24.45
C LEU A 242 -7.96 1.75 -25.35
N ILE A 243 -7.82 2.72 -26.25
CA ILE A 243 -8.89 3.11 -27.14
C ILE A 243 -8.36 3.17 -28.57
N SER A 244 -9.30 3.29 -29.51
CA SER A 244 -8.97 3.41 -30.92
C SER A 244 -10.14 4.05 -31.62
N GLN A 245 -9.88 4.61 -32.80
CA GLN A 245 -10.97 5.12 -33.61
C GLN A 245 -11.92 4.03 -34.07
N TYR A 246 -11.45 2.78 -34.09
CA TYR A 246 -12.27 1.64 -34.45
C TYR A 246 -12.77 0.87 -33.23
N SER A 247 -12.64 1.44 -32.04
CA SER A 247 -13.18 0.80 -30.85
C SER A 247 -14.69 0.64 -30.97
N ASP A 248 -15.18 -0.53 -30.61
CA ASP A 248 -16.60 -0.83 -30.73
C ASP A 248 -17.40 -0.06 -29.68
N GLU A 249 -18.72 -0.12 -29.81
CA GLU A 249 -19.59 0.54 -28.85
C GLU A 249 -19.43 -0.08 -27.46
N GLU A 250 -19.28 -1.40 -27.38
CA GLU A 250 -19.12 -2.05 -26.09
C GLU A 250 -17.81 -1.65 -25.42
N GLU A 251 -16.72 -1.55 -26.19
CA GLU A 251 -15.44 -1.16 -25.62
C GLU A 251 -15.45 0.27 -25.12
N ILE A 252 -16.07 1.19 -25.89
CA ILE A 252 -16.17 2.57 -25.46
C ILE A 252 -17.05 2.68 -24.23
N GLN A 253 -18.14 1.90 -24.19
CA GLN A 253 -18.98 1.87 -23.01
C GLN A 253 -18.19 1.39 -21.79
N HIS A 254 -17.36 0.37 -21.99
CA HIS A 254 -16.54 -0.13 -20.88
C HIS A 254 -15.59 0.93 -20.37
N VAL A 255 -14.92 1.63 -21.28
CA VAL A 255 -13.97 2.67 -20.86
C VAL A 255 -14.70 3.80 -20.14
N VAL A 256 -15.86 4.21 -20.67
CA VAL A 256 -16.63 5.28 -20.05
C VAL A 256 -17.08 4.88 -18.66
N GLU A 257 -17.55 3.63 -18.50
CA GLU A 257 -18.05 3.19 -17.21
C GLU A 257 -16.90 2.98 -16.22
N VAL A 258 -15.71 2.63 -16.72
CA VAL A 258 -14.53 2.59 -15.87
C VAL A 258 -14.19 4.00 -15.36
N ILE A 259 -14.28 5.00 -16.24
CA ILE A 259 -14.04 6.38 -15.82
C ILE A 259 -15.08 6.81 -14.79
N GLN A 260 -16.35 6.45 -15.00
CA GLN A 260 -17.40 6.83 -14.06
C GLN A 260 -17.21 6.19 -12.70
N ASN A 261 -16.80 4.94 -12.64
CA ASN A 261 -16.62 4.25 -11.37
C ASN A 261 -15.39 4.71 -10.61
N SER A 262 -14.55 5.55 -11.21
CA SER A 262 -13.31 5.98 -10.58
C SER A 262 -13.51 7.30 -9.85
N THR A 263 -12.81 7.44 -8.73
CA THR A 263 -12.77 8.70 -8.01
C THR A 263 -11.66 9.61 -8.47
N ALA A 264 -10.72 9.10 -9.27
CA ALA A 264 -9.66 9.93 -9.83
C ALA A 264 -10.23 10.89 -10.86
N LYS A 265 -9.89 12.17 -10.73
CA LYS A 265 -10.36 13.17 -11.67
C LYS A 265 -9.30 13.65 -12.65
N VAL A 266 -8.04 13.27 -12.45
CA VAL A 266 -6.98 13.60 -13.39
C VAL A 266 -6.74 12.38 -14.27
N ILE A 267 -6.99 12.53 -15.57
CA ILE A 267 -6.84 11.43 -16.53
C ILE A 267 -5.75 11.83 -17.51
N VAL A 268 -4.68 11.04 -17.54
CA VAL A 268 -3.61 11.24 -18.50
C VAL A 268 -3.97 10.49 -19.78
N VAL A 269 -4.18 11.23 -20.85
CA VAL A 269 -4.56 10.66 -22.14
C VAL A 269 -3.42 10.88 -23.11
N PHE A 270 -2.91 9.79 -23.66
CA PHE A 270 -1.73 9.82 -24.53
C PHE A 270 -2.18 9.25 -25.86
N SER A 271 -2.76 10.10 -26.70
CA SER A 271 -3.44 9.64 -27.92
C SER A 271 -3.43 10.75 -28.94
N SER A 272 -3.81 10.39 -30.17
CA SER A 272 -4.08 11.37 -31.20
C SER A 272 -5.56 11.74 -31.20
N GLY A 273 -5.90 12.73 -32.02
CA GLY A 273 -7.27 13.19 -32.13
C GLY A 273 -8.25 12.14 -32.62
N PRO A 274 -7.96 11.52 -33.77
CA PRO A 274 -8.88 10.48 -34.28
C PRO A 274 -9.06 9.31 -33.34
N ASP A 275 -8.01 8.90 -32.62
CA ASP A 275 -8.12 7.77 -31.72
C ASP A 275 -8.87 8.10 -30.45
N LEU A 276 -8.98 9.38 -30.10
CA LEU A 276 -9.67 9.80 -28.90
C LEU A 276 -11.08 10.32 -29.17
N GLU A 277 -11.41 10.61 -30.42
CA GLU A 277 -12.70 11.21 -30.73
C GLU A 277 -13.90 10.37 -30.29
N PRO A 278 -13.96 9.05 -30.55
CA PRO A 278 -15.13 8.29 -30.09
C PRO A 278 -15.37 8.33 -28.58
N LEU A 279 -14.29 8.24 -27.79
CA LEU A 279 -14.42 8.31 -26.35
C LEU A 279 -14.94 9.67 -25.90
N ILE A 280 -14.42 10.75 -26.49
CA ILE A 280 -14.86 12.09 -26.11
C ILE A 280 -16.32 12.29 -26.50
N LYS A 281 -16.72 11.78 -27.66
CA LYS A 281 -18.13 11.88 -28.06
C LYS A 281 -19.03 11.16 -27.08
N GLU A 282 -18.65 9.94 -26.68
CA GLU A 282 -19.46 9.20 -25.72
C GLU A 282 -19.53 9.93 -24.38
N ILE A 283 -18.40 10.47 -23.90
CA ILE A 283 -18.39 11.16 -22.62
C ILE A 283 -19.22 12.43 -22.67
N VAL A 284 -19.23 13.10 -23.82
CA VAL A 284 -20.09 14.27 -23.99
C VAL A 284 -21.56 13.86 -23.98
N ARG A 285 -21.87 12.72 -24.59
CA ARG A 285 -23.26 12.27 -24.63
C ARG A 285 -23.79 11.99 -23.22
N ARG A 286 -22.96 11.41 -22.36
CA ARG A 286 -23.31 11.21 -20.96
C ARG A 286 -23.07 12.44 -20.09
N ASN A 287 -22.39 13.44 -20.62
CA ASN A 287 -22.12 14.70 -19.94
C ASN A 287 -21.40 14.46 -18.61
N ILE A 288 -20.22 13.84 -18.69
CA ILE A 288 -19.36 13.64 -17.54
C ILE A 288 -18.49 14.89 -17.38
N THR A 289 -18.55 15.51 -16.22
CA THR A 289 -17.82 16.74 -15.96
C THR A 289 -16.81 16.53 -14.83
N GLY A 290 -16.02 17.57 -14.59
CA GLY A 290 -15.10 17.60 -13.48
C GLY A 290 -13.78 16.90 -13.70
N LYS A 291 -13.57 16.28 -14.86
CA LYS A 291 -12.32 15.61 -15.14
C LYS A 291 -11.25 16.61 -15.56
N ILE A 292 -10.02 16.35 -15.15
CA ILE A 292 -8.87 17.17 -15.53
C ILE A 292 -8.05 16.37 -16.52
N TRP A 293 -8.13 16.76 -17.79
CA TRP A 293 -7.49 16.01 -18.86
C TRP A 293 -6.07 16.52 -19.06
N LEU A 294 -5.09 15.65 -18.87
CA LEU A 294 -3.72 15.93 -19.26
C LEU A 294 -3.49 15.39 -20.66
N ALA A 295 -3.20 16.27 -21.59
CA ALA A 295 -3.19 15.95 -23.02
C ALA A 295 -1.76 15.80 -23.51
N SER A 296 -1.52 14.73 -24.26
CA SER A 296 -0.29 14.62 -25.01
C SER A 296 -0.35 15.55 -26.23
N GLU A 297 0.81 15.78 -26.83
CA GLU A 297 0.91 16.75 -27.91
C GLU A 297 0.02 16.40 -29.10
N ALA A 298 -0.26 15.12 -29.31
CA ALA A 298 -0.95 14.69 -30.52
C ALA A 298 -2.40 15.17 -30.55
N TRP A 299 -3.00 15.43 -29.39
CA TRP A 299 -4.38 15.90 -29.36
C TRP A 299 -4.58 17.17 -28.54
N ALA A 300 -3.55 17.71 -27.90
CA ALA A 300 -3.71 18.93 -27.12
C ALA A 300 -4.07 20.13 -27.99
N SER A 301 -3.92 20.04 -29.30
CA SER A 301 -4.27 21.12 -30.22
C SER A 301 -5.15 20.62 -31.36
N SER A 302 -5.90 19.55 -31.12
CA SER A 302 -6.67 18.90 -32.17
C SER A 302 -8.01 19.58 -32.34
N SER A 303 -8.39 19.87 -33.59
CA SER A 303 -9.69 20.48 -33.84
C SER A 303 -10.81 19.46 -33.73
N LEU A 304 -10.49 18.17 -33.81
CA LEU A 304 -11.51 17.14 -33.59
C LEU A 304 -11.99 17.13 -32.15
N ILE A 305 -11.10 17.38 -31.20
CA ILE A 305 -11.45 17.36 -29.79
C ILE A 305 -11.76 18.75 -29.24
N ALA A 306 -11.01 19.77 -29.64
CA ALA A 306 -11.22 21.13 -29.15
C ALA A 306 -12.38 21.77 -29.91
N MET A 307 -13.59 21.37 -29.52
CA MET A 307 -14.80 21.93 -30.07
C MET A 307 -15.64 22.54 -28.97
N PRO A 308 -16.28 23.68 -29.22
CA PRO A 308 -17.06 24.32 -28.15
C PRO A 308 -18.14 23.43 -27.56
N GLN A 309 -18.80 22.62 -28.40
CA GLN A 309 -19.83 21.72 -27.89
C GLN A 309 -19.28 20.62 -26.99
N TYR A 310 -17.97 20.39 -27.01
CA TYR A 310 -17.34 19.45 -26.09
C TYR A 310 -16.78 20.15 -24.86
N PHE A 311 -16.88 21.47 -24.77
CA PHE A 311 -16.14 22.20 -23.74
C PHE A 311 -16.66 21.90 -22.33
N HIS A 312 -17.90 21.48 -22.18
CA HIS A 312 -18.39 21.07 -20.86
C HIS A 312 -17.71 19.81 -20.37
N VAL A 313 -17.05 19.06 -21.25
CA VAL A 313 -16.30 17.88 -20.88
C VAL A 313 -14.81 18.13 -20.90
N VAL A 314 -14.29 18.72 -22.00
CA VAL A 314 -12.84 18.85 -22.19
C VAL A 314 -12.33 20.25 -21.87
N GLY A 315 -13.17 21.11 -21.32
CA GLY A 315 -12.70 22.45 -20.98
C GLY A 315 -11.64 22.40 -19.89
N GLY A 316 -10.69 23.31 -19.98
CA GLY A 316 -9.62 23.36 -19.01
C GLY A 316 -8.55 22.30 -19.17
N THR A 317 -8.54 21.62 -20.31
CA THR A 317 -7.51 20.61 -20.56
C THR A 317 -6.13 21.24 -20.52
N ILE A 318 -5.20 20.58 -19.84
CA ILE A 318 -3.80 20.98 -19.82
C ILE A 318 -3.03 20.02 -20.72
N GLY A 319 -2.34 20.57 -21.72
CA GLY A 319 -1.67 19.75 -22.70
C GLY A 319 -0.32 20.31 -23.08
N PHE A 320 0.38 19.57 -23.94
CA PHE A 320 1.70 19.91 -24.41
C PHE A 320 1.63 20.35 -25.86
N ALA A 321 2.47 21.31 -26.22
CA ALA A 321 2.64 21.77 -27.58
C ALA A 321 4.12 21.83 -27.90
N LEU A 322 4.45 21.70 -29.18
CA LEU A 322 5.83 21.81 -29.61
C LEU A 322 6.24 23.27 -29.66
N LYS A 323 7.51 23.52 -29.91
CA LYS A 323 8.01 24.88 -30.03
C LYS A 323 7.58 25.46 -31.36
N ALA A 324 6.90 26.61 -31.33
CA ALA A 324 6.50 27.27 -32.55
C ALA A 324 7.72 27.75 -33.33
N GLY A 325 7.60 27.75 -34.66
CA GLY A 325 8.62 28.27 -35.52
C GLY A 325 8.03 29.24 -36.51
N GLN A 326 8.90 30.05 -37.09
CA GLN A 326 8.51 31.08 -38.04
C GLN A 326 8.94 30.67 -39.45
N ILE A 327 8.01 30.73 -40.39
CA ILE A 327 8.32 30.55 -41.80
C ILE A 327 7.88 31.82 -42.53
N PRO A 328 8.77 32.77 -42.77
CA PRO A 328 8.37 34.03 -43.41
C PRO A 328 7.91 33.80 -44.84
N GLY A 329 6.75 34.38 -45.16
CA GLY A 329 6.15 34.24 -46.47
C GLY A 329 5.29 33.01 -46.65
N PHE A 330 5.21 32.14 -45.63
CA PHE A 330 4.44 30.91 -45.75
C PHE A 330 2.94 31.20 -45.87
N ARG A 331 2.45 32.18 -45.12
CA ARG A 331 1.02 32.48 -45.14
C ARG A 331 0.57 33.00 -46.49
N GLU A 332 1.39 33.84 -47.13
CA GLU A 332 1.08 34.31 -48.48
C GLU A 332 1.03 33.15 -49.46
N PHE A 333 1.99 32.23 -49.35
CA PHE A 333 1.99 31.04 -50.19
C PHE A 333 0.73 30.21 -49.99
N LEU A 334 0.29 30.07 -48.73
CA LEU A 334 -0.95 29.37 -48.45
C LEU A 334 -2.12 30.08 -49.09
N LYS A 335 -2.13 31.41 -49.05
CA LYS A 335 -3.22 32.18 -49.66
C LYS A 335 -3.21 32.11 -51.18
N LYS A 336 -2.08 31.77 -51.79
CA LYS A 336 -1.99 31.68 -53.25
C LYS A 336 -2.52 30.36 -53.80
N VAL A 337 -3.25 29.56 -53.01
CA VAL A 337 -3.69 28.26 -53.47
C VAL A 337 -4.90 28.43 -54.40
N HIS A 338 -4.96 27.58 -55.43
CA HIS A 338 -5.96 27.65 -56.47
C HIS A 338 -6.01 26.31 -57.19
N PRO A 339 -7.19 25.79 -57.52
CA PRO A 339 -7.26 24.51 -58.24
C PRO A 339 -6.57 24.56 -59.60
N ARG A 340 -6.82 25.62 -60.36
CA ARG A 340 -6.25 25.72 -61.70
C ARG A 340 -4.76 26.10 -61.63
N LYS A 341 -4.41 27.06 -60.78
CA LYS A 341 -3.03 27.55 -60.75
C LYS A 341 -2.07 26.50 -60.19
N SER A 342 -2.53 25.73 -59.19
CA SER A 342 -1.70 24.69 -58.60
C SER A 342 -1.88 23.41 -59.41
N VAL A 343 -1.06 23.28 -60.46
CA VAL A 343 -1.13 22.11 -61.33
C VAL A 343 -0.30 20.97 -60.77
N HIS A 344 0.83 21.29 -60.12
CA HIS A 344 1.66 20.25 -59.54
C HIS A 344 1.00 19.64 -58.31
N ASN A 345 0.28 20.44 -57.54
CA ASN A 345 -0.43 19.99 -56.34
C ASN A 345 -1.81 19.50 -56.74
N GLY A 346 -2.00 18.18 -56.77
CA GLY A 346 -3.27 17.61 -57.10
C GLY A 346 -4.27 17.53 -55.97
N PHE A 347 -3.85 17.84 -54.75
CA PHE A 347 -4.76 17.87 -53.61
C PHE A 347 -5.49 19.20 -53.48
N ALA A 348 -5.16 20.18 -54.33
CA ALA A 348 -5.80 21.49 -54.24
C ALA A 348 -7.27 21.42 -54.66
N LYS A 349 -7.61 20.49 -55.56
CA LYS A 349 -8.99 20.36 -56.01
C LYS A 349 -9.93 20.02 -54.86
N GLU A 350 -9.60 18.97 -54.10
CA GLU A 350 -10.45 18.60 -52.98
C GLU A 350 -10.41 19.63 -51.87
N PHE A 351 -9.25 20.30 -51.70
CA PHE A 351 -9.16 21.37 -50.72
C PHE A 351 -10.15 22.49 -51.05
N TRP A 352 -10.21 22.87 -52.32
CA TRP A 352 -11.15 23.90 -52.74
C TRP A 352 -12.59 23.43 -52.58
N GLU A 353 -12.88 22.19 -52.97
CA GLU A 353 -14.25 21.70 -52.86
C GLU A 353 -14.72 21.61 -51.42
N GLU A 354 -13.83 21.22 -50.50
CA GLU A 354 -14.22 21.12 -49.10
C GLU A 354 -14.27 22.49 -48.43
N THR A 355 -13.44 23.43 -48.87
CA THR A 355 -13.40 24.74 -48.24
C THR A 355 -14.69 25.53 -48.51
N PHE A 356 -15.08 25.62 -49.77
CA PHE A 356 -16.24 26.42 -50.16
C PHE A 356 -17.47 25.57 -50.43
N ASN A 357 -17.41 24.28 -50.14
CA ASN A 357 -18.55 23.38 -50.27
C ASN A 357 -19.13 23.44 -51.69
N CYS A 358 -18.25 23.37 -52.67
CA CYS A 358 -18.62 23.49 -54.07
C CYS A 358 -18.05 22.31 -54.85
N HIS A 359 -18.38 22.27 -56.14
CA HIS A 359 -17.87 21.25 -57.05
C HIS A 359 -17.30 21.96 -58.27
N LEU A 360 -16.35 21.30 -58.94
CA LEU A 360 -15.78 21.87 -60.15
C LEU A 360 -15.38 20.79 -61.15
N ARG A 392 -24.52 19.78 -54.53
CA ARG A 392 -23.45 20.72 -54.21
C ARG A 392 -23.22 21.69 -55.38
N PRO A 393 -23.27 22.98 -55.09
CA PRO A 393 -23.22 23.99 -56.16
C PRO A 393 -21.90 24.01 -56.89
N LEU A 394 -21.95 24.41 -58.16
CA LEU A 394 -20.74 24.68 -58.92
C LEU A 394 -20.10 25.98 -58.46
N CYS A 395 -18.77 25.98 -58.41
CA CYS A 395 -18.01 27.17 -58.02
C CYS A 395 -17.06 27.56 -59.15
N THR A 396 -17.01 28.85 -59.44
CA THR A 396 -16.17 29.35 -60.54
C THR A 396 -14.70 29.15 -60.24
N GLY A 397 -14.28 29.42 -59.01
CA GLY A 397 -12.88 29.46 -58.64
C GLY A 397 -12.42 30.83 -58.18
N ASP A 398 -13.31 31.82 -58.17
CA ASP A 398 -12.99 33.16 -57.70
C ASP A 398 -13.24 33.33 -56.20
N GLU A 399 -13.37 32.22 -55.47
CA GLU A 399 -13.62 32.32 -54.04
C GLU A 399 -12.37 32.79 -53.30
N ASN A 400 -12.59 33.36 -52.13
CA ASN A 400 -11.52 33.91 -51.30
C ASN A 400 -11.27 32.97 -50.14
N ILE A 401 -10.01 32.55 -49.99
CA ILE A 401 -9.64 31.65 -48.90
C ILE A 401 -9.91 32.30 -47.55
N SER A 402 -9.67 33.62 -47.47
CA SER A 402 -9.79 34.32 -46.19
C SER A 402 -11.24 34.37 -45.69
N SER A 403 -12.20 34.01 -46.54
CA SER A 403 -13.60 34.16 -46.16
C SER A 403 -14.11 32.97 -45.34
N VAL A 404 -13.39 31.86 -45.30
CA VAL A 404 -13.85 30.64 -44.68
C VAL A 404 -12.98 30.32 -43.47
N GLU A 405 -13.63 29.86 -42.40
CA GLU A 405 -12.97 29.51 -41.15
C GLU A 405 -12.55 28.04 -41.16
N THR A 406 -11.32 27.78 -41.55
CA THR A 406 -10.78 26.42 -41.56
C THR A 406 -9.41 26.45 -40.91
N PRO A 407 -8.92 25.31 -40.44
CA PRO A 407 -7.56 25.26 -39.87
C PRO A 407 -6.45 25.62 -40.84
N TYR A 408 -6.75 25.70 -42.14
CA TYR A 408 -5.75 25.97 -43.16
C TYR A 408 -5.04 27.31 -42.94
N ILE A 409 -5.78 28.40 -42.97
CA ILE A 409 -5.23 29.72 -42.71
C ILE A 409 -5.36 30.13 -41.25
N ASP A 410 -6.37 29.64 -40.54
CA ASP A 410 -6.69 30.13 -39.20
C ASP A 410 -5.95 29.30 -38.16
N TYR A 411 -4.64 29.54 -38.11
CA TYR A 411 -3.74 28.97 -37.13
C TYR A 411 -3.03 30.11 -36.41
N THR A 412 -2.48 29.81 -35.24
CA THR A 412 -1.71 30.79 -34.48
C THR A 412 -0.23 30.51 -34.51
N HIS A 413 0.18 29.26 -34.42
CA HIS A 413 1.58 28.89 -34.37
C HIS A 413 1.85 27.76 -35.36
N LEU A 414 3.04 27.78 -35.96
CA LEU A 414 3.48 26.71 -36.84
C LEU A 414 4.39 25.79 -36.04
N ARG A 415 3.90 24.59 -35.71
CA ARG A 415 4.67 23.63 -34.93
C ARG A 415 4.99 22.39 -35.75
N ILE A 416 3.99 21.66 -36.25
CA ILE A 416 4.28 20.54 -37.15
C ILE A 416 4.64 21.06 -38.53
N SER A 417 4.06 22.19 -38.92
CA SER A 417 4.44 22.81 -40.19
C SER A 417 5.92 23.20 -40.20
N TYR A 418 6.39 23.74 -39.08
CA TYR A 418 7.81 24.04 -38.95
C TYR A 418 8.66 22.77 -38.98
N ASN A 419 8.12 21.67 -38.43
CA ASN A 419 8.83 20.40 -38.50
C ASN A 419 8.96 19.90 -39.94
N VAL A 420 7.90 20.06 -40.73
CA VAL A 420 7.95 19.70 -42.15
C VAL A 420 9.00 20.55 -42.87
N TYR A 421 8.97 21.85 -42.61
CA TYR A 421 9.94 22.77 -43.17
C TYR A 421 11.36 22.36 -42.82
N LEU A 422 11.59 21.99 -41.55
CA LEU A 422 12.91 21.60 -41.09
C LEU A 422 13.34 20.27 -41.69
N ALA A 423 12.41 19.34 -41.89
CA ALA A 423 12.77 18.08 -42.53
C ALA A 423 13.25 18.33 -43.96
N VAL A 424 12.54 19.17 -44.70
CA VAL A 424 12.95 19.47 -46.07
C VAL A 424 14.31 20.16 -46.08
N TYR A 425 14.52 21.13 -45.18
CA TYR A 425 15.82 21.80 -45.13
C TYR A 425 16.93 20.90 -44.62
N SER A 426 16.62 19.92 -43.78
CA SER A 426 17.64 18.96 -43.37
C SER A 426 18.10 18.12 -44.56
N ILE A 427 17.16 17.64 -45.36
CA ILE A 427 17.54 16.91 -46.57
C ILE A 427 18.32 17.82 -47.52
N ALA A 428 17.88 19.06 -47.67
CA ALA A 428 18.55 19.99 -48.57
C ALA A 428 19.97 20.27 -48.11
N HIS A 429 20.18 20.40 -46.80
CA HIS A 429 21.52 20.68 -46.30
C HIS A 429 22.42 19.47 -46.39
N ALA A 430 21.86 18.27 -46.23
CA ALA A 430 22.65 17.07 -46.49
C ALA A 430 23.09 17.02 -47.95
N LEU A 431 22.18 17.35 -48.87
CA LEU A 431 22.53 17.37 -50.28
C LEU A 431 23.56 18.46 -50.58
N GLN A 432 23.46 19.60 -49.90
CA GLN A 432 24.45 20.66 -50.08
C GLN A 432 25.81 20.21 -49.58
N ASP A 433 25.85 19.50 -48.44
CA ASP A 433 27.11 18.99 -47.93
C ASP A 433 27.72 17.97 -48.88
N ILE A 434 26.89 17.16 -49.53
CA ILE A 434 27.39 16.29 -50.59
C ILE A 434 27.94 17.12 -51.74
N TYR A 435 27.23 18.18 -52.12
CA TYR A 435 27.60 18.98 -53.28
C TYR A 435 28.89 19.76 -53.04
N THR A 436 29.11 20.25 -51.83
CA THR A 436 30.28 21.04 -51.51
C THR A 436 31.39 20.22 -50.86
N CYS A 437 31.43 18.91 -51.10
CA CYS A 437 32.43 18.07 -50.45
C CYS A 437 33.79 18.24 -51.10
N LEU A 438 34.78 18.63 -50.29
CA LEU A 438 36.15 18.70 -50.77
C LEU A 438 36.71 17.28 -50.94
N PRO A 439 37.42 17.03 -52.04
CA PRO A 439 37.69 15.64 -52.45
C PRO A 439 38.36 14.77 -51.41
N GLY A 440 39.21 15.33 -50.56
CA GLY A 440 39.91 14.56 -49.56
C GLY A 440 39.35 14.60 -48.16
N ARG A 441 38.21 15.26 -47.95
CA ARG A 441 37.63 15.41 -46.63
C ARG A 441 36.22 14.82 -46.54
N GLY A 442 35.90 13.84 -47.38
CA GLY A 442 34.58 13.27 -47.38
C GLY A 442 34.34 12.31 -46.23
N LEU A 443 33.07 11.96 -46.05
CA LEU A 443 32.66 11.01 -45.03
C LEU A 443 32.71 9.56 -45.50
N PHE A 444 33.05 9.33 -46.77
CA PHE A 444 33.03 7.98 -47.33
C PHE A 444 34.42 7.35 -47.29
N THR A 445 34.57 6.22 -47.97
CA THR A 445 35.82 5.46 -47.91
C THR A 445 36.98 6.28 -48.43
N ASN A 446 38.08 6.28 -47.67
CA ASN A 446 39.29 7.05 -47.97
C ASN A 446 39.01 8.54 -48.11
N GLY A 447 38.00 9.05 -47.40
CA GLY A 447 37.65 10.45 -47.50
C GLY A 447 37.07 10.87 -48.82
N SER A 448 36.59 9.92 -49.61
CA SER A 448 36.01 10.24 -50.91
C SER A 448 34.66 10.93 -50.75
N CYS A 449 34.21 11.58 -51.82
CA CYS A 449 32.97 12.34 -51.82
C CYS A 449 32.01 11.81 -52.86
N ALA A 450 30.72 11.90 -52.58
CA ALA A 450 29.71 11.42 -53.51
C ALA A 450 29.49 12.42 -54.64
N ASP A 451 29.17 11.89 -55.81
CA ASP A 451 28.81 12.72 -56.96
C ASP A 451 27.36 13.16 -56.83
N ILE A 452 27.14 14.47 -56.71
CA ILE A 452 25.78 14.98 -56.51
C ILE A 452 24.92 14.72 -57.74
N LYS A 453 25.56 14.57 -58.90
CA LYS A 453 24.81 14.26 -60.12
C LYS A 453 24.31 12.83 -60.11
N LYS A 454 25.05 11.92 -59.48
CA LYS A 454 24.65 10.52 -59.40
C LYS A 454 24.53 10.09 -57.94
N VAL A 455 23.90 10.93 -57.11
CA VAL A 455 23.83 10.67 -55.69
C VAL A 455 22.88 9.51 -55.41
N GLU A 456 23.15 8.77 -54.35
CA GLU A 456 22.34 7.64 -53.93
C GLU A 456 21.78 7.90 -52.54
N ALA A 457 20.68 7.22 -52.21
CA ALA A 457 19.95 7.52 -50.99
C ALA A 457 20.80 7.24 -49.75
N TRP A 458 21.62 6.19 -49.80
CA TRP A 458 22.42 5.85 -48.62
C TRP A 458 23.46 6.93 -48.33
N GLN A 459 23.97 7.59 -49.37
CA GLN A 459 24.92 8.69 -49.15
C GLN A 459 24.22 9.87 -48.48
N VAL A 460 22.99 10.18 -48.90
CA VAL A 460 22.23 11.24 -48.25
C VAL A 460 21.93 10.86 -46.80
N LEU A 461 21.63 9.59 -46.54
CA LEU A 461 21.43 9.14 -45.17
C LEU A 461 22.69 9.31 -44.33
N LYS A 462 23.84 8.96 -44.90
CA LYS A 462 25.12 9.14 -44.21
C LYS A 462 25.35 10.60 -43.87
N HIS A 463 25.06 11.50 -44.80
CA HIS A 463 25.26 12.92 -44.53
C HIS A 463 24.23 13.46 -43.55
N LEU A 464 23.04 12.86 -43.52
CA LEU A 464 22.02 13.26 -42.55
C LEU A 464 22.43 12.86 -41.14
N ARG A 465 23.05 11.69 -40.98
CA ARG A 465 23.51 11.28 -39.67
C ARG A 465 24.60 12.19 -39.13
N HIS A 466 25.27 12.94 -40.01
CA HIS A 466 26.32 13.87 -39.60
C HIS A 466 25.89 15.32 -39.78
N LEU A 467 24.61 15.57 -39.99
CA LEU A 467 24.13 16.89 -40.34
C LEU A 467 24.13 17.82 -39.13
N ASN A 468 24.56 19.05 -39.35
CA ASN A 468 24.57 20.09 -38.32
C ASN A 468 24.49 21.42 -39.06
N PHE A 469 23.29 22.00 -39.13
CA PHE A 469 23.09 23.21 -39.91
C PHE A 469 22.30 24.25 -39.13
N THR A 470 22.42 25.49 -39.56
CA THR A 470 21.82 26.61 -38.86
C THR A 470 20.47 26.97 -39.48
N ASN A 471 19.50 27.23 -38.62
CA ASN A 471 18.13 27.50 -39.03
C ASN A 471 17.99 28.89 -39.65
N ASN A 472 16.79 29.17 -40.14
CA ASN A 472 16.42 30.55 -40.43
C ASN A 472 16.24 31.36 -39.16
N MET A 473 16.03 30.69 -38.02
CA MET A 473 15.87 31.34 -36.73
C MET A 473 17.16 31.35 -35.91
N GLY A 474 18.27 30.93 -36.49
CA GLY A 474 19.52 30.88 -35.74
C GLY A 474 19.57 29.83 -34.66
N GLU A 475 19.05 28.64 -34.93
CA GLU A 475 19.14 27.51 -34.03
C GLU A 475 19.85 26.36 -34.74
N GLN A 476 20.72 25.66 -34.02
CA GLN A 476 21.46 24.55 -34.59
C GLN A 476 20.57 23.31 -34.66
N VAL A 477 20.41 22.76 -35.85
CA VAL A 477 19.66 21.53 -36.07
C VAL A 477 20.66 20.44 -36.36
N THR A 478 20.66 19.42 -35.51
CA THR A 478 21.52 18.25 -35.65
C THR A 478 20.83 17.06 -35.01
N PHE A 479 20.98 15.90 -35.64
CA PHE A 479 20.40 14.67 -35.10
C PHE A 479 21.46 13.90 -34.33
N ASP A 480 21.00 13.19 -33.29
CA ASP A 480 21.89 12.35 -32.52
C ASP A 480 21.97 10.97 -33.16
N GLU A 481 22.56 10.02 -32.42
CA GLU A 481 22.71 8.66 -32.95
C GLU A 481 21.35 8.01 -33.22
N CYS A 482 20.37 8.29 -32.36
CA CYS A 482 19.03 7.76 -32.54
C CYS A 482 18.21 8.54 -33.55
N GLY A 483 18.77 9.57 -34.18
CA GLY A 483 18.05 10.35 -35.15
C GLY A 483 17.02 11.29 -34.58
N ASP A 484 17.17 11.69 -33.32
CA ASP A 484 16.18 12.52 -32.64
C ASP A 484 16.61 13.98 -32.61
N LEU A 485 15.63 14.88 -32.68
CA LEU A 485 15.84 16.31 -32.56
C LEU A 485 15.20 16.77 -31.25
N VAL A 486 16.03 17.01 -30.23
CA VAL A 486 15.53 17.41 -28.93
C VAL A 486 14.93 18.81 -29.01
N GLY A 487 13.91 19.07 -28.19
CA GLY A 487 13.25 20.36 -28.21
C GLY A 487 12.42 20.60 -26.97
N ASN A 488 12.18 21.88 -26.69
CA ASN A 488 11.36 22.28 -25.56
C ASN A 488 9.89 21.95 -25.78
N TYR A 489 9.13 21.97 -24.70
CA TYR A 489 7.68 21.87 -24.78
C TYR A 489 7.06 23.14 -24.21
N SER A 490 5.91 23.53 -24.76
CA SER A 490 5.07 24.53 -24.14
C SER A 490 3.87 23.84 -23.49
N ILE A 491 3.37 24.42 -22.41
CA ILE A 491 2.24 23.87 -21.66
C ILE A 491 1.06 24.81 -21.82
N ILE A 492 -0.03 24.29 -22.36
CA ILE A 492 -1.18 25.09 -22.78
C ILE A 492 -2.41 24.62 -22.02
N ASN A 493 -3.38 25.52 -21.90
CA ASN A 493 -4.64 25.25 -21.21
C ASN A 493 -5.80 25.61 -22.14
N TRP A 494 -6.83 24.78 -22.14
CA TRP A 494 -7.98 24.97 -23.03
C TRP A 494 -8.96 25.94 -22.39
N HIS A 495 -9.02 27.15 -22.92
CA HIS A 495 -9.95 28.17 -22.43
C HIS A 495 -11.05 28.39 -23.46
N LEU A 496 -12.10 29.07 -23.01
CA LEU A 496 -13.21 29.45 -23.89
C LEU A 496 -13.07 30.91 -24.29
N SER A 497 -13.25 31.19 -25.57
CA SER A 497 -13.14 32.56 -26.04
C SER A 497 -14.44 33.31 -25.80
N PRO A 498 -14.42 34.41 -25.03
CA PRO A 498 -15.65 35.18 -24.83
C PRO A 498 -16.20 35.78 -26.12
N GLU A 499 -15.33 36.30 -26.97
CA GLU A 499 -15.82 36.95 -28.20
C GLU A 499 -16.34 35.93 -29.20
N ASP A 500 -15.59 34.84 -29.42
CA ASP A 500 -15.89 33.91 -30.49
C ASP A 500 -16.61 32.65 -30.02
N GLY A 501 -16.37 32.21 -28.79
CA GLY A 501 -16.93 30.96 -28.32
C GLY A 501 -16.13 29.73 -28.67
N SER A 502 -15.06 29.88 -29.46
CA SER A 502 -14.18 28.77 -29.78
C SER A 502 -13.20 28.52 -28.65
N ILE A 503 -12.49 27.40 -28.74
CA ILE A 503 -11.53 27.04 -27.71
C ILE A 503 -10.20 27.72 -28.01
N VAL A 504 -9.66 28.40 -27.01
CA VAL A 504 -8.42 29.16 -27.13
C VAL A 504 -7.35 28.46 -26.32
N PHE A 505 -6.21 28.21 -26.95
CA PHE A 505 -5.09 27.54 -26.28
C PHE A 505 -4.19 28.60 -25.68
N LYS A 506 -4.28 28.77 -24.36
CA LYS A 506 -3.45 29.73 -23.64
C LYS A 506 -2.22 29.03 -23.10
N GLU A 507 -1.05 29.60 -23.37
CA GLU A 507 0.18 29.05 -22.82
C GLU A 507 0.26 29.36 -21.33
N VAL A 508 0.37 28.30 -20.53
CA VAL A 508 0.43 28.45 -19.07
C VAL A 508 1.76 27.99 -18.50
N GLY A 509 2.66 27.46 -19.31
CA GLY A 509 3.97 27.10 -18.80
C GLY A 509 4.86 26.55 -19.88
N TYR A 510 5.97 25.95 -19.45
CA TYR A 510 6.88 25.31 -20.38
C TYR A 510 7.60 24.16 -19.69
N TYR A 511 8.18 23.30 -20.52
CA TYR A 511 9.04 22.20 -20.09
C TYR A 511 10.37 22.35 -20.80
N ASN A 512 11.40 22.70 -20.03
CA ASN A 512 12.75 22.95 -20.53
C ASN A 512 13.56 21.65 -20.43
N VAL A 513 13.59 20.89 -21.52
CA VAL A 513 14.26 19.61 -21.53
C VAL A 513 15.78 19.75 -21.38
N TYR A 514 16.32 20.94 -21.62
CA TYR A 514 17.75 21.18 -21.46
C TYR A 514 18.16 21.36 -20.01
N ALA A 515 17.21 21.43 -19.09
CA ALA A 515 17.50 21.62 -17.68
C ALA A 515 17.69 20.27 -16.98
N LYS A 516 18.29 20.32 -15.80
CA LYS A 516 18.44 19.14 -14.98
C LYS A 516 17.10 18.76 -14.34
N LYS A 517 17.00 17.49 -13.95
CA LYS A 517 15.76 16.96 -13.41
C LYS A 517 15.34 17.75 -12.17
N GLY A 518 14.04 18.03 -12.07
CA GLY A 518 13.50 18.81 -11.00
C GLY A 518 13.33 20.29 -11.30
N GLU A 519 14.02 20.80 -12.32
CA GLU A 519 13.91 22.20 -12.71
C GLU A 519 13.42 22.37 -14.14
N ARG A 520 12.95 21.30 -14.79
CA ARG A 520 12.51 21.41 -16.17
C ARG A 520 11.13 22.05 -16.29
N LEU A 521 10.27 21.81 -15.30
CA LEU A 521 8.87 22.23 -15.40
C LEU A 521 8.69 23.64 -14.84
N PHE A 522 8.01 24.50 -15.60
CA PHE A 522 7.56 25.78 -15.11
C PHE A 522 6.08 25.94 -15.44
N ILE A 523 5.28 26.31 -14.45
CA ILE A 523 3.87 26.57 -14.64
C ILE A 523 3.47 27.81 -13.85
N ASN A 524 2.71 28.68 -14.49
CA ASN A 524 2.10 29.85 -13.85
C ASN A 524 0.62 29.51 -13.65
N GLU A 525 0.27 29.08 -12.44
CA GLU A 525 -1.07 28.62 -12.16
C GLU A 525 -2.10 29.74 -12.20
N GLU A 526 -1.67 31.00 -12.19
CA GLU A 526 -2.63 32.11 -12.26
C GLU A 526 -3.36 32.13 -13.60
N LYS A 527 -2.71 31.63 -14.65
CA LYS A 527 -3.31 31.61 -15.97
C LYS A 527 -4.14 30.36 -16.22
N ILE A 528 -4.17 29.42 -15.29
CA ILE A 528 -4.89 28.16 -15.48
C ILE A 528 -6.31 28.31 -14.96
N LEU A 529 -7.28 27.94 -15.78
CA LEU A 529 -8.68 27.85 -15.40
C LEU A 529 -9.10 26.38 -15.41
N TRP A 530 -9.20 25.79 -14.23
CA TRP A 530 -9.52 24.37 -14.10
C TRP A 530 -10.95 24.12 -14.55
N SER A 531 -11.13 23.06 -15.33
CA SER A 531 -12.39 22.71 -15.99
C SER A 531 -12.90 23.84 -16.88
N GLY A 532 -12.05 24.81 -17.22
CA GLY A 532 -12.41 25.92 -18.07
C GLY A 532 -12.89 27.15 -17.34
N PHE A 533 -13.29 27.03 -16.07
CA PHE A 533 -13.86 28.16 -15.35
C PHE A 533 -13.37 28.32 -13.92
N SER A 534 -12.75 27.32 -13.31
CA SER A 534 -12.46 27.33 -11.89
C SER A 534 -11.03 27.79 -11.62
N ARG A 535 -10.87 28.60 -10.58
CA ARG A 535 -9.59 29.10 -10.13
C ARG A 535 -9.01 28.28 -8.99
N GLU A 536 -9.65 27.18 -8.62
CA GLU A 536 -9.21 26.35 -7.52
C GLU A 536 -8.60 25.07 -8.07
N VAL A 537 -7.39 24.74 -7.61
CA VAL A 537 -6.79 23.47 -8.02
C VAL A 537 -7.68 22.33 -7.55
N PRO A 538 -8.06 21.39 -8.41
CA PRO A 538 -8.94 20.31 -7.99
C PRO A 538 -8.21 19.27 -7.15
N PHE A 539 -8.99 18.44 -6.48
CA PHE A 539 -8.48 17.43 -5.57
C PHE A 539 -8.49 16.07 -6.28
N SER A 540 -7.33 15.46 -6.41
CA SER A 540 -7.19 14.17 -7.10
C SER A 540 -6.31 13.23 -6.27
N ASN A 541 -6.63 13.11 -4.99
CA ASN A 541 -6.02 12.12 -4.12
C ASN A 541 -7.08 11.09 -3.75
N CYS A 542 -6.64 9.84 -3.57
CA CYS A 542 -7.58 8.78 -3.24
C CYS A 542 -8.22 9.01 -1.88
N SER A 543 -7.42 9.42 -0.89
CA SER A 543 -7.90 9.63 0.46
C SER A 543 -7.46 11.00 0.95
N ARG A 544 -8.25 11.58 1.83
CA ARG A 544 -7.83 12.79 2.51
C ARG A 544 -6.64 12.49 3.43
N ASP A 545 -5.77 13.47 3.59
CA ASP A 545 -4.59 13.28 4.41
C ASP A 545 -4.95 13.06 5.88
N CYS A 546 -4.15 12.24 6.56
CA CYS A 546 -4.40 11.92 7.97
C CYS A 546 -3.80 13.00 8.85
N LEU A 547 -4.65 13.64 9.65
CA LEU A 547 -4.26 14.81 10.42
C LEU A 547 -3.22 14.46 11.47
N ALA A 548 -2.68 15.49 12.11
CA ALA A 548 -1.86 15.28 13.28
C ALA A 548 -2.72 14.70 14.39
N GLY A 549 -2.16 13.75 15.11
CA GLY A 549 -2.93 12.96 16.02
C GLY A 549 -3.55 11.74 15.41
N THR A 550 -3.25 11.45 14.15
CA THR A 550 -3.70 10.25 13.48
C THR A 550 -2.54 9.60 12.76
N ARG A 551 -2.82 8.48 12.11
CA ARG A 551 -1.85 7.71 11.36
C ARG A 551 -2.58 6.97 10.25
N LYS A 552 -1.80 6.41 9.32
CA LYS A 552 -2.38 5.75 8.16
C LYS A 552 -2.55 4.25 8.42
N GLY A 553 -3.61 3.69 7.85
CA GLY A 553 -3.90 2.27 7.98
C GLY A 553 -4.26 1.66 6.63
N ILE A 554 -3.89 0.40 6.45
CA ILE A 554 -4.01 -0.26 5.16
C ILE A 554 -5.46 -0.65 4.89
N ILE A 555 -5.93 -0.35 3.68
CA ILE A 555 -7.18 -0.89 3.17
C ILE A 555 -6.82 -2.06 2.26
N GLU A 556 -7.28 -3.25 2.62
CA GLU A 556 -6.87 -4.46 1.92
C GLU A 556 -7.33 -4.45 0.47
N GLY A 557 -6.44 -4.85 -0.43
CA GLY A 557 -6.73 -4.89 -1.84
C GLY A 557 -6.70 -3.55 -2.56
N GLU A 558 -6.09 -2.54 -1.97
CA GLU A 558 -6.08 -1.21 -2.56
C GLU A 558 -4.67 -0.63 -2.56
N PRO A 559 -4.39 0.31 -3.47
CA PRO A 559 -3.04 0.87 -3.53
C PRO A 559 -2.68 1.66 -2.28
N THR A 560 -1.38 1.98 -2.17
CA THR A 560 -0.89 2.71 -1.01
C THR A 560 -1.52 4.08 -0.91
N CYS A 561 -1.94 4.66 -2.04
CA CYS A 561 -2.52 5.99 -2.02
C CYS A 561 -3.86 6.01 -1.29
N CYS A 562 -4.54 4.87 -1.24
CA CYS A 562 -5.84 4.76 -0.59
C CYS A 562 -5.66 4.16 0.79
N PHE A 563 -5.78 4.99 1.82
CA PHE A 563 -5.54 4.59 3.20
C PHE A 563 -6.67 5.08 4.08
N GLU A 564 -6.87 4.40 5.20
CA GLU A 564 -7.81 4.85 6.21
C GLU A 564 -7.06 5.60 7.30
N CYS A 565 -7.74 6.55 7.95
CA CYS A 565 -7.14 7.31 9.03
C CYS A 565 -7.52 6.69 10.36
N VAL A 566 -6.51 6.29 11.14
CA VAL A 566 -6.70 5.67 12.44
C VAL A 566 -6.00 6.52 13.48
N GLU A 567 -6.72 6.93 14.52
CA GLU A 567 -6.13 7.80 15.51
C GLU A 567 -5.07 7.05 16.29
N CYS A 568 -4.09 7.78 16.79
CA CYS A 568 -3.00 7.18 17.51
C CYS A 568 -3.49 6.56 18.81
N PRO A 569 -2.82 5.51 19.29
CA PRO A 569 -3.21 4.93 20.57
C PRO A 569 -2.89 5.86 21.72
N ASP A 570 -3.42 5.53 22.88
CA ASP A 570 -3.10 6.29 24.07
C ASP A 570 -1.60 6.21 24.35
N GLY A 571 -1.00 7.35 24.64
CA GLY A 571 0.41 7.40 24.92
C GLY A 571 1.31 7.51 23.71
N GLU A 572 0.75 7.74 22.53
CA GLU A 572 1.51 7.86 21.31
C GLU A 572 1.05 9.09 20.56
N TYR A 573 1.97 9.71 19.84
CA TYR A 573 1.68 11.01 19.24
C TYR A 573 2.15 11.00 17.80
N SER A 574 1.38 11.66 16.93
CA SER A 574 1.85 11.97 15.60
C SER A 574 1.61 13.44 15.36
N ASP A 575 2.69 14.20 15.33
CA ASP A 575 2.64 15.64 15.11
C ASP A 575 2.76 16.00 13.64
N GLU A 576 2.81 15.02 12.77
CA GLU A 576 2.95 15.26 11.35
C GLU A 576 1.74 14.73 10.61
N THR A 577 1.26 15.52 9.66
CA THR A 577 0.20 15.06 8.77
C THR A 577 0.72 13.93 7.89
N ASP A 578 -0.17 12.99 7.58
CA ASP A 578 0.19 11.77 6.84
C ASP A 578 1.32 11.01 7.52
N ALA A 579 1.22 10.87 8.84
CA ALA A 579 2.19 10.09 9.59
C ALA A 579 1.95 8.61 9.34
N SER A 580 2.98 7.91 8.87
CA SER A 580 2.84 6.48 8.60
C SER A 580 2.53 5.71 9.86
N ALA A 581 3.21 6.06 10.95
CA ALA A 581 3.04 5.36 12.21
C ALA A 581 3.08 6.37 13.33
N CYS A 582 2.53 5.98 14.47
CA CYS A 582 2.45 6.84 15.62
C CYS A 582 3.70 6.69 16.47
N ASN A 583 4.41 7.80 16.68
CA ASN A 583 5.61 7.76 17.49
C ASN A 583 5.26 7.60 18.96
N LYS A 584 5.95 6.68 19.61
CA LYS A 584 5.79 6.52 21.05
C LYS A 584 6.49 7.67 21.76
N CYS A 585 6.01 7.99 22.95
CA CYS A 585 6.61 9.08 23.71
C CYS A 585 7.73 8.57 24.61
N PRO A 586 8.65 9.42 25.01
CA PRO A 586 9.71 8.99 25.94
C PRO A 586 9.15 8.55 27.28
N ASP A 587 10.06 8.12 28.14
CA ASP A 587 9.66 7.46 29.39
C ASP A 587 8.86 8.40 30.28
N ASP A 588 9.23 9.68 30.34
CA ASP A 588 8.61 10.62 31.26
C ASP A 588 7.52 11.47 30.61
N PHE A 589 7.10 11.14 29.39
CA PHE A 589 6.11 11.93 28.68
C PHE A 589 4.89 11.05 28.37
N TRP A 590 3.76 11.71 28.10
CA TRP A 590 2.54 11.02 27.74
C TRP A 590 1.73 11.87 26.76
N SER A 591 0.99 11.21 25.88
CA SER A 591 0.29 11.88 24.79
C SER A 591 -0.90 12.68 25.30
N ASN A 592 -1.13 13.83 24.66
CA ASN A 592 -2.29 14.64 25.00
C ASN A 592 -3.55 14.07 24.33
N GLU A 593 -4.66 14.76 24.55
CA GLU A 593 -5.96 14.21 24.12
C GLU A 593 -6.10 14.20 22.61
N ASN A 594 -5.50 15.18 21.92
CA ASN A 594 -5.54 15.16 20.46
C ASN A 594 -4.51 14.20 19.89
N HIS A 595 -3.51 13.81 20.70
CA HIS A 595 -2.37 13.01 20.29
C HIS A 595 -1.48 13.74 19.29
N THR A 596 -1.66 15.05 19.12
CA THR A 596 -0.84 15.82 18.20
C THR A 596 0.54 16.10 18.74
N SER A 597 0.76 15.89 20.03
CA SER A 597 2.06 15.98 20.66
C SER A 597 1.94 15.28 22.00
N CYS A 598 3.02 15.24 22.77
CA CYS A 598 2.92 14.70 24.12
C CYS A 598 3.71 15.54 25.11
N ILE A 599 3.16 15.61 26.32
CA ILE A 599 3.65 16.52 27.36
C ILE A 599 4.26 15.71 28.50
N ALA A 600 5.08 16.38 29.30
CA ALA A 600 5.76 15.70 30.40
C ALA A 600 4.76 15.20 31.43
N LYS A 601 5.05 14.02 31.97
CA LYS A 601 4.19 13.45 32.99
C LYS A 601 4.24 14.28 34.26
N GLU A 602 3.08 14.45 34.90
CA GLU A 602 3.05 15.13 36.19
C GLU A 602 3.69 14.26 37.27
N ILE A 603 4.61 14.86 38.02
CA ILE A 603 5.25 14.19 39.14
C ILE A 603 4.42 14.49 40.40
N GLU A 604 4.20 13.46 41.21
CA GLU A 604 3.30 13.56 42.35
C GLU A 604 4.02 13.13 43.61
N PHE A 605 3.96 13.99 44.63
CA PHE A 605 4.44 13.73 45.97
C PHE A 605 3.71 14.68 46.90
N LEU A 606 4.18 14.78 48.14
CA LEU A 606 3.61 15.70 49.13
C LEU A 606 4.51 16.93 49.20
N SER A 607 4.11 17.98 48.48
CA SER A 607 4.94 19.17 48.39
C SER A 607 4.69 20.11 49.57
N TRP A 608 5.73 20.87 49.92
CA TRP A 608 5.60 21.86 50.99
C TRP A 608 4.60 22.94 50.62
N THR A 609 4.64 23.41 49.37
CA THR A 609 3.78 24.50 48.95
C THR A 609 2.31 24.07 48.90
N GLU A 610 2.06 22.78 48.79
CA GLU A 610 0.69 22.29 48.71
C GLU A 610 -0.08 22.68 49.97
N PRO A 611 -1.36 23.07 49.85
CA PRO A 611 -2.11 23.49 51.05
C PRO A 611 -2.20 22.41 52.11
N PHE A 612 -2.36 21.15 51.69
CA PHE A 612 -2.43 20.06 52.67
C PHE A 612 -1.10 19.88 53.37
N GLY A 613 0.00 19.96 52.63
CA GLY A 613 1.32 19.93 53.20
C GLY A 613 1.55 21.12 54.12
N ILE A 614 0.98 22.27 53.75
CA ILE A 614 1.08 23.45 54.60
C ILE A 614 0.39 23.20 55.93
N ALA A 615 -0.80 22.58 55.89
CA ALA A 615 -1.52 22.27 57.12
C ALA A 615 -0.74 21.28 57.98
N LEU A 616 -0.18 20.26 57.35
CA LEU A 616 0.61 19.28 58.09
C LEU A 616 1.84 19.92 58.74
N THR A 617 2.56 20.77 58.00
CA THR A 617 3.71 21.46 58.57
C THR A 617 3.30 22.40 59.69
N LEU A 618 2.14 23.06 59.53
CA LEU A 618 1.63 23.92 60.59
C LEU A 618 1.36 23.14 61.86
N PHE A 619 0.74 21.97 61.74
CA PHE A 619 0.50 21.16 62.93
C PHE A 619 1.79 20.64 63.54
N ALA A 620 2.78 20.28 62.71
CA ALA A 620 4.06 19.85 63.24
C ALA A 620 4.76 20.97 64.02
N VAL A 621 4.75 22.18 63.46
CA VAL A 621 5.37 23.31 64.15
C VAL A 621 4.61 23.66 65.41
N LEU A 622 3.27 23.51 65.38
CA LEU A 622 2.48 23.71 66.59
C LEU A 622 2.84 22.71 67.67
N GLY A 623 3.05 21.45 67.28
CA GLY A 623 3.49 20.46 68.25
C GLY A 623 4.85 20.79 68.84
N ILE A 624 5.77 21.26 68.00
CA ILE A 624 7.08 21.68 68.50
C ILE A 624 6.94 22.84 69.47
N PHE A 625 6.05 23.79 69.14
CA PHE A 625 5.82 24.93 70.03
C PHE A 625 5.26 24.48 71.37
N LEU A 626 4.31 23.55 71.35
CA LEU A 626 3.74 23.06 72.61
C LEU A 626 4.79 22.32 73.44
N THR A 627 5.62 21.51 72.79
CA THR A 627 6.70 20.82 73.50
C THR A 627 7.67 21.82 74.11
N ALA A 628 8.05 22.85 73.35
CA ALA A 628 8.95 23.86 73.87
C ALA A 628 8.31 24.64 75.01
N PHE A 629 7.01 24.89 74.93
CA PHE A 629 6.30 25.60 75.99
C PHE A 629 6.30 24.79 77.28
N VAL A 630 6.00 23.49 77.16
CA VAL A 630 6.03 22.62 78.33
C VAL A 630 7.44 22.55 78.91
N LEU A 631 8.44 22.43 78.04
CA LEU A 631 9.82 22.35 78.51
C LEU A 631 10.23 23.63 79.21
N GLY A 632 9.84 24.79 78.67
CA GLY A 632 10.15 26.04 79.33
C GLY A 632 9.47 26.17 80.67
N VAL A 633 8.21 25.72 80.76
CA VAL A 633 7.51 25.76 82.04
C VAL A 633 8.24 24.89 83.06
N PHE A 634 8.68 23.71 82.64
CA PHE A 634 9.39 22.82 83.55
C PHE A 634 10.74 23.40 83.96
N ILE A 635 11.46 24.02 83.02
CA ILE A 635 12.79 24.54 83.33
C ILE A 635 12.70 25.74 84.26
N LYS A 636 11.78 26.66 83.99
CA LYS A 636 11.67 27.86 84.81
C LYS A 636 11.15 27.54 86.21
N PHE A 637 10.24 26.57 86.31
CA PHE A 637 9.56 26.25 87.57
C PHE A 637 9.88 24.84 88.04
N ARG A 638 11.15 24.44 87.94
CA ARG A 638 11.54 23.08 88.33
C ARG A 638 11.51 22.91 89.84
N ASN A 639 11.61 24.01 90.59
CA ASN A 639 11.68 23.91 92.04
C ASN A 639 10.33 23.61 92.68
N THR A 640 9.24 23.74 91.91
CA THR A 640 7.93 23.44 92.44
C THR A 640 7.84 21.96 92.77
N PRO A 641 7.08 21.57 93.80
CA PRO A 641 7.05 20.16 94.20
C PRO A 641 6.58 19.20 93.12
N ILE A 642 5.70 19.65 92.23
CA ILE A 642 5.17 18.75 91.20
C ILE A 642 6.26 18.37 90.20
N VAL A 643 7.13 19.32 89.86
CA VAL A 643 8.23 19.01 88.94
C VAL A 643 9.24 18.11 89.61
N LYS A 644 9.49 18.32 90.90
CA LYS A 644 10.45 17.49 91.63
C LYS A 644 9.91 16.07 91.81
N ALA A 645 8.59 15.93 91.92
CA ALA A 645 8.01 14.60 92.11
C ALA A 645 8.33 13.68 90.94
N THR A 646 8.09 14.15 89.72
CA THR A 646 8.51 13.40 88.54
C THR A 646 9.99 13.63 88.30
N ASN A 647 10.61 12.70 87.58
CA ASN A 647 12.04 12.78 87.30
C ASN A 647 12.29 13.94 86.33
N ARG A 648 12.95 14.99 86.84
CA ARG A 648 13.20 16.17 86.01
C ARG A 648 14.09 15.83 84.83
N GLU A 649 15.14 15.05 85.05
CA GLU A 649 16.01 14.65 83.96
C GLU A 649 15.26 13.81 82.94
N LEU A 650 14.44 12.87 83.41
CA LEU A 650 13.67 12.05 82.49
C LEU A 650 12.59 12.87 81.80
N SER A 651 12.04 13.89 82.48
CA SER A 651 11.09 14.78 81.82
C SER A 651 11.77 15.56 80.69
N TYR A 652 12.98 16.05 80.94
CA TYR A 652 13.72 16.76 79.89
C TYR A 652 14.00 15.82 78.71
N LEU A 653 14.42 14.59 79.01
CA LEU A 653 14.70 13.62 77.95
C LEU A 653 13.45 13.28 77.16
N LEU A 654 12.32 13.13 77.84
CA LEU A 654 11.06 12.82 77.17
C LEU A 654 10.63 13.97 76.28
N LEU A 655 10.80 15.22 76.74
CA LEU A 655 10.43 16.36 75.90
C LEU A 655 11.36 16.47 74.69
N PHE A 656 12.65 16.20 74.88
CA PHE A 656 13.57 16.18 73.74
C PHE A 656 13.19 15.08 72.76
N SER A 657 12.74 13.93 73.27
CA SER A 657 12.27 12.86 72.41
C SER A 657 11.03 13.27 71.63
N LEU A 658 10.12 14.00 72.27
CA LEU A 658 8.94 14.49 71.56
C LEU A 658 9.32 15.47 70.46
N LEU A 659 10.30 16.34 70.74
CA LEU A 659 10.80 17.24 69.71
C LEU A 659 11.38 16.46 68.53
N CYS A 660 12.17 15.42 68.83
CA CYS A 660 12.73 14.59 67.77
C CYS A 660 11.63 13.90 66.97
N CYS A 661 10.57 13.46 67.65
CA CYS A 661 9.46 12.81 66.96
C CYS A 661 8.75 13.78 66.01
N PHE A 662 8.53 15.02 66.45
CA PHE A 662 7.91 16.01 65.57
C PHE A 662 8.83 16.33 64.39
N SER A 663 10.14 16.44 64.64
CA SER A 663 11.08 16.65 63.55
C SER A 663 11.06 15.49 62.56
N SER A 664 10.93 14.26 63.06
CA SER A 664 10.84 13.11 62.18
C SER A 664 9.54 13.15 61.37
N SER A 665 8.46 13.62 61.99
CA SER A 665 7.22 13.83 61.24
C SER A 665 7.43 14.85 60.13
N LEU A 666 8.31 15.83 60.35
CA LEU A 666 8.63 16.77 59.28
C LEU A 666 9.37 16.11 58.12
N PHE A 667 10.04 14.98 58.37
CA PHE A 667 10.82 14.34 57.31
C PHE A 667 9.93 13.81 56.21
N PHE A 668 8.76 13.25 56.56
CA PHE A 668 7.89 12.64 55.57
C PHE A 668 7.38 13.67 54.57
N ILE A 669 7.12 14.90 55.03
CA ILE A 669 6.68 15.96 54.13
C ILE A 669 7.84 16.36 53.22
N GLY A 670 7.54 16.55 51.95
CA GLY A 670 8.50 17.04 50.98
C GLY A 670 8.73 16.05 49.85
N GLU A 671 9.52 16.49 48.89
CA GLU A 671 9.89 15.63 47.78
C GLU A 671 10.82 14.53 48.26
N PRO A 672 10.51 13.26 48.00
CA PRO A 672 11.36 12.18 48.50
C PRO A 672 12.76 12.22 47.90
N GLN A 673 13.73 11.82 48.72
CA GLN A 673 15.12 11.71 48.30
C GLN A 673 15.69 10.48 48.99
N ASP A 674 16.83 9.99 48.47
CA ASP A 674 17.43 8.78 49.01
C ASP A 674 17.69 8.91 50.51
N TRP A 675 18.36 9.97 50.93
CA TRP A 675 18.62 10.16 52.36
C TRP A 675 17.34 10.48 53.12
N THR A 676 16.40 11.20 52.51
CA THR A 676 15.14 11.49 53.17
C THR A 676 14.37 10.21 53.46
N CYS A 677 14.30 9.30 52.49
CA CYS A 677 13.68 8.01 52.75
C CYS A 677 14.52 7.17 53.70
N ARG A 678 15.83 7.45 53.78
CA ARG A 678 16.67 6.74 54.74
C ARG A 678 16.40 7.20 56.17
N LEU A 679 15.97 8.45 56.35
CA LEU A 679 15.88 9.06 57.67
C LEU A 679 14.46 9.35 58.12
N ARG A 680 13.44 8.81 57.44
CA ARG A 680 12.08 9.03 57.91
C ARG A 680 11.69 8.03 58.99
N GLN A 681 11.68 6.74 58.66
CA GLN A 681 11.31 5.71 59.63
C GLN A 681 12.30 5.57 60.78
N PRO A 682 13.64 5.49 60.55
CA PRO A 682 14.56 5.35 61.69
C PRO A 682 14.44 6.47 62.71
N ALA A 683 14.26 7.70 62.24
CA ALA A 683 14.16 8.83 63.16
C ALA A 683 12.96 8.70 64.08
N PHE A 684 11.79 8.42 63.49
CA PHE A 684 10.57 8.26 64.29
C PHE A 684 10.71 7.09 65.24
N GLY A 685 11.25 5.97 64.76
CA GLY A 685 11.43 4.81 65.61
C GLY A 685 12.31 5.09 66.81
N ILE A 686 13.47 5.71 66.57
CA ILE A 686 14.40 6.01 67.65
C ILE A 686 13.77 6.98 68.64
N SER A 687 13.15 8.06 68.14
CA SER A 687 12.55 9.04 69.03
C SER A 687 11.43 8.43 69.86
N PHE A 688 10.61 7.58 69.24
CA PHE A 688 9.49 7.01 69.97
C PHE A 688 9.98 5.97 70.98
N VAL A 689 11.07 5.26 70.67
CA VAL A 689 11.67 4.40 71.67
C VAL A 689 12.23 5.23 72.82
N LEU A 690 12.85 6.38 72.52
CA LEU A 690 13.29 7.27 73.60
C LEU A 690 12.14 7.60 74.53
N CYS A 691 11.02 8.09 73.97
CA CYS A 691 9.93 8.54 74.82
C CYS A 691 9.29 7.38 75.58
N ILE A 692 9.08 6.24 74.90
CA ILE A 692 8.49 5.09 75.56
C ILE A 692 9.37 4.60 76.69
N SER A 693 10.69 4.60 76.47
CA SER A 693 11.60 4.12 77.51
C SER A 693 11.63 5.07 78.69
N CYS A 694 11.58 6.39 78.43
CA CYS A 694 11.51 7.34 79.54
C CYS A 694 10.24 7.13 80.36
N ILE A 695 9.11 6.97 79.69
CA ILE A 695 7.86 6.70 80.40
C ILE A 695 7.96 5.39 81.17
N LEU A 696 8.59 4.39 80.57
CA LEU A 696 8.70 3.08 81.20
C LEU A 696 9.54 3.13 82.47
N VAL A 697 10.67 3.85 82.43
CA VAL A 697 11.49 3.93 83.63
C VAL A 697 10.82 4.80 84.68
N LYS A 698 10.05 5.80 84.27
CA LYS A 698 9.31 6.58 85.25
C LYS A 698 8.24 5.73 85.93
N THR A 699 7.57 4.85 85.16
CA THR A 699 6.65 3.90 85.77
C THR A 699 7.36 2.91 86.69
N ASN A 700 8.56 2.45 86.29
CA ASN A 700 9.33 1.55 87.15
C ASN A 700 9.68 2.22 88.46
N ARG A 701 9.97 3.51 88.42
CA ARG A 701 10.08 4.29 89.67
C ARG A 701 8.77 4.28 90.43
N VAL A 702 7.66 4.49 89.71
CA VAL A 702 6.34 4.40 90.34
C VAL A 702 6.10 2.98 90.86
N LEU A 703 6.47 1.98 90.07
CA LEU A 703 6.38 0.59 90.49
C LEU A 703 7.34 0.29 91.63
N ASN A 722 20.20 7.02 87.21
CA ASN A 722 21.24 6.00 87.12
C ASN A 722 20.77 4.77 86.35
N LEU A 723 20.00 3.91 87.01
CA LEU A 723 19.48 2.72 86.34
C LEU A 723 18.43 3.08 85.29
N GLN A 724 17.68 4.15 85.53
CA GLN A 724 16.70 4.61 84.55
C GLN A 724 17.37 5.00 83.24
N PHE A 725 18.47 5.75 83.34
CA PHE A 725 19.22 6.09 82.14
C PHE A 725 19.78 4.85 81.48
N LEU A 726 20.20 3.87 82.26
CA LEU A 726 20.69 2.61 81.69
C LEU A 726 19.60 1.91 80.89
N LEU A 727 18.38 1.84 81.43
CA LEU A 727 17.33 1.13 80.72
C LEU A 727 16.93 1.86 79.44
N VAL A 728 16.77 3.18 79.51
CA VAL A 728 16.40 3.92 78.31
C VAL A 728 17.50 3.80 77.26
N PHE A 729 18.77 3.86 77.70
CA PHE A 729 19.87 3.73 76.75
C PHE A 729 19.92 2.35 76.14
N LEU A 730 19.58 1.31 76.92
CA LEU A 730 19.56 -0.04 76.36
C LEU A 730 18.52 -0.16 75.25
N CYS A 731 17.30 0.32 75.52
CA CYS A 731 16.26 0.21 74.50
C CYS A 731 16.61 1.02 73.26
N THR A 732 17.07 2.26 73.45
CA THR A 732 17.40 3.09 72.30
C THR A 732 18.63 2.54 71.57
N PHE A 733 19.50 1.83 72.27
CA PHE A 733 20.64 1.20 71.61
C PHE A 733 20.18 0.04 70.74
N MET A 734 19.23 -0.75 71.22
CA MET A 734 18.66 -1.77 70.35
C MET A 734 18.08 -1.15 69.09
N GLN A 735 17.35 -0.04 69.26
CA GLN A 735 16.75 0.62 68.09
C GLN A 735 17.82 1.15 67.13
N ILE A 736 18.87 1.77 67.66
CA ILE A 736 19.89 2.33 66.78
C ILE A 736 20.68 1.21 66.11
N VAL A 737 20.85 0.07 66.80
CA VAL A 737 21.52 -1.06 66.17
C VAL A 737 20.71 -1.59 65.00
N ILE A 738 19.40 -1.76 65.18
CA ILE A 738 18.59 -2.26 64.06
C ILE A 738 18.61 -1.26 62.91
N CYS A 739 18.52 0.04 63.23
CA CYS A 739 18.53 1.05 62.18
C CYS A 739 19.85 1.06 61.41
N VAL A 740 20.97 1.00 62.12
CA VAL A 740 22.28 0.97 61.47
C VAL A 740 22.42 -0.28 60.62
N ILE A 741 21.96 -1.43 61.14
CA ILE A 741 22.10 -2.68 60.42
C ILE A 741 21.36 -2.62 59.09
N TRP A 742 20.10 -2.17 59.11
CA TRP A 742 19.32 -2.23 57.87
C TRP A 742 19.60 -1.03 56.97
N LEU A 743 20.26 0.01 57.50
CA LEU A 743 20.74 1.07 56.61
C LEU A 743 22.04 0.65 55.92
N TYR A 744 22.86 -0.15 56.59
CA TYR A 744 24.09 -0.62 55.99
C TYR A 744 23.81 -1.72 54.96
N THR A 745 22.91 -2.65 55.30
CA THR A 745 22.66 -3.77 54.40
C THR A 745 21.88 -3.35 53.16
N ALA A 746 20.77 -2.62 53.36
CA ALA A 746 19.86 -2.28 52.26
C ALA A 746 19.16 -0.97 52.56
N PRO A 747 19.73 0.15 52.16
CA PRO A 747 19.14 1.46 52.48
C PRO A 747 17.88 1.71 51.68
N PRO A 748 16.90 2.41 52.25
CA PRO A 748 15.75 2.86 51.47
C PRO A 748 16.18 3.86 50.40
N SER A 749 15.44 3.89 49.31
CA SER A 749 15.82 4.76 48.20
C SER A 749 14.59 5.30 47.50
N SER A 750 14.69 6.54 47.01
CA SER A 750 13.58 7.15 46.30
C SER A 750 13.44 6.55 44.91
N TYR A 751 12.22 6.13 44.58
CA TYR A 751 11.95 5.54 43.28
C TYR A 751 10.73 6.22 42.67
N ARG A 752 10.72 6.32 41.34
CA ARG A 752 9.64 6.98 40.61
C ARG A 752 8.77 5.91 39.97
N ASN A 753 7.62 5.63 40.59
CA ASN A 753 6.70 4.62 40.08
C ASN A 753 5.95 5.17 38.88
N GLN A 754 5.96 4.42 37.78
CA GLN A 754 5.17 4.72 36.60
C GLN A 754 4.07 3.70 36.35
N GLU A 755 3.93 2.70 37.22
CA GLU A 755 2.98 1.63 36.98
C GLU A 755 1.62 1.93 37.60
N LEU A 756 1.57 2.87 38.54
CA LEU A 756 0.29 3.19 39.18
C LEU A 756 -0.67 3.83 38.19
N GLU A 757 -0.22 4.86 37.48
CA GLU A 757 -1.02 5.55 36.48
C GLU A 757 -0.13 5.93 35.32
N ASP A 758 -0.67 5.83 34.09
CA ASP A 758 0.11 6.16 32.91
C ASP A 758 0.48 7.64 32.89
N GLU A 759 -0.48 8.52 33.23
CA GLU A 759 -0.26 9.95 33.06
C GLU A 759 0.66 10.53 34.13
N ILE A 760 0.69 9.93 35.32
CA ILE A 760 1.33 10.54 36.49
C ILE A 760 2.45 9.62 36.98
N ILE A 761 3.62 10.20 37.22
CA ILE A 761 4.70 9.53 37.93
C ILE A 761 4.51 9.82 39.41
N PHE A 762 4.63 8.78 40.24
CA PHE A 762 4.52 8.93 41.69
C PHE A 762 5.91 8.77 42.29
N ILE A 763 6.44 9.85 42.86
CA ILE A 763 7.77 9.80 43.43
C ILE A 763 7.65 9.39 44.89
N THR A 764 8.08 8.16 45.22
CA THR A 764 7.91 7.67 46.58
C THR A 764 9.19 7.00 47.08
N CYS A 765 9.10 6.32 48.21
CA CYS A 765 10.25 5.69 48.85
C CYS A 765 10.14 4.18 48.76
N HIS A 766 11.30 3.53 48.67
CA HIS A 766 11.41 2.08 48.68
C HIS A 766 12.12 1.65 49.95
N GLU A 767 11.47 0.75 50.69
CA GLU A 767 11.94 0.35 52.01
C GLU A 767 13.30 -0.33 51.93
N GLY A 768 13.49 -1.19 50.94
CA GLY A 768 14.70 -1.98 50.84
C GLY A 768 14.57 -3.33 51.51
N SER A 769 14.48 -3.32 52.84
CA SER A 769 14.27 -4.55 53.62
C SER A 769 12.95 -4.42 54.37
N LEU A 770 11.94 -5.14 53.90
CA LEU A 770 10.62 -5.09 54.54
C LEU A 770 10.66 -5.70 55.93
N MET A 771 11.39 -6.80 56.09
CA MET A 771 11.51 -7.40 57.42
C MET A 771 12.19 -6.47 58.40
N ALA A 772 13.04 -5.57 57.91
CA ALA A 772 13.64 -4.57 58.79
C ALA A 772 12.59 -3.62 59.34
N LEU A 773 11.68 -3.15 58.49
CA LEU A 773 10.57 -2.33 58.96
C LEU A 773 9.69 -3.11 59.91
N GLY A 774 9.47 -4.40 59.62
CA GLY A 774 8.68 -5.22 60.51
C GLY A 774 9.29 -5.35 61.89
N PHE A 775 10.60 -5.60 61.94
CA PHE A 775 11.29 -5.68 63.23
C PHE A 775 11.30 -4.32 63.94
N LEU A 776 11.44 -3.23 63.19
CA LEU A 776 11.41 -1.91 63.81
C LEU A 776 10.06 -1.65 64.49
N ILE A 777 8.97 -1.85 63.75
CA ILE A 777 7.65 -1.63 64.33
C ILE A 777 7.39 -2.64 65.44
N GLY A 778 7.91 -3.86 65.30
CA GLY A 778 7.72 -4.86 66.34
C GLY A 778 8.39 -4.49 67.64
N TYR A 779 9.63 -3.99 67.56
CA TYR A 779 10.32 -3.54 68.77
C TYR A 779 9.62 -2.34 69.39
N THR A 780 9.22 -1.37 68.57
CA THR A 780 8.49 -0.23 69.11
C THR A 780 7.20 -0.66 69.81
N CYS A 781 6.40 -1.50 69.16
CA CYS A 781 5.16 -2.00 69.72
C CYS A 781 5.38 -2.91 70.92
N LEU A 782 6.50 -3.63 70.97
CA LEU A 782 6.78 -4.49 72.11
C LEU A 782 7.14 -3.68 73.35
N LEU A 783 7.99 -2.66 73.18
CA LEU A 783 8.25 -1.75 74.29
C LEU A 783 6.96 -1.04 74.71
N ALA A 784 6.14 -0.68 73.73
CA ALA A 784 4.86 -0.05 74.02
C ALA A 784 3.96 -0.96 74.84
N ALA A 785 3.90 -2.25 74.47
CA ALA A 785 3.05 -3.20 75.19
C ALA A 785 3.58 -3.45 76.60
N ILE A 786 4.90 -3.52 76.76
CA ILE A 786 5.47 -3.69 78.09
C ILE A 786 5.11 -2.49 78.98
N CYS A 787 5.25 -1.28 78.45
CA CYS A 787 4.88 -0.10 79.22
C CYS A 787 3.38 -0.09 79.51
N PHE A 788 2.58 -0.52 78.53
CA PHE A 788 1.13 -0.60 78.71
C PHE A 788 0.79 -1.54 79.85
N PHE A 789 1.41 -2.72 79.89
CA PHE A 789 1.10 -3.70 80.93
C PHE A 789 1.55 -3.21 82.30
N PHE A 790 2.77 -2.67 82.39
CA PHE A 790 3.25 -2.18 83.68
C PHE A 790 2.41 -1.01 84.18
N ALA A 791 1.93 -0.16 83.27
CA ALA A 791 1.04 0.91 83.69
C ALA A 791 -0.34 0.39 84.07
N PHE A 792 -0.79 -0.69 83.42
CA PHE A 792 -2.09 -1.24 83.73
C PHE A 792 -2.11 -1.89 85.11
N LYS A 793 -1.01 -2.53 85.50
CA LYS A 793 -0.96 -3.18 86.80
C LYS A 793 -1.10 -2.17 87.95
N SER A 794 -0.60 -0.95 87.77
CA SER A 794 -0.64 0.08 88.80
C SER A 794 -1.45 1.29 88.37
N ARG A 795 -2.52 1.08 87.62
CA ARG A 795 -3.31 2.19 87.11
C ARG A 795 -4.02 2.95 88.23
N LYS A 796 -4.46 2.24 89.27
CA LYS A 796 -5.28 2.88 90.29
C LYS A 796 -4.43 3.62 91.31
N LEU A 797 -3.12 3.40 91.29
CA LEU A 797 -2.24 3.93 92.34
C LEU A 797 -2.20 5.46 92.29
N PRO A 798 -2.48 6.14 93.39
CA PRO A 798 -2.46 7.61 93.38
C PRO A 798 -1.10 8.19 93.68
N GLU A 799 -0.17 8.07 92.72
CA GLU A 799 1.15 8.64 92.85
C GLU A 799 1.41 9.57 91.66
N ASN A 800 2.01 10.72 91.95
CA ASN A 800 2.30 11.72 90.92
C ASN A 800 1.03 12.15 90.20
N PHE A 801 -0.03 12.37 90.98
CA PHE A 801 -1.35 12.76 90.46
C PHE A 801 -1.87 11.74 89.46
N ASN A 802 -1.91 10.47 89.88
CA ASN A 802 -2.46 9.38 89.07
C ASN A 802 -1.79 9.32 87.70
N GLU A 803 -0.46 9.47 87.69
CA GLU A 803 0.25 9.56 86.41
C GLU A 803 0.23 8.23 85.66
N ALA A 804 0.09 7.11 86.38
CA ALA A 804 0.06 5.81 85.73
C ALA A 804 -1.16 5.68 84.82
N LYS A 805 -2.30 6.17 85.28
CA LYS A 805 -3.51 6.14 84.46
C LYS A 805 -3.33 6.94 83.17
N PHE A 806 -2.73 8.13 83.27
CA PHE A 806 -2.51 8.94 82.09
C PHE A 806 -1.46 8.34 81.17
N ILE A 807 -0.49 7.63 81.74
CA ILE A 807 0.49 6.92 80.94
C ILE A 807 -0.18 5.81 80.14
N THR A 808 -1.08 5.06 80.79
CA THR A 808 -1.86 4.05 80.10
C THR A 808 -2.69 4.68 78.99
N PHE A 809 -3.30 5.85 79.28
CA PHE A 809 -4.07 6.55 78.26
C PHE A 809 -3.21 6.93 77.07
N SER A 810 -2.00 7.44 77.32
CA SER A 810 -1.11 7.83 76.23
C SER A 810 -0.73 6.62 75.39
N MET A 811 -0.40 5.51 76.04
CA MET A 811 0.02 4.33 75.28
C MET A 811 -1.13 3.76 74.47
N LEU A 812 -2.34 3.77 75.04
CA LEU A 812 -3.52 3.35 74.30
C LEU A 812 -3.77 4.29 73.12
N ILE A 813 -3.56 5.59 73.31
CA ILE A 813 -3.70 6.53 72.21
C ILE A 813 -2.73 6.18 71.09
N PHE A 814 -1.49 5.86 71.45
CA PHE A 814 -0.52 5.40 70.47
C PHE A 814 -1.04 4.20 69.70
N PHE A 815 -1.49 3.18 70.43
CA PHE A 815 -1.93 1.96 69.76
C PHE A 815 -3.11 2.23 68.84
N ILE A 816 -4.08 3.03 69.29
CA ILE A 816 -5.28 3.25 68.49
C ILE A 816 -4.97 4.08 67.26
N VAL A 817 -4.13 5.12 67.41
CA VAL A 817 -3.85 5.98 66.26
C VAL A 817 -3.03 5.23 65.22
N TRP A 818 -2.23 4.26 65.65
CA TRP A 818 -1.48 3.46 64.68
C TRP A 818 -2.31 2.31 64.12
N ILE A 819 -3.29 1.82 64.88
CA ILE A 819 -4.21 0.82 64.36
C ILE A 819 -5.14 1.43 63.33
N SER A 820 -5.59 2.67 63.58
CA SER A 820 -6.65 3.27 62.79
C SER A 820 -6.24 3.43 61.32
N PHE A 821 -4.97 3.75 61.08
CA PHE A 821 -4.50 4.06 59.75
C PHE A 821 -3.82 2.87 59.08
N ILE A 822 -4.12 1.64 59.52
CA ILE A 822 -3.45 0.47 58.92
C ILE A 822 -3.74 0.31 57.44
N PRO A 823 -5.00 0.36 56.97
CA PRO A 823 -5.22 0.17 55.52
C PRO A 823 -4.50 1.18 54.65
N ALA A 824 -4.31 2.40 55.15
CA ALA A 824 -3.69 3.45 54.35
C ALA A 824 -2.16 3.39 54.37
N TYR A 825 -1.57 2.50 55.17
CA TYR A 825 -0.12 2.49 55.28
C TYR A 825 0.56 1.94 54.05
N ALA A 826 -0.18 1.25 53.17
CA ALA A 826 0.37 0.69 51.95
C ALA A 826 -0.68 0.80 50.86
N SER A 827 -0.36 0.24 49.69
CA SER A 827 -1.26 0.19 48.55
C SER A 827 -1.61 1.59 48.06
N THR A 828 -2.29 2.38 48.88
CA THR A 828 -2.63 3.75 48.51
C THR A 828 -1.39 4.62 48.57
N TYR A 829 -0.58 4.58 47.52
CA TYR A 829 0.71 5.26 47.51
C TYR A 829 0.52 6.70 47.05
N GLY A 830 1.61 7.39 46.75
CA GLY A 830 1.54 8.79 46.36
C GLY A 830 1.61 9.72 47.55
N LYS A 831 0.92 10.86 47.47
CA LYS A 831 0.91 11.78 48.59
C LYS A 831 0.04 11.27 49.74
N PHE A 832 -0.89 10.35 49.44
CA PHE A 832 -1.81 9.87 50.47
C PHE A 832 -1.07 9.09 51.55
N VAL A 833 -0.13 8.24 51.15
CA VAL A 833 0.57 7.41 52.13
C VAL A 833 1.43 8.26 53.05
N SER A 834 2.16 9.22 52.50
CA SER A 834 2.98 10.10 53.32
C SER A 834 2.12 11.00 54.21
N ALA A 835 0.99 11.46 53.68
CA ALA A 835 0.08 12.28 54.47
C ALA A 835 -0.46 11.49 55.65
N VAL A 836 -0.91 10.26 55.41
CA VAL A 836 -1.43 9.44 56.50
C VAL A 836 -0.34 9.12 57.50
N GLU A 837 0.89 8.89 57.02
CA GLU A 837 2.01 8.62 57.92
C GLU A 837 2.29 9.79 58.85
N VAL A 838 2.38 11.00 58.28
CA VAL A 838 2.68 12.17 59.10
C VAL A 838 1.51 12.46 60.04
N ILE A 839 0.28 12.22 59.61
CA ILE A 839 -0.86 12.42 60.49
C ILE A 839 -0.80 11.44 61.65
N ALA A 840 -0.45 10.18 61.37
CA ALA A 840 -0.33 9.18 62.44
C ALA A 840 0.74 9.58 63.44
N ILE A 841 1.89 10.04 62.94
CA ILE A 841 2.97 10.46 63.84
C ILE A 841 2.52 11.63 64.68
N LEU A 842 1.87 12.62 64.08
CA LEU A 842 1.43 13.78 64.83
C LEU A 842 0.39 13.39 65.87
N ALA A 843 -0.54 12.51 65.51
CA ALA A 843 -1.57 12.09 66.46
C ALA A 843 -0.94 11.37 67.65
N ALA A 844 -0.01 10.44 67.38
CA ALA A 844 0.64 9.71 68.46
C ALA A 844 1.42 10.65 69.38
N SER A 845 2.20 11.55 68.77
CA SER A 845 3.02 12.45 69.56
C SER A 845 2.17 13.41 70.39
N PHE A 846 1.10 13.95 69.79
CA PHE A 846 0.21 14.83 70.52
C PHE A 846 -0.47 14.10 71.67
N GLY A 847 -0.92 12.87 71.42
CA GLY A 847 -1.54 12.11 72.49
C GLY A 847 -0.59 11.87 73.64
N LEU A 848 0.64 11.46 73.32
CA LEU A 848 1.62 11.19 74.37
C LEU A 848 1.94 12.46 75.16
N LEU A 849 2.23 13.55 74.45
CA LEU A 849 2.56 14.80 75.12
C LEU A 849 1.43 15.27 76.01
N ALA A 850 0.19 15.20 75.50
CA ALA A 850 -0.95 15.63 76.28
C ALA A 850 -1.11 14.78 77.54
N CYS A 851 -1.16 13.46 77.37
CA CYS A 851 -1.41 12.60 78.51
C CYS A 851 -0.30 12.69 79.55
N ILE A 852 0.93 13.01 79.12
CA ILE A 852 2.01 13.12 80.09
C ILE A 852 1.94 14.45 80.82
N PHE A 853 1.89 15.57 80.08
CA PHE A 853 2.20 16.85 80.68
C PHE A 853 1.00 17.76 80.93
N PHE A 854 -0.17 17.48 80.34
CA PHE A 854 -1.26 18.44 80.46
C PHE A 854 -1.82 18.48 81.88
N ASN A 855 -1.78 17.35 82.59
CA ASN A 855 -2.22 17.35 83.99
C ASN A 855 -1.32 18.21 84.85
N LYS A 856 0.00 18.09 84.67
CA LYS A 856 0.93 18.89 85.45
C LYS A 856 0.82 20.36 85.09
N ILE A 857 0.57 20.66 83.81
CA ILE A 857 0.36 22.04 83.41
C ILE A 857 -0.93 22.60 84.04
N TYR A 858 -1.98 21.79 84.06
CA TYR A 858 -3.24 22.19 84.68
C TYR A 858 -3.05 22.46 86.17
N ILE A 859 -2.28 21.61 86.84
CA ILE A 859 -1.97 21.85 88.26
C ILE A 859 -1.20 23.16 88.41
N ILE A 860 -0.20 23.39 87.56
CA ILE A 860 0.49 24.68 87.53
C ILE A 860 -0.41 25.79 87.00
N LEU A 861 -1.27 25.50 86.01
CA LEU A 861 -2.18 26.48 85.43
C LEU A 861 -1.44 27.65 84.81
N GLY B 21 14.23 -12.47 -55.01
CA GLY B 21 14.50 -12.65 -53.59
C GLY B 21 15.88 -13.21 -53.30
N PRO B 22 16.11 -13.62 -52.06
CA PRO B 22 17.41 -14.21 -51.71
C PRO B 22 17.69 -15.47 -52.50
N ASP B 23 18.97 -15.66 -52.84
CA ASP B 23 19.35 -16.80 -53.66
C ASP B 23 19.05 -18.13 -52.96
N GLN B 24 19.32 -18.20 -51.66
CA GLN B 24 19.07 -19.42 -50.90
C GLN B 24 17.58 -19.51 -50.61
N ARG B 25 16.95 -20.57 -51.12
CA ARG B 25 15.50 -20.68 -51.11
C ARG B 25 15.12 -22.15 -51.21
N ALA B 26 13.84 -22.42 -50.98
CA ALA B 26 13.26 -23.74 -51.24
C ALA B 26 12.07 -23.53 -52.18
N GLN B 27 12.21 -23.96 -53.43
CA GLN B 27 11.19 -23.75 -54.45
C GLN B 27 10.75 -25.07 -55.06
N LYS B 28 9.45 -25.20 -55.25
CA LYS B 28 8.88 -26.26 -56.08
C LYS B 28 7.81 -25.65 -56.96
N LYS B 29 7.74 -26.14 -58.19
CA LYS B 29 6.80 -25.62 -59.18
C LYS B 29 5.45 -26.30 -59.01
N GLY B 30 4.38 -25.54 -59.22
CA GLY B 30 3.05 -26.10 -59.08
C GLY B 30 2.03 -25.15 -59.65
N ASP B 31 0.78 -25.60 -59.63
CA ASP B 31 -0.33 -24.75 -60.08
C ASP B 31 -0.61 -23.64 -59.08
N ILE B 32 -0.65 -23.98 -57.80
CA ILE B 32 -0.97 -23.04 -56.73
C ILE B 32 0.23 -22.99 -55.79
N ILE B 33 0.77 -21.79 -55.56
CA ILE B 33 2.06 -21.61 -54.91
C ILE B 33 1.84 -21.05 -53.52
N LEU B 34 2.49 -21.68 -52.53
CA LEU B 34 2.45 -21.22 -51.15
C LEU B 34 3.78 -20.56 -50.81
N GLY B 35 3.71 -19.38 -50.21
CA GLY B 35 4.91 -18.75 -49.68
C GLY B 35 5.27 -19.29 -48.31
N GLY B 36 6.55 -19.25 -48.00
CA GLY B 36 7.04 -19.76 -46.74
C GLY B 36 8.10 -18.87 -46.13
N LEU B 37 7.97 -18.61 -44.84
CA LEU B 37 8.91 -17.79 -44.09
C LEU B 37 9.32 -18.55 -42.84
N PHE B 38 10.59 -18.86 -42.73
CA PHE B 38 11.10 -19.63 -41.60
C PHE B 38 12.42 -19.07 -41.12
N PRO B 39 12.71 -19.18 -39.83
CA PRO B 39 14.01 -18.75 -39.30
C PRO B 39 15.08 -19.84 -39.35
N ILE B 40 15.64 -20.04 -40.56
CA ILE B 40 16.72 -21.00 -40.74
C ILE B 40 17.95 -20.56 -39.97
N HIS B 41 18.07 -19.27 -39.67
CA HIS B 41 19.12 -18.73 -38.84
C HIS B 41 18.50 -17.96 -37.67
N PHE B 42 19.21 -17.91 -36.56
CA PHE B 42 18.72 -17.21 -35.38
C PHE B 42 18.78 -15.70 -35.51
N GLY B 43 19.68 -15.18 -36.34
CA GLY B 43 19.82 -13.74 -36.46
C GLY B 43 20.79 -13.40 -37.56
N VAL B 44 21.24 -12.15 -37.54
CA VAL B 44 22.15 -11.63 -38.55
C VAL B 44 23.43 -11.16 -37.87
N ALA B 45 24.46 -10.96 -38.68
CA ALA B 45 25.74 -10.46 -38.18
C ALA B 45 25.57 -9.09 -37.55
N ALA B 46 25.72 -9.01 -36.23
CA ALA B 46 25.46 -7.78 -35.49
C ALA B 46 26.58 -6.77 -35.68
N LYS B 47 26.42 -5.85 -36.62
CA LYS B 47 27.41 -4.83 -36.89
C LYS B 47 26.72 -3.58 -37.39
N ASP B 48 27.22 -2.42 -36.95
CA ASP B 48 26.68 -1.15 -37.41
C ASP B 48 27.20 -0.85 -38.82
N GLN B 49 26.28 -0.65 -39.75
CA GLN B 49 26.68 -0.32 -41.11
C GLN B 49 27.32 1.06 -41.14
N ASP B 50 28.60 1.10 -41.53
CA ASP B 50 29.34 2.36 -41.48
C ASP B 50 28.79 3.37 -42.48
N LEU B 51 28.20 2.89 -43.57
CA LEU B 51 27.76 3.71 -44.70
C LEU B 51 28.92 4.44 -45.35
N LYS B 52 30.15 3.98 -45.11
CA LYS B 52 31.30 4.47 -45.86
C LYS B 52 31.20 4.07 -47.34
N SER B 53 30.79 2.83 -47.61
CA SER B 53 30.57 2.35 -48.95
C SER B 53 29.14 1.84 -49.07
N ARG B 54 28.78 1.39 -50.26
CA ARG B 54 27.45 0.88 -50.51
C ARG B 54 27.16 -0.28 -49.56
N PRO B 55 26.08 -0.24 -48.80
CA PRO B 55 25.81 -1.31 -47.83
C PRO B 55 25.38 -2.58 -48.54
N GLU B 56 26.10 -3.67 -48.26
CA GLU B 56 25.79 -4.98 -48.82
C GLU B 56 24.82 -5.72 -47.91
N SER B 57 24.25 -6.80 -48.45
CA SER B 57 23.24 -7.55 -47.72
C SER B 57 23.81 -8.11 -46.43
N VAL B 58 23.08 -7.92 -45.33
CA VAL B 58 23.54 -8.40 -44.04
C VAL B 58 23.49 -9.92 -44.03
N GLU B 59 24.47 -10.53 -43.38
CA GLU B 59 24.66 -11.98 -43.40
C GLU B 59 24.02 -12.62 -42.18
N CYS B 60 23.43 -13.79 -42.38
CA CYS B 60 22.84 -14.58 -41.30
C CYS B 60 23.86 -15.58 -40.79
N ILE B 61 23.95 -15.72 -39.47
CA ILE B 61 25.11 -16.36 -38.88
C ILE B 61 24.82 -17.71 -38.21
N ARG B 62 24.02 -17.72 -37.15
CA ARG B 62 23.86 -18.93 -36.35
C ARG B 62 22.75 -19.80 -36.91
N TYR B 63 23.08 -21.06 -37.21
CA TYR B 63 22.12 -21.95 -37.83
C TYR B 63 21.09 -22.43 -36.82
N ASN B 64 19.84 -22.53 -37.28
CA ASN B 64 18.70 -22.87 -36.43
C ASN B 64 18.09 -24.16 -36.98
N PHE B 65 18.45 -25.28 -36.34
CA PHE B 65 18.00 -26.59 -36.82
C PHE B 65 16.51 -26.77 -36.61
N ARG B 66 15.96 -26.25 -35.52
CA ARG B 66 14.53 -26.35 -35.27
C ARG B 66 13.74 -25.63 -36.36
N GLY B 67 14.23 -24.46 -36.79
CA GLY B 67 13.58 -23.78 -37.90
C GLY B 67 13.65 -24.56 -39.20
N PHE B 68 14.78 -25.24 -39.44
CA PHE B 68 14.87 -26.08 -40.62
C PHE B 68 13.88 -27.24 -40.55
N ARG B 69 13.68 -27.79 -39.35
CA ARG B 69 12.66 -28.81 -39.18
C ARG B 69 11.26 -28.25 -39.43
N TRP B 70 11.02 -27.00 -39.04
CA TRP B 70 9.74 -26.36 -39.36
C TRP B 70 9.53 -26.22 -40.86
N LEU B 71 10.58 -25.78 -41.57
CA LEU B 71 10.51 -25.70 -43.02
C LEU B 71 10.24 -27.07 -43.62
N GLN B 72 10.88 -28.11 -43.07
CA GLN B 72 10.64 -29.46 -43.54
C GLN B 72 9.22 -29.91 -43.24
N ALA B 73 8.64 -29.44 -42.15
CA ALA B 73 7.24 -29.73 -41.88
C ALA B 73 6.34 -29.13 -42.95
N MET B 74 6.62 -27.90 -43.36
CA MET B 74 5.86 -27.29 -44.44
C MET B 74 5.99 -28.10 -45.73
N ILE B 75 7.22 -28.46 -46.09
CA ILE B 75 7.45 -29.20 -47.32
C ILE B 75 6.79 -30.58 -47.25
N PHE B 76 6.88 -31.23 -46.10
CA PHE B 76 6.26 -32.54 -45.91
C PHE B 76 4.75 -32.46 -46.04
N ALA B 77 4.13 -31.43 -45.44
CA ALA B 77 2.69 -31.28 -45.56
C ALA B 77 2.28 -31.05 -47.01
N ILE B 78 3.03 -30.22 -47.74
CA ILE B 78 2.72 -29.98 -49.14
C ILE B 78 2.86 -31.26 -49.95
N GLU B 79 3.93 -32.02 -49.73
CA GLU B 79 4.15 -33.26 -50.47
C GLU B 79 3.08 -34.29 -50.14
N GLU B 80 2.68 -34.36 -48.88
CA GLU B 80 1.61 -35.26 -48.48
C GLU B 80 0.30 -34.90 -49.14
N ILE B 81 -0.01 -33.61 -49.22
CA ILE B 81 -1.23 -33.16 -49.89
C ILE B 81 -1.18 -33.52 -51.36
N ASN B 82 -0.03 -33.30 -52.01
CA ASN B 82 0.09 -33.62 -53.42
C ASN B 82 -0.07 -35.12 -53.67
N SER B 83 0.51 -35.96 -52.81
CA SER B 83 0.44 -37.40 -53.01
C SER B 83 -0.96 -37.94 -52.79
N SER B 84 -1.72 -37.31 -51.91
CA SER B 84 -3.08 -37.80 -51.61
C SER B 84 -4.04 -37.36 -52.71
N PRO B 85 -4.75 -38.30 -53.35
CA PRO B 85 -5.77 -37.89 -54.32
C PRO B 85 -7.02 -37.31 -53.68
N ALA B 86 -7.20 -37.55 -52.38
CA ALA B 86 -8.40 -37.06 -51.70
C ALA B 86 -8.42 -35.54 -51.63
N LEU B 87 -7.27 -34.92 -51.35
CA LEU B 87 -7.19 -33.48 -51.16
C LEU B 87 -6.63 -32.81 -52.41
N LEU B 88 -7.36 -31.84 -52.94
CA LEU B 88 -6.98 -31.08 -54.12
C LEU B 88 -6.60 -31.99 -55.29
N PRO B 89 -7.51 -32.82 -55.77
CA PRO B 89 -7.17 -33.74 -56.86
C PRO B 89 -6.85 -32.98 -58.14
N ASN B 90 -5.89 -33.52 -58.90
CA ASN B 90 -5.44 -33.01 -60.19
C ASN B 90 -4.80 -31.63 -60.07
N LEU B 91 -4.55 -31.14 -58.86
CA LEU B 91 -3.86 -29.86 -58.65
C LEU B 91 -2.59 -30.13 -57.86
N THR B 92 -1.49 -29.55 -58.31
CA THR B 92 -0.20 -29.68 -57.65
C THR B 92 0.14 -28.40 -56.91
N LEU B 93 0.63 -28.55 -55.68
CA LEU B 93 0.97 -27.40 -54.85
C LEU B 93 2.47 -27.14 -54.92
N GLY B 94 2.83 -25.88 -55.13
CA GLY B 94 4.22 -25.49 -55.12
C GLY B 94 4.50 -24.57 -53.94
N TYR B 95 5.78 -24.37 -53.66
CA TYR B 95 6.18 -23.50 -52.57
C TYR B 95 7.33 -22.62 -52.99
N ARG B 96 7.42 -21.47 -52.34
CA ARG B 96 8.59 -20.59 -52.40
C ARG B 96 8.86 -20.19 -50.96
N ILE B 97 9.91 -20.76 -50.37
CA ILE B 97 10.21 -20.59 -48.96
C ILE B 97 11.55 -19.89 -48.82
N PHE B 98 11.57 -18.83 -48.01
CA PHE B 98 12.76 -18.03 -47.78
C PHE B 98 13.09 -18.04 -46.29
N ASP B 99 14.36 -17.75 -46.00
CA ASP B 99 14.83 -17.64 -44.62
C ASP B 99 14.70 -16.19 -44.16
N THR B 100 14.10 -16.01 -42.98
CA THR B 100 13.93 -14.67 -42.42
C THR B 100 15.05 -14.26 -41.48
N CYS B 101 15.73 -15.24 -40.87
CA CYS B 101 16.77 -14.99 -39.86
C CYS B 101 16.22 -14.19 -38.68
N ASN B 102 14.94 -14.38 -38.36
CA ASN B 102 14.26 -13.64 -37.28
C ASN B 102 14.38 -12.13 -37.48
N THR B 103 14.48 -11.69 -38.72
CA THR B 103 14.78 -10.30 -39.03
C THR B 103 13.69 -9.74 -39.94
N VAL B 104 13.32 -8.49 -39.69
CA VAL B 104 12.27 -7.85 -40.47
C VAL B 104 12.72 -7.60 -41.90
N SER B 105 13.99 -7.23 -42.10
CA SER B 105 14.46 -6.84 -43.42
C SER B 105 14.48 -8.04 -44.38
N LYS B 106 15.01 -9.18 -43.93
CA LYS B 106 15.01 -10.36 -44.78
C LYS B 106 13.59 -10.82 -45.08
N ALA B 107 12.72 -10.81 -44.07
CA ALA B 107 11.33 -11.18 -44.29
C ALA B 107 10.66 -10.25 -45.29
N LEU B 108 10.98 -8.96 -45.24
CA LEU B 108 10.37 -8.03 -46.18
C LEU B 108 10.92 -8.19 -47.59
N GLU B 109 12.20 -8.53 -47.74
CA GLU B 109 12.68 -8.89 -49.08
C GLU B 109 11.92 -10.09 -49.63
N ALA B 110 11.74 -11.13 -48.80
CA ALA B 110 10.98 -12.30 -49.22
C ALA B 110 9.53 -11.95 -49.54
N THR B 111 8.92 -11.07 -48.76
CA THR B 111 7.52 -10.70 -48.96
C THR B 111 7.35 -9.84 -50.21
N LEU B 112 8.32 -8.98 -50.49
CA LEU B 112 8.34 -8.28 -51.76
C LEU B 112 8.45 -9.26 -52.92
N SER B 113 9.24 -10.32 -52.74
CA SER B 113 9.25 -11.40 -53.72
C SER B 113 7.87 -12.05 -53.85
N PHE B 114 7.12 -12.12 -52.75
CA PHE B 114 5.80 -12.74 -52.80
C PHE B 114 4.79 -11.91 -53.57
N VAL B 115 4.91 -10.58 -53.52
CA VAL B 115 3.87 -9.69 -54.03
C VAL B 115 4.26 -9.05 -55.36
N ALA B 116 5.21 -9.64 -56.08
CA ALA B 116 5.70 -9.02 -57.32
C ALA B 116 4.59 -8.87 -58.34
N GLN B 117 3.80 -9.92 -58.57
CA GLN B 117 2.73 -9.84 -59.54
C GLN B 117 1.65 -8.85 -59.10
N ASN B 118 1.46 -8.69 -57.79
CA ASN B 118 0.52 -7.69 -57.31
C ASN B 118 1.10 -6.29 -57.39
N LYS B 119 2.41 -6.14 -57.12
CA LYS B 119 3.04 -4.83 -57.24
C LYS B 119 3.00 -4.33 -58.68
N ILE B 120 3.17 -5.24 -59.64
CA ILE B 120 3.07 -4.86 -61.05
C ILE B 120 1.69 -4.31 -61.35
N ASP B 121 0.66 -4.90 -60.73
CA ASP B 121 -0.72 -4.48 -60.93
C ASP B 121 -1.19 -3.45 -59.90
N SER B 122 -0.27 -2.93 -59.08
CA SER B 122 -0.62 -1.94 -58.07
C SER B 122 -0.06 -0.55 -58.37
N LEU B 123 1.18 -0.47 -58.85
CA LEU B 123 1.77 0.83 -59.17
C LEU B 123 1.31 1.32 -60.53
N ILE B 135 7.64 -14.31 -62.65
CA ILE B 135 7.44 -14.49 -61.21
C ILE B 135 6.07 -15.08 -60.96
N PRO B 136 6.04 -16.22 -60.25
CA PRO B 136 4.75 -16.86 -59.95
C PRO B 136 3.94 -16.05 -58.96
N SER B 137 2.63 -16.24 -59.01
CA SER B 137 1.75 -15.63 -58.02
C SER B 137 1.74 -16.46 -56.74
N THR B 138 1.65 -15.77 -55.61
CA THR B 138 1.62 -16.39 -54.29
C THR B 138 0.18 -16.34 -53.79
N ILE B 139 -0.38 -17.50 -53.47
CA ILE B 139 -1.79 -17.55 -53.10
C ILE B 139 -1.96 -17.39 -51.60
N ALA B 140 -0.94 -17.76 -50.82
CA ALA B 140 -0.96 -17.66 -49.38
C ALA B 140 0.46 -17.87 -48.87
N VAL B 141 0.72 -17.37 -47.67
CA VAL B 141 2.05 -17.41 -47.07
C VAL B 141 1.96 -18.07 -45.70
N VAL B 142 2.93 -18.93 -45.40
CA VAL B 142 3.04 -19.57 -44.10
C VAL B 142 4.20 -18.92 -43.36
N GLY B 143 3.92 -18.37 -42.18
CA GLY B 143 4.87 -17.61 -41.40
C GLY B 143 4.27 -16.28 -40.96
N ALA B 144 5.09 -15.50 -40.26
CA ALA B 144 6.44 -15.87 -39.82
C ALA B 144 6.45 -16.36 -38.38
N THR B 145 7.64 -16.46 -37.79
CA THR B 145 7.80 -16.88 -36.41
C THR B 145 7.64 -15.74 -35.42
N GLY B 146 8.46 -14.70 -35.53
CA GLY B 146 8.39 -13.59 -34.58
C GLY B 146 7.20 -12.70 -34.86
N SER B 147 6.67 -12.08 -33.80
CA SER B 147 5.49 -11.25 -33.95
C SER B 147 5.81 -9.94 -34.67
N GLY B 148 6.99 -9.37 -34.42
CA GLY B 148 7.38 -8.17 -35.15
C GLY B 148 7.59 -8.45 -36.63
N VAL B 149 8.24 -9.58 -36.92
CA VAL B 149 8.43 -9.99 -38.30
C VAL B 149 7.09 -10.26 -38.97
N SER B 150 6.20 -10.97 -38.27
CA SER B 150 4.87 -11.24 -38.82
C SER B 150 4.07 -9.97 -39.03
N THR B 151 4.20 -8.98 -38.14
CA THR B 151 3.50 -7.71 -38.29
C THR B 151 4.00 -6.97 -39.52
N ALA B 152 5.33 -6.90 -39.69
CA ALA B 152 5.90 -6.23 -40.86
C ALA B 152 5.48 -6.92 -42.14
N VAL B 153 5.44 -8.26 -42.14
CA VAL B 153 5.01 -9.01 -43.32
C VAL B 153 3.53 -8.82 -43.56
N ALA B 154 2.74 -8.77 -42.49
CA ALA B 154 1.29 -8.75 -42.61
C ALA B 154 0.81 -7.41 -43.15
N ASN B 155 1.51 -6.32 -42.81
CA ASN B 155 1.18 -5.04 -43.43
C ASN B 155 1.19 -5.16 -44.95
N LEU B 156 2.30 -5.65 -45.49
CA LEU B 156 2.46 -5.77 -46.94
C LEU B 156 1.50 -6.78 -47.54
N LEU B 157 1.28 -7.91 -46.86
CA LEU B 157 0.42 -8.95 -47.43
C LEU B 157 -1.05 -8.54 -47.40
N GLY B 158 -1.51 -7.99 -46.28
CA GLY B 158 -2.88 -7.51 -46.22
C GLY B 158 -3.12 -6.31 -47.08
N LEU B 159 -2.05 -5.64 -47.52
CA LEU B 159 -2.21 -4.63 -48.58
C LEU B 159 -2.80 -5.26 -49.84
N PHE B 160 -2.36 -6.47 -50.19
CA PHE B 160 -2.82 -7.16 -51.39
C PHE B 160 -3.83 -8.26 -51.09
N TYR B 161 -4.33 -8.32 -49.85
CA TYR B 161 -5.32 -9.32 -49.44
C TYR B 161 -4.82 -10.74 -49.67
N ILE B 162 -3.52 -10.96 -49.47
CA ILE B 162 -2.95 -12.30 -49.54
C ILE B 162 -3.01 -12.91 -48.14
N PRO B 163 -3.67 -14.05 -47.97
CA PRO B 163 -3.75 -14.66 -46.63
C PRO B 163 -2.39 -15.09 -46.12
N GLN B 164 -2.20 -14.91 -44.81
CA GLN B 164 -0.94 -15.26 -44.15
C GLN B 164 -1.28 -16.00 -42.87
N VAL B 165 -0.93 -17.28 -42.82
CA VAL B 165 -1.20 -18.11 -41.66
C VAL B 165 0.11 -18.34 -40.92
N SER B 166 0.23 -17.77 -39.73
CA SER B 166 1.44 -17.85 -38.94
C SER B 166 1.38 -19.07 -38.01
N TYR B 167 2.52 -19.71 -37.83
CA TYR B 167 2.61 -20.90 -37.00
C TYR B 167 3.13 -20.62 -35.60
N ALA B 168 3.75 -19.46 -35.37
CA ALA B 168 4.36 -19.17 -34.09
C ALA B 168 4.06 -17.78 -33.53
N SER B 169 3.70 -16.80 -34.36
CA SER B 169 3.51 -15.44 -33.88
C SER B 169 2.22 -15.35 -33.09
N SER B 170 2.30 -15.02 -31.81
CA SER B 170 1.16 -15.10 -30.91
C SER B 170 0.79 -13.76 -30.27
N SER B 171 1.30 -12.65 -30.79
CA SER B 171 1.00 -11.36 -30.18
C SER B 171 -0.47 -11.00 -30.34
N ARG B 172 -1.04 -10.41 -29.29
CA ARG B 172 -2.42 -9.94 -29.36
C ARG B 172 -2.58 -8.81 -30.37
N LEU B 173 -1.49 -8.10 -30.68
CA LEU B 173 -1.56 -7.01 -31.64
C LEU B 173 -1.98 -7.51 -33.01
N LEU B 174 -1.67 -8.77 -33.31
CA LEU B 174 -2.04 -9.33 -34.61
C LEU B 174 -3.50 -9.75 -34.66
N SER B 175 -4.22 -9.70 -33.54
CA SER B 175 -5.63 -9.99 -33.55
C SER B 175 -6.46 -8.82 -34.05
N ASN B 176 -5.85 -7.65 -34.18
CA ASN B 176 -6.54 -6.48 -34.72
C ASN B 176 -6.80 -6.68 -36.21
N LYS B 177 -8.05 -6.93 -36.57
CA LYS B 177 -8.40 -7.21 -37.95
C LYS B 177 -8.65 -5.96 -38.77
N ASN B 178 -8.66 -4.78 -38.16
CA ASN B 178 -8.61 -3.55 -38.92
C ASN B 178 -7.22 -3.32 -39.49
N GLN B 179 -6.19 -3.53 -38.68
CA GLN B 179 -4.82 -3.29 -39.13
C GLN B 179 -4.31 -4.44 -39.99
N PHE B 180 -4.71 -5.68 -39.67
CA PHE B 180 -4.24 -6.87 -40.38
C PHE B 180 -5.45 -7.60 -40.95
N LYS B 181 -5.75 -7.34 -42.22
CA LYS B 181 -6.96 -7.88 -42.83
C LYS B 181 -6.85 -9.38 -43.17
N SER B 182 -5.65 -9.88 -43.43
CA SER B 182 -5.48 -11.23 -43.94
C SER B 182 -4.58 -12.11 -43.08
N PHE B 183 -4.55 -11.90 -41.77
CA PHE B 183 -3.66 -12.64 -40.89
C PHE B 183 -4.44 -13.66 -40.08
N LEU B 184 -3.97 -14.92 -40.08
CA LEU B 184 -4.56 -15.99 -39.30
C LEU B 184 -3.45 -16.73 -38.55
N ARG B 185 -3.86 -17.53 -37.58
CA ARG B 185 -2.93 -18.20 -36.69
C ARG B 185 -3.34 -19.63 -36.41
N THR B 186 -2.38 -20.54 -36.49
CA THR B 186 -2.55 -21.87 -35.94
C THR B 186 -2.00 -21.97 -34.52
N ILE B 187 -1.51 -20.87 -33.96
CA ILE B 187 -1.00 -20.81 -32.60
C ILE B 187 -1.97 -19.99 -31.77
N PRO B 188 -2.20 -20.33 -30.51
CA PRO B 188 -3.10 -19.52 -29.68
C PRO B 188 -2.54 -18.13 -29.40
N ASN B 189 -3.44 -17.24 -29.00
CA ASN B 189 -3.05 -15.89 -28.60
C ASN B 189 -2.25 -15.92 -27.30
N ASP B 190 -1.63 -14.78 -26.99
CA ASP B 190 -0.75 -14.69 -25.83
C ASP B 190 -1.48 -14.29 -24.56
N GLU B 191 -2.74 -13.84 -24.66
CA GLU B 191 -3.46 -13.35 -23.49
C GLU B 191 -3.65 -14.46 -22.47
N HIS B 192 -4.05 -15.65 -22.92
CA HIS B 192 -4.24 -16.76 -22.01
C HIS B 192 -2.95 -17.14 -21.31
N GLN B 193 -1.82 -17.00 -22.00
CA GLN B 193 -0.53 -17.33 -21.38
C GLN B 193 -0.20 -16.37 -20.24
N ALA B 194 -0.45 -15.08 -20.44
CA ALA B 194 -0.22 -14.12 -19.35
C ALA B 194 -1.16 -14.36 -18.19
N THR B 195 -2.43 -14.65 -18.48
CA THR B 195 -3.37 -14.97 -17.42
C THR B 195 -2.94 -16.23 -16.67
N ALA B 196 -2.43 -17.22 -17.39
CA ALA B 196 -1.95 -18.45 -16.77
C ALA B 196 -0.71 -18.20 -15.92
N MET B 197 0.16 -17.29 -16.36
CA MET B 197 1.30 -16.91 -15.54
C MET B 197 0.83 -16.30 -14.22
N ALA B 198 -0.16 -15.42 -14.29
CA ALA B 198 -0.71 -14.84 -13.06
C ALA B 198 -1.34 -15.91 -12.18
N ASP B 199 -2.06 -16.86 -12.78
CA ASP B 199 -2.68 -17.92 -12.01
C ASP B 199 -1.64 -18.82 -11.35
N ILE B 200 -0.54 -19.11 -12.05
CA ILE B 200 0.55 -19.89 -11.47
C ILE B 200 1.15 -19.15 -10.29
N ILE B 201 1.35 -17.83 -10.43
CA ILE B 201 1.88 -17.05 -9.32
C ILE B 201 0.94 -17.11 -8.12
N GLU B 202 -0.37 -16.99 -8.37
CA GLU B 202 -1.34 -17.03 -7.29
C GLU B 202 -1.38 -18.41 -6.64
N TYR B 203 -1.14 -19.47 -7.42
CA TYR B 203 -1.23 -20.82 -6.90
C TYR B 203 -0.21 -21.07 -5.80
N PHE B 204 1.01 -20.58 -5.97
CA PHE B 204 2.08 -20.80 -5.01
C PHE B 204 2.17 -19.67 -4.00
N ARG B 205 1.14 -18.84 -3.90
CA ARG B 205 1.03 -17.81 -2.87
C ARG B 205 2.22 -16.86 -2.89
N TRP B 206 2.52 -16.36 -4.09
CA TRP B 206 3.52 -15.32 -4.28
C TRP B 206 2.80 -14.01 -4.57
N ASN B 207 3.33 -12.91 -4.02
CA ASN B 207 2.84 -11.59 -4.36
C ASN B 207 3.94 -10.59 -4.68
N TRP B 208 5.18 -11.04 -4.84
CA TRP B 208 6.34 -10.17 -4.96
C TRP B 208 7.22 -10.75 -6.08
N VAL B 209 7.01 -10.28 -7.30
CA VAL B 209 7.61 -10.87 -8.48
C VAL B 209 8.24 -9.78 -9.32
N GLY B 210 9.16 -10.18 -10.20
CA GLY B 210 9.73 -9.29 -11.19
C GLY B 210 9.32 -9.64 -12.60
N THR B 211 9.43 -8.71 -13.53
CA THR B 211 9.04 -8.94 -14.91
C THR B 211 10.18 -8.54 -15.83
N ILE B 212 10.52 -9.41 -16.77
CA ILE B 212 11.44 -9.12 -17.85
C ILE B 212 10.74 -9.44 -19.15
N ALA B 213 10.78 -8.52 -20.10
CA ALA B 213 10.12 -8.70 -21.39
C ALA B 213 11.07 -8.31 -22.51
N ALA B 214 10.94 -9.00 -23.64
CA ALA B 214 11.63 -8.57 -24.84
C ALA B 214 11.01 -7.27 -25.35
N ASP B 215 11.85 -6.38 -25.87
CA ASP B 215 11.40 -5.08 -26.34
C ASP B 215 10.92 -5.20 -27.80
N ASP B 216 9.85 -5.96 -27.97
CA ASP B 216 9.32 -6.23 -29.30
C ASP B 216 7.81 -6.44 -29.19
N ASP B 217 7.18 -6.75 -30.33
CA ASP B 217 5.73 -6.91 -30.36
C ASP B 217 5.30 -8.18 -29.65
N TYR B 218 6.25 -9.03 -29.28
CA TYR B 218 5.92 -10.20 -28.49
C TYR B 218 5.97 -9.90 -27.00
N GLY B 219 7.11 -9.41 -26.52
CA GLY B 219 7.30 -9.19 -25.10
C GLY B 219 6.42 -8.14 -24.44
N ARG B 220 6.34 -6.94 -25.04
CA ARG B 220 5.59 -5.86 -24.39
C ARG B 220 4.10 -6.15 -24.24
N PRO B 221 3.36 -6.57 -25.27
CA PRO B 221 1.93 -6.84 -25.05
C PRO B 221 1.69 -7.95 -24.05
N GLY B 222 2.50 -9.01 -24.08
CA GLY B 222 2.33 -10.08 -23.12
C GLY B 222 2.59 -9.63 -21.70
N ILE B 223 3.65 -8.84 -21.51
CA ILE B 223 3.98 -8.40 -20.16
C ILE B 223 2.96 -7.38 -19.66
N GLU B 224 2.36 -6.61 -20.57
CA GLU B 224 1.32 -5.67 -20.15
C GLU B 224 0.05 -6.40 -19.75
N LYS B 225 -0.33 -7.43 -20.50
CA LYS B 225 -1.45 -8.27 -20.09
C LYS B 225 -1.17 -8.94 -18.75
N PHE B 226 0.05 -9.42 -18.55
CA PHE B 226 0.40 -10.00 -17.26
C PHE B 226 0.30 -8.98 -16.14
N ARG B 227 0.76 -7.75 -16.39
CA ARG B 227 0.68 -6.71 -15.38
C ARG B 227 -0.76 -6.44 -14.98
N GLU B 228 -1.65 -6.38 -15.95
CA GLU B 228 -3.07 -6.19 -15.65
C GLU B 228 -3.62 -7.37 -14.83
N GLU B 229 -3.34 -8.60 -15.27
CA GLU B 229 -3.86 -9.77 -14.57
C GLU B 229 -3.23 -9.96 -13.20
N ALA B 230 -2.06 -9.35 -12.96
CA ALA B 230 -1.44 -9.43 -11.64
C ALA B 230 -1.97 -8.36 -10.72
N GLU B 231 -2.20 -7.14 -11.24
CA GLU B 231 -2.75 -6.08 -10.40
C GLU B 231 -4.19 -6.39 -10.02
N GLU B 232 -4.91 -7.15 -10.85
CA GLU B 232 -6.24 -7.56 -10.44
C GLU B 232 -6.19 -8.63 -9.36
N ARG B 233 -5.02 -9.26 -9.16
CA ARG B 233 -4.86 -10.32 -8.18
C ARG B 233 -4.00 -9.90 -6.99
N ASP B 234 -3.76 -8.60 -6.82
CA ASP B 234 -3.00 -8.07 -5.69
C ASP B 234 -1.58 -8.62 -5.63
N ILE B 235 -1.02 -8.90 -6.79
CA ILE B 235 0.39 -9.29 -6.92
C ILE B 235 1.19 -8.04 -7.25
N CYS B 236 2.22 -7.79 -6.46
CA CYS B 236 3.05 -6.60 -6.64
C CYS B 236 4.29 -6.95 -7.45
N ILE B 237 4.57 -6.14 -8.47
CA ILE B 237 5.70 -6.34 -9.35
C ILE B 237 6.80 -5.38 -8.91
N ASP B 238 7.94 -5.94 -8.49
CA ASP B 238 9.03 -5.11 -8.00
C ASP B 238 9.69 -4.30 -9.11
N PHE B 239 10.04 -4.96 -10.21
CA PHE B 239 10.76 -4.30 -11.29
C PHE B 239 10.23 -4.81 -12.62
N SER B 240 10.33 -3.95 -13.64
CA SER B 240 9.94 -4.29 -15.00
C SER B 240 11.04 -3.81 -15.93
N GLU B 241 11.68 -4.73 -16.65
CA GLU B 241 12.80 -4.42 -17.51
C GLU B 241 12.55 -4.95 -18.91
N LEU B 242 13.14 -4.29 -19.90
CA LEU B 242 13.05 -4.69 -21.30
C LEU B 242 14.44 -5.05 -21.79
N ILE B 243 14.53 -6.13 -22.56
CA ILE B 243 15.81 -6.63 -23.06
C ILE B 243 15.67 -6.90 -24.55
N SER B 244 16.82 -7.14 -25.18
CA SER B 244 16.88 -7.45 -26.60
C SER B 244 18.19 -8.16 -26.86
N GLN B 245 18.24 -8.88 -27.99
CA GLN B 245 19.50 -9.49 -28.40
C GLN B 245 20.56 -8.43 -28.73
N TYR B 246 20.13 -7.22 -29.03
CA TYR B 246 21.04 -6.11 -29.32
C TYR B 246 21.21 -5.18 -28.13
N SER B 247 20.76 -5.58 -26.94
CA SER B 247 20.99 -4.78 -25.74
C SER B 247 22.48 -4.62 -25.50
N ASP B 248 22.90 -3.40 -25.18
CA ASP B 248 24.30 -3.10 -24.96
C ASP B 248 24.77 -3.70 -23.64
N GLU B 249 26.08 -3.63 -23.41
CA GLU B 249 26.64 -4.10 -22.15
C GLU B 249 26.09 -3.32 -20.97
N GLU B 250 25.95 -2.01 -21.12
CA GLU B 250 25.45 -1.18 -20.02
C GLU B 250 24.00 -1.51 -19.68
N GLU B 251 23.18 -1.74 -20.70
CA GLU B 251 21.77 -2.06 -20.45
C GLU B 251 21.62 -3.42 -19.77
N ILE B 252 22.38 -4.41 -20.23
CA ILE B 252 22.33 -5.73 -19.59
C ILE B 252 22.84 -5.65 -18.16
N GLN B 253 23.90 -4.87 -17.94
CA GLN B 253 24.40 -4.67 -16.59
C GLN B 253 23.34 -4.03 -15.71
N HIS B 254 22.61 -3.06 -16.25
CA HIS B 254 21.56 -2.40 -15.48
C HIS B 254 20.47 -3.40 -15.11
N VAL B 255 20.05 -4.24 -16.06
CA VAL B 255 19.00 -5.21 -15.77
C VAL B 255 19.49 -6.22 -14.73
N VAL B 256 20.73 -6.68 -14.87
CA VAL B 256 21.28 -7.65 -13.92
C VAL B 256 21.36 -7.04 -12.52
N GLU B 257 21.77 -5.78 -12.42
CA GLU B 257 21.92 -5.15 -11.12
C GLU B 257 20.56 -4.82 -10.51
N VAL B 258 19.55 -4.59 -11.35
CA VAL B 258 18.18 -4.45 -10.86
C VAL B 258 17.71 -5.78 -10.28
N ILE B 259 18.01 -6.88 -10.95
CA ILE B 259 17.64 -8.19 -10.43
C ILE B 259 18.34 -8.47 -9.11
N GLN B 260 19.63 -8.12 -9.02
CA GLN B 260 20.37 -8.37 -7.79
C GLN B 260 19.84 -7.56 -6.61
N ASN B 261 19.47 -6.31 -6.84
CA ASN B 261 18.96 -5.46 -5.77
C ASN B 261 17.55 -5.85 -5.32
N SER B 262 16.89 -6.75 -6.02
CA SER B 262 15.51 -7.11 -5.70
C SER B 262 15.47 -8.29 -4.74
N THR B 263 14.48 -8.28 -3.86
CA THR B 263 14.24 -9.41 -2.98
C THR B 263 13.37 -10.46 -3.65
N ALA B 264 12.59 -10.05 -4.65
CA ALA B 264 11.74 -10.98 -5.39
C ALA B 264 12.59 -12.04 -6.08
N LYS B 265 12.19 -13.30 -5.93
CA LYS B 265 12.88 -14.40 -6.59
C LYS B 265 12.10 -15.04 -7.72
N VAL B 266 10.83 -14.68 -7.89
CA VAL B 266 10.04 -15.15 -9.02
C VAL B 266 10.08 -14.07 -10.09
N ILE B 267 10.67 -14.39 -11.25
CA ILE B 267 10.81 -13.45 -12.34
C ILE B 267 10.01 -13.98 -13.52
N VAL B 268 9.01 -13.23 -13.94
CA VAL B 268 8.23 -13.58 -15.13
C VAL B 268 8.94 -13.01 -16.35
N VAL B 269 9.43 -13.89 -17.21
CA VAL B 269 10.15 -13.50 -18.41
C VAL B 269 9.30 -13.86 -19.62
N PHE B 270 8.97 -12.87 -20.43
CA PHE B 270 8.07 -13.05 -21.55
C PHE B 270 8.88 -12.65 -22.80
N SER B 271 9.64 -13.60 -23.32
CA SER B 271 10.62 -13.30 -24.35
C SER B 271 10.88 -14.55 -25.18
N SER B 272 11.57 -14.35 -26.30
CA SER B 272 12.09 -15.46 -27.08
C SER B 272 13.51 -15.79 -26.63
N GLY B 273 14.04 -16.88 -27.17
CA GLY B 273 15.38 -17.33 -26.86
C GLY B 273 16.48 -16.33 -27.21
N PRO B 274 16.52 -15.89 -28.47
CA PRO B 274 17.56 -14.91 -28.85
C PRO B 274 17.50 -13.62 -28.06
N ASP B 275 16.30 -13.14 -27.72
CA ASP B 275 16.19 -11.89 -26.98
C ASP B 275 16.57 -12.02 -25.52
N LEU B 276 16.56 -13.24 -24.99
CA LEU B 276 16.88 -13.48 -23.59
C LEU B 276 18.31 -14.00 -23.40
N GLU B 277 18.95 -14.46 -24.46
CA GLU B 277 20.27 -15.09 -24.33
C GLU B 277 21.33 -14.17 -23.72
N PRO B 278 21.48 -12.91 -24.13
CA PRO B 278 22.50 -12.06 -23.48
C PRO B 278 22.32 -11.89 -21.98
N LEU B 279 21.08 -11.70 -21.54
CA LEU B 279 20.81 -11.57 -20.11
C LEU B 279 21.17 -12.84 -19.36
N ILE B 280 20.80 -14.00 -19.91
CA ILE B 280 21.09 -15.26 -19.23
C ILE B 280 22.59 -15.49 -19.18
N LYS B 281 23.30 -15.15 -20.25
CA LYS B 281 24.75 -15.29 -20.25
C LYS B 281 25.39 -14.42 -19.17
N GLU B 282 24.95 -13.16 -19.07
CA GLU B 282 25.50 -12.28 -18.05
C GLU B 282 25.18 -12.80 -16.64
N ILE B 283 23.95 -13.27 -16.42
CA ILE B 283 23.56 -13.76 -15.10
C ILE B 283 24.36 -15.01 -14.74
N VAL B 284 24.65 -15.85 -15.73
CA VAL B 284 25.50 -17.02 -15.48
C VAL B 284 26.90 -16.57 -15.12
N ARG B 285 27.42 -15.53 -15.80
CA ARG B 285 28.77 -15.08 -15.52
C ARG B 285 28.88 -14.49 -14.11
N ARG B 286 27.79 -13.93 -13.59
CA ARG B 286 27.74 -13.45 -12.22
C ARG B 286 27.33 -14.53 -11.22
N ASN B 287 26.90 -15.69 -11.69
CA ASN B 287 26.47 -16.80 -10.84
C ASN B 287 25.37 -16.38 -9.87
N ILE B 288 24.31 -15.77 -10.40
CA ILE B 288 23.13 -15.46 -9.62
C ILE B 288 22.26 -16.71 -9.57
N THR B 289 21.95 -17.18 -8.35
CA THR B 289 21.18 -18.39 -8.15
C THR B 289 19.90 -18.06 -7.39
N GLY B 290 19.05 -19.08 -7.23
CA GLY B 290 17.89 -18.99 -6.40
C GLY B 290 16.67 -18.35 -7.03
N LYS B 291 16.77 -17.90 -8.28
CA LYS B 291 15.63 -17.28 -8.93
C LYS B 291 14.71 -18.34 -9.52
N ILE B 292 13.41 -18.06 -9.49
CA ILE B 292 12.40 -18.94 -10.05
C ILE B 292 11.90 -18.30 -11.33
N TRP B 293 12.29 -18.87 -12.47
CA TRP B 293 11.97 -18.28 -13.76
C TRP B 293 10.65 -18.85 -14.26
N LEU B 294 9.68 -17.97 -14.47
CA LEU B 294 8.45 -18.34 -15.17
C LEU B 294 8.61 -17.99 -16.64
N ALA B 295 8.55 -19.00 -17.48
CA ALA B 295 8.93 -18.89 -18.89
C ALA B 295 7.68 -18.83 -19.76
N SER B 296 7.66 -17.89 -20.69
CA SER B 296 6.67 -17.92 -21.75
C SER B 296 7.07 -19.00 -22.77
N GLU B 297 6.12 -19.34 -23.64
CA GLU B 297 6.32 -20.45 -24.56
C GLU B 297 7.50 -20.23 -25.50
N ALA B 298 7.84 -18.98 -25.79
CA ALA B 298 8.84 -18.71 -26.81
C ALA B 298 10.24 -19.15 -26.39
N TRP B 299 10.49 -19.26 -25.08
CA TRP B 299 11.80 -19.70 -24.61
C TRP B 299 11.75 -20.84 -23.60
N ALA B 300 10.57 -21.30 -23.21
CA ALA B 300 10.50 -22.39 -22.25
C ALA B 300 11.05 -23.69 -22.80
N SER B 301 11.26 -23.78 -24.12
CA SER B 301 11.82 -24.98 -24.74
C SER B 301 12.99 -24.63 -25.65
N SER B 302 13.66 -23.52 -25.38
CA SER B 302 14.70 -23.00 -26.26
C SER B 302 16.03 -23.68 -25.97
N SER B 303 16.71 -24.14 -27.02
CA SER B 303 18.01 -24.75 -26.85
C SER B 303 19.09 -23.70 -26.57
N LEU B 304 18.82 -22.45 -26.93
CA LEU B 304 19.75 -21.37 -26.58
C LEU B 304 19.84 -21.16 -25.08
N ILE B 305 18.72 -21.28 -24.36
CA ILE B 305 18.70 -21.06 -22.94
C ILE B 305 18.82 -22.36 -22.14
N ALA B 306 18.18 -23.44 -22.59
CA ALA B 306 18.22 -24.71 -21.85
C ALA B 306 19.53 -25.43 -22.17
N MET B 307 20.59 -24.95 -21.53
CA MET B 307 21.90 -25.55 -21.65
C MET B 307 22.39 -25.99 -20.28
N PRO B 308 23.06 -27.15 -20.18
CA PRO B 308 23.52 -27.62 -18.86
C PRO B 308 24.41 -26.62 -18.15
N GLN B 309 25.28 -25.92 -18.88
CA GLN B 309 26.16 -24.94 -18.28
C GLN B 309 25.43 -23.74 -17.70
N TYR B 310 24.17 -23.52 -18.09
CA TYR B 310 23.34 -22.48 -17.48
C TYR B 310 22.45 -23.01 -16.38
N PHE B 311 22.51 -24.31 -16.08
CA PHE B 311 21.49 -24.91 -15.22
C PHE B 311 21.60 -24.42 -13.78
N HIS B 312 22.77 -23.93 -13.36
CA HIS B 312 22.90 -23.38 -12.01
C HIS B 312 22.14 -22.06 -11.90
N VAL B 313 21.79 -21.46 -13.02
CA VAL B 313 20.96 -20.25 -13.04
C VAL B 313 19.52 -20.56 -13.43
N VAL B 314 19.31 -21.28 -14.54
CA VAL B 314 17.98 -21.47 -15.09
C VAL B 314 17.37 -22.82 -14.74
N GLY B 315 18.00 -23.58 -13.86
CA GLY B 315 17.43 -24.86 -13.47
C GLY B 315 16.12 -24.68 -12.73
N GLY B 316 15.19 -25.61 -12.96
CA GLY B 316 13.91 -25.55 -12.31
C GLY B 316 12.95 -24.53 -12.90
N THR B 317 13.25 -24.01 -14.08
CA THR B 317 12.36 -23.07 -14.74
C THR B 317 11.01 -23.71 -14.99
N ILE B 318 9.94 -22.99 -14.67
CA ILE B 318 8.58 -23.41 -14.97
C ILE B 318 8.10 -22.60 -16.17
N GLY B 319 7.70 -23.29 -17.23
CA GLY B 319 7.34 -22.63 -18.47
C GLY B 319 6.12 -23.27 -19.12
N PHE B 320 5.70 -22.65 -20.22
CA PHE B 320 4.54 -23.09 -20.97
C PHE B 320 4.99 -23.73 -22.27
N ALA B 321 4.26 -24.74 -22.71
CA ALA B 321 4.46 -25.39 -23.98
C ALA B 321 3.12 -25.52 -24.68
N LEU B 322 3.15 -25.57 -26.01
CA LEU B 322 1.94 -25.76 -26.78
C LEU B 322 1.53 -27.23 -26.73
N LYS B 323 0.36 -27.52 -27.29
CA LYS B 323 -0.11 -28.90 -27.33
C LYS B 323 0.64 -29.66 -28.41
N ALA B 324 1.26 -30.77 -28.03
CA ALA B 324 1.97 -31.59 -28.99
C ALA B 324 1.00 -32.20 -30.00
N GLY B 325 1.46 -32.35 -31.23
CA GLY B 325 0.68 -33.02 -32.25
C GLY B 325 1.48 -34.11 -32.91
N GLN B 326 0.79 -35.03 -33.60
CA GLN B 326 1.44 -36.16 -34.25
C GLN B 326 1.40 -35.95 -35.76
N ILE B 327 2.55 -36.14 -36.40
CA ILE B 327 2.64 -36.16 -37.86
C ILE B 327 3.23 -37.52 -38.26
N PRO B 328 2.40 -38.50 -38.60
CA PRO B 328 2.94 -39.83 -38.91
C PRO B 328 3.78 -39.80 -40.19
N GLY B 329 4.97 -40.38 -40.11
CA GLY B 329 5.90 -40.41 -41.22
C GLY B 329 6.79 -39.20 -41.32
N PHE B 330 6.62 -38.21 -40.45
CA PHE B 330 7.42 -36.99 -40.52
C PHE B 330 8.89 -37.25 -40.20
N ARG B 331 9.14 -38.11 -39.21
CA ARG B 331 10.52 -38.38 -38.80
C ARG B 331 11.31 -39.07 -39.91
N GLU B 332 10.67 -40.01 -40.61
CA GLU B 332 11.33 -40.65 -41.75
C GLU B 332 11.65 -39.64 -42.84
N PHE B 333 10.71 -38.73 -43.11
CA PHE B 333 10.96 -37.69 -44.09
C PHE B 333 12.13 -36.80 -43.67
N LEU B 334 12.21 -36.47 -42.39
CA LEU B 334 13.34 -35.70 -41.88
C LEU B 334 14.64 -36.44 -42.08
N LYS B 335 14.62 -37.75 -41.86
CA LYS B 335 15.83 -38.56 -42.01
C LYS B 335 16.22 -38.76 -43.47
N LYS B 336 15.30 -38.54 -44.41
CA LYS B 336 15.60 -38.67 -45.82
C LYS B 336 16.28 -37.44 -46.42
N VAL B 337 16.79 -36.52 -45.58
CA VAL B 337 17.38 -35.30 -46.10
C VAL B 337 18.79 -35.57 -46.60
N HIS B 338 19.17 -34.88 -47.69
CA HIS B 338 20.48 -35.05 -48.30
C HIS B 338 20.72 -33.86 -49.23
N PRO B 339 21.94 -33.36 -49.32
CA PRO B 339 22.20 -32.19 -50.16
C PRO B 339 21.86 -32.42 -51.63
N ARG B 340 22.29 -33.58 -52.16
CA ARG B 340 22.07 -33.86 -53.57
C ARG B 340 20.63 -34.24 -53.87
N LYS B 341 20.04 -35.10 -53.04
CA LYS B 341 18.68 -35.57 -53.30
C LYS B 341 17.66 -34.46 -53.16
N SER B 342 17.86 -33.56 -52.19
CA SER B 342 16.94 -32.45 -51.97
C SER B 342 17.34 -31.29 -52.88
N VAL B 343 16.85 -31.35 -54.12
CA VAL B 343 17.16 -30.31 -55.10
C VAL B 343 16.22 -29.13 -54.95
N HIS B 344 14.96 -29.39 -54.57
CA HIS B 344 14.00 -28.29 -54.39
C HIS B 344 14.32 -27.50 -53.14
N ASN B 345 14.80 -28.18 -52.09
CA ASN B 345 15.16 -27.55 -50.83
C ASN B 345 16.60 -27.09 -50.91
N GLY B 346 16.82 -25.79 -51.07
CA GLY B 346 18.16 -25.24 -51.12
C GLY B 346 18.79 -24.97 -49.78
N PHE B 347 18.06 -25.15 -48.69
CA PHE B 347 18.63 -24.99 -47.36
C PHE B 347 19.27 -26.27 -46.84
N ALA B 348 19.17 -27.36 -47.60
CA ALA B 348 19.75 -28.63 -47.18
C ALA B 348 21.27 -28.59 -47.19
N LYS B 349 21.86 -27.78 -48.08
CA LYS B 349 23.31 -27.70 -48.17
C LYS B 349 23.91 -27.17 -46.86
N GLU B 350 23.41 -26.05 -46.37
CA GLU B 350 23.93 -25.50 -45.12
C GLU B 350 23.57 -26.38 -43.94
N PHE B 351 22.41 -27.04 -43.99
CA PHE B 351 22.06 -27.97 -42.92
C PHE B 351 23.07 -29.10 -42.82
N TRP B 352 23.47 -29.66 -43.97
CA TRP B 352 24.47 -30.70 -43.98
C TRP B 352 25.83 -30.18 -43.52
N GLU B 353 26.21 -28.98 -43.98
CA GLU B 353 27.51 -28.44 -43.57
C GLU B 353 27.58 -28.17 -42.09
N GLU B 354 26.50 -27.66 -41.49
CA GLU B 354 26.49 -27.35 -40.07
C GLU B 354 26.23 -28.57 -39.21
N THR B 355 25.68 -29.64 -39.77
CA THR B 355 25.43 -30.85 -39.00
C THR B 355 26.71 -31.64 -38.76
N PHE B 356 27.41 -31.99 -39.84
CA PHE B 356 28.61 -32.81 -39.77
C PHE B 356 29.89 -31.97 -39.80
N ASN B 357 29.77 -30.66 -39.71
CA ASN B 357 30.92 -29.76 -39.69
C ASN B 357 31.82 -30.00 -40.91
N CYS B 358 31.18 -30.07 -42.07
CA CYS B 358 31.83 -30.45 -43.31
C CYS B 358 31.57 -29.36 -44.36
N HIS B 359 32.28 -29.47 -45.48
CA HIS B 359 32.10 -28.56 -46.61
C HIS B 359 31.92 -29.41 -47.85
N LEU B 360 31.09 -28.93 -48.77
CA LEU B 360 30.85 -29.67 -50.01
C LEU B 360 30.74 -28.73 -51.20
N ARG B 392 37.82 -26.64 -42.66
CA ARG B 392 36.70 -27.57 -42.51
C ARG B 392 36.80 -28.69 -43.54
N PRO B 393 36.75 -29.94 -43.07
CA PRO B 393 36.98 -31.07 -43.96
C PRO B 393 35.90 -31.23 -45.02
N LEU B 394 36.31 -31.77 -46.17
CA LEU B 394 35.36 -32.15 -47.19
C LEU B 394 34.55 -33.37 -46.75
N CYS B 395 33.27 -33.38 -47.10
CA CYS B 395 32.39 -34.49 -46.76
C CYS B 395 31.80 -35.10 -48.02
N THR B 396 31.80 -36.43 -48.07
CA THR B 396 31.32 -37.14 -49.26
C THR B 396 29.83 -36.91 -49.48
N GLY B 397 29.04 -36.96 -48.41
CA GLY B 397 27.60 -36.98 -48.50
C GLY B 397 26.98 -38.26 -48.00
N ASP B 398 27.80 -39.20 -47.51
CA ASP B 398 27.32 -40.48 -46.97
C ASP B 398 27.15 -40.43 -45.46
N GLU B 399 27.17 -39.25 -44.86
CA GLU B 399 27.04 -39.15 -43.42
C GLU B 399 25.62 -39.54 -42.98
N ASN B 400 25.53 -39.99 -41.74
CA ASN B 400 24.28 -40.44 -41.16
C ASN B 400 23.72 -39.35 -40.24
N ILE B 401 22.47 -38.95 -40.50
CA ILE B 401 21.85 -37.89 -39.71
C ILE B 401 21.70 -38.34 -38.26
N SER B 402 21.44 -39.63 -38.04
CA SER B 402 21.19 -40.13 -36.70
C SER B 402 22.42 -40.08 -35.82
N SER B 403 23.60 -39.83 -36.41
CA SER B 403 24.83 -39.90 -35.65
C SER B 403 25.12 -38.62 -34.87
N VAL B 404 24.42 -37.53 -35.16
CA VAL B 404 24.75 -36.21 -34.60
C VAL B 404 23.62 -35.76 -33.70
N GLU B 405 23.98 -35.14 -32.57
CA GLU B 405 23.05 -34.63 -31.58
C GLU B 405 22.65 -33.20 -31.94
N THR B 406 21.58 -33.03 -32.70
CA THR B 406 21.07 -31.71 -33.03
C THR B 406 19.56 -31.65 -32.82
N PRO B 407 18.98 -30.46 -32.66
CA PRO B 407 17.53 -30.36 -32.49
C PRO B 407 16.71 -30.86 -33.67
N TYR B 408 17.35 -31.13 -34.80
CA TYR B 408 16.63 -31.55 -36.01
C TYR B 408 15.86 -32.85 -35.81
N ILE B 409 16.55 -33.95 -35.51
CA ILE B 409 15.91 -35.23 -35.23
C ILE B 409 15.65 -35.42 -33.74
N ASP B 410 16.44 -34.80 -32.88
CA ASP B 410 16.41 -35.11 -31.45
C ASP B 410 15.45 -34.17 -30.74
N TYR B 411 14.17 -34.42 -30.99
CA TYR B 411 13.05 -33.73 -30.38
C TYR B 411 12.14 -34.77 -29.74
N THR B 412 11.31 -34.31 -28.80
CA THR B 412 10.35 -35.19 -28.16
C THR B 412 8.92 -34.96 -28.62
N HIS B 413 8.52 -33.70 -28.80
CA HIS B 413 7.17 -33.35 -29.20
C HIS B 413 7.20 -32.39 -30.36
N LEU B 414 6.22 -32.51 -31.25
CA LEU B 414 6.05 -31.58 -32.36
C LEU B 414 4.98 -30.57 -31.96
N ARG B 415 5.39 -29.33 -31.69
CA ARG B 415 4.45 -28.29 -31.29
C ARG B 415 4.37 -27.18 -32.32
N ILE B 416 5.49 -26.51 -32.62
CA ILE B 416 5.47 -25.53 -33.71
C ILE B 416 5.48 -26.23 -35.05
N SER B 417 6.13 -27.40 -35.12
CA SER B 417 6.09 -28.18 -36.35
C SER B 417 4.67 -28.59 -36.69
N TYR B 418 3.89 -29.00 -35.68
CA TYR B 418 2.49 -29.30 -35.90
C TYR B 418 1.72 -28.06 -36.33
N ASN B 419 2.09 -26.89 -35.82
CA ASN B 419 1.45 -25.65 -36.26
C ASN B 419 1.73 -25.36 -37.72
N VAL B 420 2.96 -25.61 -38.18
CA VAL B 420 3.30 -25.44 -39.59
C VAL B 420 2.47 -26.40 -40.44
N TYR B 421 2.42 -27.65 -40.01
CA TYR B 421 1.61 -28.67 -40.69
C TYR B 421 0.15 -28.23 -40.77
N LEU B 422 -0.40 -27.72 -39.68
CA LEU B 422 -1.80 -27.28 -39.66
C LEU B 422 -2.03 -26.05 -40.53
N ALA B 423 -1.06 -25.14 -40.59
CA ALA B 423 -1.21 -23.99 -41.47
C ALA B 423 -1.29 -24.43 -42.92
N VAL B 424 -0.41 -25.34 -43.32
CA VAL B 424 -0.44 -25.83 -44.70
C VAL B 424 -1.75 -26.55 -44.98
N TYR B 425 -2.21 -27.38 -44.03
CA TYR B 425 -3.44 -28.12 -44.26
C TYR B 425 -4.68 -27.21 -44.22
N SER B 426 -4.62 -26.12 -43.46
CA SER B 426 -5.71 -25.16 -43.48
C SER B 426 -5.82 -24.47 -44.84
N ILE B 427 -4.68 -24.07 -45.40
CA ILE B 427 -4.71 -23.50 -46.75
C ILE B 427 -5.21 -24.54 -47.75
N ALA B 428 -4.76 -25.79 -47.60
CA ALA B 428 -5.20 -26.84 -48.52
C ALA B 428 -6.69 -27.08 -48.42
N HIS B 429 -7.24 -27.04 -47.21
CA HIS B 429 -8.67 -27.28 -47.05
C HIS B 429 -9.50 -26.11 -47.54
N ALA B 430 -8.99 -24.89 -47.41
CA ALA B 430 -9.65 -23.75 -48.04
C ALA B 430 -9.68 -23.90 -49.56
N LEU B 431 -8.55 -24.33 -50.14
CA LEU B 431 -8.52 -24.55 -51.58
C LEU B 431 -9.45 -25.68 -51.99
N GLN B 432 -9.55 -26.73 -51.17
CA GLN B 432 -10.47 -27.81 -51.46
C GLN B 432 -11.93 -27.33 -51.40
N ASP B 433 -12.24 -26.47 -50.44
CA ASP B 433 -13.58 -25.91 -50.35
C ASP B 433 -13.90 -25.06 -51.56
N ILE B 434 -12.91 -24.32 -52.07
CA ILE B 434 -13.09 -23.61 -53.33
C ILE B 434 -13.33 -24.59 -54.46
N TYR B 435 -12.56 -25.69 -54.48
CA TYR B 435 -12.63 -26.64 -55.58
C TYR B 435 -13.95 -27.40 -55.60
N THR B 436 -14.49 -27.74 -54.43
CA THR B 436 -15.74 -28.48 -54.34
C THR B 436 -16.96 -27.59 -54.11
N CYS B 437 -16.90 -26.34 -54.54
CA CYS B 437 -18.02 -25.42 -54.31
C CYS B 437 -19.16 -25.71 -55.28
N LEU B 438 -20.33 -26.03 -54.72
CA LEU B 438 -21.52 -26.18 -55.54
C LEU B 438 -21.99 -24.82 -56.04
N PRO B 439 -22.39 -24.74 -57.32
CA PRO B 439 -22.51 -23.43 -57.98
C PRO B 439 -23.40 -22.42 -57.28
N GLY B 440 -24.48 -22.86 -56.63
CA GLY B 440 -25.39 -21.96 -55.97
C GLY B 440 -25.22 -21.81 -54.47
N ARG B 441 -24.18 -22.40 -53.88
CA ARG B 441 -23.97 -22.35 -52.44
C ARG B 441 -22.64 -21.72 -52.06
N GLY B 442 -22.09 -20.86 -52.92
CA GLY B 442 -20.82 -20.25 -52.62
C GLY B 442 -20.92 -19.13 -51.59
N LEU B 443 -19.76 -18.72 -51.11
CA LEU B 443 -19.66 -17.62 -50.16
C LEU B 443 -19.59 -16.25 -50.84
N PHE B 444 -19.57 -16.22 -52.17
CA PHE B 444 -19.36 -14.99 -52.91
C PHE B 444 -20.68 -14.35 -53.29
N THR B 445 -20.62 -13.34 -54.16
CA THR B 445 -21.81 -12.61 -54.58
C THR B 445 -22.79 -13.55 -55.28
N ASN B 446 -24.05 -13.49 -54.86
CA ASN B 446 -25.12 -14.34 -55.36
C ASN B 446 -24.81 -15.82 -55.19
N GLY B 447 -24.03 -16.18 -54.17
CA GLY B 447 -23.67 -17.57 -53.96
C GLY B 447 -22.75 -18.14 -55.01
N SER B 448 -22.05 -17.30 -55.76
CA SER B 448 -21.15 -17.78 -56.80
C SER B 448 -19.92 -18.43 -56.18
N CYS B 449 -19.22 -19.23 -56.99
CA CYS B 449 -18.04 -19.96 -56.55
C CYS B 449 -16.84 -19.57 -57.39
N ALA B 450 -15.66 -19.63 -56.78
CA ALA B 450 -14.43 -19.28 -57.48
C ALA B 450 -13.95 -20.42 -58.37
N ASP B 451 -13.30 -20.06 -59.46
CA ASP B 451 -12.65 -21.02 -60.34
C ASP B 451 -11.30 -21.41 -59.75
N ILE B 452 -11.15 -22.68 -59.40
CA ILE B 452 -9.90 -23.13 -58.77
C ILE B 452 -8.74 -23.02 -59.74
N LYS B 453 -9.03 -23.03 -61.04
CA LYS B 453 -7.97 -22.87 -62.03
C LYS B 453 -7.47 -21.43 -62.08
N LYS B 454 -8.35 -20.46 -61.80
CA LYS B 454 -7.97 -19.06 -61.81
C LYS B 454 -8.25 -18.43 -60.45
N VAL B 455 -7.87 -19.12 -59.38
CA VAL B 455 -8.19 -18.65 -58.04
C VAL B 455 -7.32 -17.45 -57.67
N GLU B 456 -7.87 -16.57 -56.85
CA GLU B 456 -7.19 -15.38 -56.37
C GLU B 456 -7.02 -15.45 -54.87
N ALA B 457 -6.02 -14.72 -54.36
CA ALA B 457 -5.66 -14.83 -52.95
C ALA B 457 -6.79 -14.40 -52.04
N TRP B 458 -7.55 -13.37 -52.43
CA TRP B 458 -8.63 -12.89 -51.57
C TRP B 458 -9.72 -13.95 -51.43
N GLN B 459 -9.94 -14.75 -52.46
CA GLN B 459 -10.92 -15.83 -52.38
C GLN B 459 -10.47 -16.90 -51.39
N VAL B 460 -9.18 -17.24 -51.40
CA VAL B 460 -8.64 -18.18 -50.42
C VAL B 460 -8.75 -17.60 -49.01
N LEU B 461 -8.50 -16.30 -48.87
CA LEU B 461 -8.66 -15.66 -47.57
C LEU B 461 -10.10 -15.73 -47.07
N LYS B 462 -11.06 -15.48 -47.97
CA LYS B 462 -12.46 -15.57 -47.62
C LYS B 462 -12.83 -16.99 -47.18
N HIS B 463 -12.31 -17.99 -47.87
CA HIS B 463 -12.61 -19.37 -47.47
C HIS B 463 -11.89 -19.75 -46.18
N LEU B 464 -10.74 -19.14 -45.91
CA LEU B 464 -10.03 -19.39 -44.66
C LEU B 464 -10.78 -18.81 -43.47
N ARG B 465 -11.40 -17.63 -43.66
CA ARG B 465 -12.19 -17.06 -42.57
C ARG B 465 -13.40 -17.92 -42.22
N HIS B 466 -13.82 -18.78 -43.14
CA HIS B 466 -14.96 -19.68 -42.91
C HIS B 466 -14.54 -21.13 -42.78
N LEU B 467 -13.24 -21.38 -42.61
CA LEU B 467 -12.71 -22.73 -42.64
C LEU B 467 -13.08 -23.50 -41.37
N ASN B 468 -13.40 -24.78 -41.55
CA ASN B 468 -13.72 -25.67 -40.44
C ASN B 468 -13.44 -27.08 -40.92
N PHE B 469 -12.31 -27.65 -40.54
CA PHE B 469 -11.92 -28.95 -41.05
C PHE B 469 -11.39 -29.85 -39.93
N THR B 470 -11.49 -31.16 -40.16
CA THR B 470 -11.09 -32.12 -39.15
C THR B 470 -9.65 -32.53 -39.36
N ASN B 471 -8.89 -32.61 -38.26
CA ASN B 471 -7.47 -32.91 -38.28
C ASN B 471 -7.22 -34.36 -38.66
N ASN B 472 -5.93 -34.72 -38.76
CA ASN B 472 -5.54 -36.11 -38.74
C ASN B 472 -5.72 -36.73 -37.37
N MET B 473 -5.83 -35.92 -36.32
CA MET B 473 -6.03 -36.39 -34.96
C MET B 473 -7.48 -36.30 -34.51
N GLY B 474 -8.41 -36.01 -35.41
CA GLY B 474 -9.81 -35.89 -35.04
C GLY B 474 -10.12 -34.69 -34.16
N GLU B 475 -9.54 -33.54 -34.47
CA GLU B 475 -9.85 -32.28 -33.80
C GLU B 475 -10.30 -31.26 -34.83
N GLN B 476 -11.33 -30.49 -34.48
CA GLN B 476 -11.86 -29.48 -35.39
C GLN B 476 -10.96 -28.25 -35.37
N VAL B 477 -10.48 -27.86 -36.54
CA VAL B 477 -9.66 -26.66 -36.70
C VAL B 477 -10.52 -25.64 -37.41
N THR B 478 -10.72 -24.49 -36.75
CA THR B 478 -11.50 -23.38 -37.28
C THR B 478 -10.97 -22.10 -36.66
N PHE B 479 -10.94 -21.04 -37.44
CA PHE B 479 -10.49 -19.75 -36.96
C PHE B 479 -11.70 -18.88 -36.61
N ASP B 480 -11.53 -18.02 -35.60
CA ASP B 480 -12.58 -17.10 -35.23
C ASP B 480 -12.46 -15.82 -36.05
N GLU B 481 -13.20 -14.79 -35.65
CA GLU B 481 -13.16 -13.52 -36.37
C GLU B 481 -11.77 -12.90 -36.33
N CYS B 482 -11.09 -13.02 -35.20
CA CYS B 482 -9.73 -12.51 -35.07
C CYS B 482 -8.68 -13.40 -35.71
N GLY B 483 -9.08 -14.52 -36.30
CA GLY B 483 -8.14 -15.42 -36.93
C GLY B 483 -7.32 -16.26 -35.98
N ASP B 484 -7.80 -16.47 -34.76
CA ASP B 484 -7.04 -17.18 -33.73
C ASP B 484 -7.50 -18.63 -33.61
N LEU B 485 -6.56 -19.51 -33.31
CA LEU B 485 -6.82 -20.92 -33.04
C LEU B 485 -6.57 -21.19 -31.57
N VAL B 486 -7.65 -21.33 -30.80
CA VAL B 486 -7.53 -21.53 -29.36
C VAL B 486 -6.95 -22.91 -29.07
N GLY B 487 -6.20 -23.02 -27.99
CA GLY B 487 -5.56 -24.28 -27.65
C GLY B 487 -5.10 -24.32 -26.22
N ASN B 488 -4.95 -25.53 -25.70
CA ASN B 488 -4.49 -25.75 -24.34
C ASN B 488 -3.01 -25.41 -24.20
N TYR B 489 -2.55 -25.32 -22.96
CA TYR B 489 -1.14 -25.20 -22.66
C TYR B 489 -0.71 -26.36 -21.77
N SER B 490 0.52 -26.82 -21.95
CA SER B 490 1.15 -27.70 -20.98
C SER B 490 2.13 -26.90 -20.14
N ILE B 491 2.32 -27.32 -18.90
CA ILE B 491 3.21 -26.64 -17.96
C ILE B 491 4.37 -27.57 -17.66
N ILE B 492 5.58 -27.11 -17.95
CA ILE B 492 6.77 -27.93 -17.93
C ILE B 492 7.77 -27.34 -16.94
N ASN B 493 8.66 -28.20 -16.44
CA ASN B 493 9.68 -27.82 -15.48
C ASN B 493 11.04 -28.28 -16.00
N TRP B 494 12.05 -27.43 -15.84
CA TRP B 494 13.39 -27.72 -16.35
C TRP B 494 14.14 -28.58 -15.35
N HIS B 495 14.33 -29.86 -15.67
CA HIS B 495 15.06 -30.77 -14.82
C HIS B 495 16.40 -31.12 -15.47
N LEU B 496 17.28 -31.72 -14.67
CA LEU B 496 18.57 -32.18 -15.15
C LEU B 496 18.52 -33.69 -15.37
N SER B 497 19.04 -34.13 -16.50
CA SER B 497 19.03 -35.56 -16.79
C SER B 497 20.21 -36.25 -16.10
N PRO B 498 19.95 -37.23 -15.24
CA PRO B 498 21.08 -37.94 -14.60
C PRO B 498 21.93 -38.70 -15.59
N GLU B 499 21.33 -39.36 -16.58
CA GLU B 499 22.10 -40.15 -17.53
C GLU B 499 22.90 -39.26 -18.48
N ASP B 500 22.25 -38.24 -19.04
CA ASP B 500 22.85 -37.45 -20.10
C ASP B 500 23.43 -36.13 -19.64
N GLY B 501 22.87 -35.52 -18.60
CA GLY B 501 23.31 -34.21 -18.16
C GLY B 501 22.66 -33.06 -18.88
N SER B 502 21.84 -33.32 -19.90
CA SER B 502 21.11 -32.28 -20.60
C SER B 502 19.85 -31.91 -19.81
N ILE B 503 19.24 -30.81 -20.23
CA ILE B 503 18.03 -30.33 -19.58
C ILE B 503 16.83 -31.08 -20.13
N VAL B 504 16.02 -31.63 -19.23
CA VAL B 504 14.86 -32.43 -19.56
C VAL B 504 13.62 -31.64 -19.18
N PHE B 505 12.68 -31.50 -20.12
CA PHE B 505 11.44 -30.77 -19.89
C PHE B 505 10.38 -31.76 -19.40
N LYS B 506 10.13 -31.74 -18.10
CA LYS B 506 9.12 -32.61 -17.51
C LYS B 506 7.78 -31.87 -17.42
N GLU B 507 6.72 -32.49 -17.91
CA GLU B 507 5.40 -31.90 -17.79
C GLU B 507 4.92 -31.99 -16.35
N VAL B 508 4.63 -30.84 -15.75
CA VAL B 508 4.17 -30.78 -14.36
C VAL B 508 2.73 -30.28 -14.24
N GLY B 509 2.10 -29.89 -15.34
CA GLY B 509 0.71 -29.49 -15.24
C GLY B 509 0.16 -29.10 -16.59
N TYR B 510 -1.01 -28.47 -16.55
CA TYR B 510 -1.63 -27.97 -17.77
C TYR B 510 -2.47 -26.75 -17.47
N TYR B 511 -2.82 -26.04 -18.53
CA TYR B 511 -3.72 -24.90 -18.49
C TYR B 511 -4.82 -25.17 -19.52
N ASN B 512 -6.04 -25.40 -19.03
CA ASN B 512 -7.20 -25.74 -19.84
C ASN B 512 -7.97 -24.45 -20.13
N VAL B 513 -7.70 -23.86 -21.30
CA VAL B 513 -8.32 -22.60 -21.66
C VAL B 513 -9.81 -22.74 -21.89
N TYR B 514 -10.30 -23.97 -22.10
CA TYR B 514 -11.72 -24.20 -22.29
C TYR B 514 -12.50 -24.17 -20.99
N ALA B 515 -11.81 -24.13 -19.85
CA ALA B 515 -12.47 -24.14 -18.55
C ALA B 515 -12.83 -22.73 -18.12
N LYS B 516 -13.71 -22.65 -17.12
CA LYS B 516 -14.10 -21.38 -16.55
C LYS B 516 -13.00 -20.87 -15.61
N LYS B 517 -12.96 -19.55 -15.44
CA LYS B 517 -11.88 -18.92 -14.68
C LYS B 517 -11.79 -19.47 -13.27
N GLY B 518 -10.56 -19.75 -12.82
CA GLY B 518 -10.32 -20.36 -11.54
C GLY B 518 -10.16 -21.86 -11.59
N GLU B 519 -10.59 -22.52 -12.66
CA GLU B 519 -10.44 -23.96 -12.81
C GLU B 519 -9.56 -24.35 -13.99
N ARG B 520 -8.91 -23.37 -14.64
CA ARG B 520 -8.12 -23.67 -15.82
C ARG B 520 -6.77 -24.28 -15.46
N LEU B 521 -6.19 -23.87 -14.34
CA LEU B 521 -4.84 -24.27 -14.00
C LEU B 521 -4.83 -25.58 -13.20
N PHE B 522 -3.99 -26.52 -13.64
CA PHE B 522 -3.70 -27.72 -12.87
C PHE B 522 -2.20 -27.89 -12.77
N ILE B 523 -1.70 -28.11 -11.56
CA ILE B 523 -0.27 -28.33 -11.33
C ILE B 523 -0.10 -29.46 -10.34
N ASN B 524 0.79 -30.38 -10.66
CA ASN B 524 1.17 -31.49 -9.78
C ASN B 524 2.53 -31.14 -9.18
N GLU B 525 2.51 -30.55 -7.99
CA GLU B 525 3.74 -29.98 -7.41
C GLU B 525 4.74 -31.04 -7.00
N GLU B 526 4.32 -32.29 -6.81
CA GLU B 526 5.27 -33.33 -6.44
C GLU B 526 6.28 -33.60 -7.56
N LYS B 527 5.90 -33.29 -8.79
CA LYS B 527 6.81 -33.44 -9.91
C LYS B 527 7.71 -32.23 -10.12
N ILE B 528 7.52 -31.16 -9.36
CA ILE B 528 8.30 -29.94 -9.53
C ILE B 528 9.53 -29.98 -8.64
N LEU B 529 10.69 -29.70 -9.23
CA LEU B 529 11.94 -29.53 -8.50
C LEU B 529 12.36 -28.07 -8.61
N TRP B 530 12.17 -27.32 -7.53
CA TRP B 530 12.48 -25.89 -7.53
C TRP B 530 13.99 -25.68 -7.61
N SER B 531 14.39 -24.73 -8.44
CA SER B 531 15.79 -24.46 -8.77
C SER B 531 16.51 -25.67 -9.34
N GLY B 532 15.76 -26.69 -9.77
CA GLY B 532 16.33 -27.88 -10.34
C GLY B 532 16.58 -29.01 -9.36
N PHE B 533 16.63 -28.72 -8.06
CA PHE B 533 16.95 -29.73 -7.07
C PHE B 533 16.08 -29.71 -5.82
N SER B 534 15.34 -28.65 -5.55
CA SER B 534 14.70 -28.45 -4.26
C SER B 534 13.24 -28.89 -4.30
N ARG B 535 12.79 -29.48 -3.19
CA ARG B 535 11.42 -29.96 -3.04
C ARG B 535 10.55 -29.04 -2.20
N GLU B 536 11.07 -27.88 -1.80
CA GLU B 536 10.29 -26.93 -1.01
C GLU B 536 9.93 -25.74 -1.88
N VAL B 537 8.65 -25.36 -1.85
CA VAL B 537 8.23 -24.16 -2.59
C VAL B 537 8.99 -22.96 -2.06
N PRO B 538 9.60 -22.14 -2.90
CA PRO B 538 10.36 -20.99 -2.40
C PRO B 538 9.44 -19.87 -1.94
N PHE B 539 10.03 -18.95 -1.20
CA PHE B 539 9.31 -17.84 -0.60
C PHE B 539 9.55 -16.59 -1.45
N SER B 540 8.47 -16.01 -1.97
CA SER B 540 8.56 -14.86 -2.86
C SER B 540 7.52 -13.80 -2.45
N ASN B 541 7.50 -13.48 -1.16
CA ASN B 541 6.69 -12.39 -0.64
C ASN B 541 7.63 -11.29 -0.15
N CYS B 542 7.19 -10.04 -0.28
CA CYS B 542 8.02 -8.91 0.14
C CYS B 542 8.24 -8.94 1.64
N SER B 543 7.19 -9.22 2.41
CA SER B 543 7.27 -9.24 3.86
C SER B 543 6.67 -10.54 4.37
N ARG B 544 7.20 -11.03 5.49
CA ARG B 544 6.59 -12.16 6.17
C ARG B 544 5.24 -11.74 6.73
N ASP B 545 4.34 -12.71 6.86
CA ASP B 545 3.01 -12.43 7.35
C ASP B 545 3.02 -11.96 8.80
N CYS B 546 2.08 -11.08 9.14
CA CYS B 546 1.97 -10.56 10.50
C CYS B 546 1.17 -11.53 11.36
N LEU B 547 1.75 -11.96 12.47
CA LEU B 547 1.17 -12.99 13.32
C LEU B 547 -0.14 -12.55 13.93
N ALA B 548 -0.82 -13.47 14.60
CA ALA B 548 -1.90 -13.08 15.47
C ALA B 548 -1.33 -12.32 16.64
N GLY B 549 -2.04 -11.29 17.06
CA GLY B 549 -1.50 -10.37 18.02
C GLY B 549 -0.86 -9.16 17.42
N THR B 550 -0.65 -9.14 16.11
CA THR B 550 -0.07 -8.00 15.42
C THR B 550 -1.03 -7.51 14.35
N ARG B 551 -0.57 -6.54 13.59
CA ARG B 551 -1.31 -5.92 12.50
C ARG B 551 -0.31 -5.33 11.52
N LYS B 552 -0.81 -4.99 10.33
CA LYS B 552 0.08 -4.43 9.30
C LYS B 552 0.16 -2.92 9.40
N GLY B 553 1.34 -2.38 9.08
CA GLY B 553 1.56 -0.96 9.03
C GLY B 553 2.29 -0.57 7.76
N ILE B 554 2.00 0.64 7.27
CA ILE B 554 2.48 1.08 5.97
C ILE B 554 3.95 1.46 6.05
N ILE B 555 4.71 1.02 5.05
CA ILE B 555 6.07 1.51 4.82
C ILE B 555 5.98 2.53 3.68
N GLU B 556 6.31 3.78 3.98
CA GLU B 556 6.13 4.85 3.00
C GLU B 556 7.02 4.64 1.78
N GLY B 557 6.44 4.91 0.61
CA GLY B 557 7.15 4.75 -0.63
C GLY B 557 7.33 3.32 -1.12
N GLU B 558 6.50 2.40 -0.64
CA GLU B 558 6.62 0.99 -0.99
C GLU B 558 5.25 0.41 -1.29
N PRO B 559 5.20 -0.66 -2.09
CA PRO B 559 3.90 -1.24 -2.45
C PRO B 559 3.18 -1.84 -1.25
N THR B 560 1.91 -2.18 -1.47
CA THR B 560 1.09 -2.74 -0.40
C THR B 560 1.63 -4.07 0.08
N CYS B 561 2.32 -4.81 -0.80
CA CYS B 561 2.84 -6.12 -0.43
C CYS B 561 3.91 -6.01 0.64
N CYS B 562 4.56 -4.86 0.74
CA CYS B 562 5.63 -4.64 1.70
C CYS B 562 5.09 -3.87 2.89
N PHE B 563 4.94 -4.55 4.03
CA PHE B 563 4.35 -3.98 5.22
C PHE B 563 5.21 -4.31 6.43
N GLU B 564 5.10 -3.50 7.47
CA GLU B 564 5.76 -3.77 8.74
C GLU B 564 4.74 -4.35 9.71
N CYS B 565 5.21 -5.18 10.64
CA CYS B 565 4.34 -5.78 11.64
C CYS B 565 4.40 -4.97 12.93
N VAL B 566 3.23 -4.50 13.38
CA VAL B 566 3.11 -3.69 14.58
C VAL B 566 2.12 -4.38 15.52
N GLU B 567 2.52 -4.58 16.76
CA GLU B 567 1.66 -5.31 17.68
C GLU B 567 0.43 -4.49 18.01
N CYS B 568 -0.63 -5.16 18.39
CA CYS B 568 -1.87 -4.49 18.70
C CYS B 568 -1.71 -3.64 19.96
N PRO B 569 -2.50 -2.58 20.09
CA PRO B 569 -2.48 -1.81 21.33
C PRO B 569 -3.12 -2.60 22.45
N ASP B 570 -2.88 -2.15 23.68
CA ASP B 570 -3.57 -2.73 24.81
C ASP B 570 -5.07 -2.60 24.63
N GLY B 571 -5.78 -3.69 24.85
CA GLY B 571 -7.22 -3.70 24.73
C GLY B 571 -7.75 -4.05 23.38
N GLU B 572 -6.89 -4.29 22.39
CA GLU B 572 -7.31 -4.64 21.04
C GLU B 572 -6.69 -5.97 20.67
N TYR B 573 -7.49 -6.82 20.07
CA TYR B 573 -7.08 -8.18 19.76
C TYR B 573 -7.06 -8.36 18.25
N SER B 574 -6.05 -9.07 17.77
CA SER B 574 -6.03 -9.50 16.39
C SER B 574 -5.74 -10.99 16.34
N ASP B 575 -6.76 -11.78 16.07
CA ASP B 575 -6.65 -13.22 16.05
C ASP B 575 -6.48 -13.77 14.65
N GLU B 576 -6.39 -12.92 13.64
CA GLU B 576 -6.19 -13.36 12.27
C GLU B 576 -4.78 -12.99 11.84
N THR B 577 -4.06 -13.96 11.29
CA THR B 577 -2.77 -13.68 10.68
C THR B 577 -2.97 -12.74 9.48
N ASP B 578 -2.04 -11.79 9.33
CA ASP B 578 -2.15 -10.73 8.33
C ASP B 578 -3.43 -9.93 8.53
N ALA B 579 -3.55 -9.26 9.67
CA ALA B 579 -4.69 -8.42 9.96
C ALA B 579 -4.37 -7.00 9.58
N SER B 580 -5.24 -6.39 8.77
CA SER B 580 -5.02 -5.00 8.35
C SER B 580 -5.05 -4.07 9.54
N ALA B 581 -5.97 -4.32 10.48
CA ALA B 581 -6.14 -3.46 11.65
C ALA B 581 -6.49 -4.34 12.82
N CYS B 582 -6.24 -3.80 14.01
CA CYS B 582 -6.45 -4.52 15.25
C CYS B 582 -7.88 -4.31 15.72
N ASN B 583 -8.61 -5.39 15.90
CA ASN B 583 -10.00 -5.30 16.29
C ASN B 583 -10.10 -4.97 17.77
N LYS B 584 -10.99 -4.04 18.10
CA LYS B 584 -11.20 -3.70 19.50
C LYS B 584 -12.06 -4.75 20.17
N CYS B 585 -11.88 -4.91 21.47
CA CYS B 585 -12.69 -5.86 22.19
C CYS B 585 -13.96 -5.21 22.71
N PRO B 586 -15.02 -5.98 22.94
CA PRO B 586 -16.29 -5.40 23.39
C PRO B 586 -16.16 -4.78 24.77
N ASP B 587 -17.27 -4.22 25.25
CA ASP B 587 -17.21 -3.38 26.44
C ASP B 587 -16.74 -4.17 27.66
N ASP B 588 -17.14 -5.43 27.77
CA ASP B 588 -16.87 -6.23 28.96
C ASP B 588 -15.68 -7.15 28.81
N PHE B 589 -14.87 -6.99 27.76
CA PHE B 589 -13.74 -7.86 27.49
C PHE B 589 -12.47 -7.03 27.40
N TRP B 590 -11.33 -7.71 27.56
CA TRP B 590 -10.03 -7.06 27.46
C TRP B 590 -9.05 -8.00 26.79
N SER B 591 -8.03 -7.42 26.18
CA SER B 591 -7.13 -8.13 25.28
C SER B 591 -6.31 -9.17 26.01
N ASN B 592 -6.04 -10.28 25.32
CA ASN B 592 -5.18 -11.33 25.80
C ASN B 592 -3.77 -10.78 26.06
N GLU B 593 -2.92 -11.62 26.64
CA GLU B 593 -1.56 -11.16 26.96
C GLU B 593 -0.79 -10.80 25.70
N ASN B 594 -0.92 -11.60 24.65
CA ASN B 594 -0.29 -11.32 23.36
C ASN B 594 -1.25 -10.72 22.34
N HIS B 595 -2.45 -10.36 22.76
CA HIS B 595 -3.47 -9.78 21.90
C HIS B 595 -3.91 -10.72 20.79
N THR B 596 -3.63 -12.01 20.93
CA THR B 596 -4.07 -12.98 19.94
C THR B 596 -5.50 -13.41 20.15
N SER B 597 -6.15 -12.86 21.17
CA SER B 597 -7.56 -13.07 21.49
C SER B 597 -7.89 -12.04 22.55
N CYS B 598 -9.12 -12.09 23.07
CA CYS B 598 -9.39 -11.37 24.30
C CYS B 598 -10.41 -12.07 25.17
N ILE B 599 -10.24 -11.90 26.47
CA ILE B 599 -10.92 -12.66 27.51
C ILE B 599 -11.83 -11.71 28.27
N ALA B 600 -12.88 -12.25 28.88
CA ALA B 600 -13.83 -11.44 29.62
C ALA B 600 -13.17 -10.77 30.82
N LYS B 601 -13.59 -9.55 31.12
CA LYS B 601 -13.05 -8.81 32.24
C LYS B 601 -13.46 -9.47 33.56
N GLU B 602 -12.54 -9.49 34.53
CA GLU B 602 -12.87 -10.01 35.84
C GLU B 602 -13.75 -9.02 36.59
N ILE B 603 -14.86 -9.52 37.13
CA ILE B 603 -15.76 -8.72 37.96
C ILE B 603 -15.31 -8.82 39.40
N GLU B 604 -15.27 -7.69 40.09
CA GLU B 604 -14.73 -7.62 41.44
C GLU B 604 -15.76 -7.05 42.39
N PHE B 605 -16.00 -7.76 43.48
CA PHE B 605 -16.82 -7.32 44.60
C PHE B 605 -16.38 -8.14 45.82
N LEU B 606 -17.17 -8.06 46.89
CA LEU B 606 -16.90 -8.81 48.12
C LEU B 606 -17.81 -10.04 48.11
N SER B 607 -17.25 -11.19 47.75
CA SER B 607 -18.04 -12.39 47.59
C SER B 607 -18.15 -13.16 48.91
N TRP B 608 -19.25 -13.90 49.04
CA TRP B 608 -19.45 -14.74 50.23
C TRP B 608 -18.39 -15.83 50.30
N THR B 609 -18.10 -16.47 49.16
CA THR B 609 -17.17 -17.59 49.13
C THR B 609 -15.74 -17.14 49.42
N GLU B 610 -15.45 -15.86 49.21
CA GLU B 610 -14.11 -15.35 49.43
C GLU B 610 -13.72 -15.54 50.89
N PRO B 611 -12.47 -15.94 51.17
CA PRO B 611 -12.08 -16.17 52.57
C PRO B 611 -12.25 -14.95 53.46
N PHE B 612 -11.96 -13.76 52.93
CA PHE B 612 -12.14 -12.54 53.72
C PHE B 612 -13.61 -12.30 54.02
N GLY B 613 -14.47 -12.50 53.02
CA GLY B 613 -15.90 -12.43 53.21
C GLY B 613 -16.39 -13.49 54.18
N ILE B 614 -15.76 -14.67 54.14
CA ILE B 614 -16.11 -15.73 55.09
C ILE B 614 -15.79 -15.29 56.51
N ALA B 615 -14.62 -14.66 56.70
CA ALA B 615 -14.27 -14.17 58.03
C ALA B 615 -15.23 -13.08 58.50
N LEU B 616 -15.59 -12.16 57.61
CA LEU B 616 -16.53 -11.11 57.97
C LEU B 616 -17.89 -11.68 58.34
N THR B 617 -18.40 -12.63 57.57
CA THR B 617 -19.68 -13.25 57.87
C THR B 617 -19.61 -14.05 59.17
N LEU B 618 -18.46 -14.69 59.43
CA LEU B 618 -18.28 -15.41 60.68
C LEU B 618 -18.35 -14.46 61.87
N PHE B 619 -17.69 -13.30 61.78
CA PHE B 619 -17.75 -12.35 62.88
C PHE B 619 -19.16 -11.76 63.03
N ALA B 620 -19.86 -11.54 61.93
CA ALA B 620 -21.24 -11.05 62.03
C ALA B 620 -22.14 -12.06 62.72
N VAL B 621 -22.02 -13.33 62.36
CA VAL B 621 -22.84 -14.37 62.99
C VAL B 621 -22.43 -14.54 64.46
N LEU B 622 -21.14 -14.36 64.76
CA LEU B 622 -20.70 -14.38 66.15
C LEU B 622 -21.33 -13.24 66.95
N GLY B 623 -21.41 -12.05 66.36
CA GLY B 623 -22.08 -10.95 67.03
C GLY B 623 -23.55 -11.23 67.27
N ILE B 624 -24.22 -11.83 66.28
CA ILE B 624 -25.61 -12.20 66.46
C ILE B 624 -25.75 -13.23 67.58
N PHE B 625 -24.83 -14.20 67.63
CA PHE B 625 -24.87 -15.20 68.70
C PHE B 625 -24.68 -14.57 70.07
N LEU B 626 -23.73 -13.63 70.19
CA LEU B 626 -23.54 -12.97 71.49
C LEU B 626 -24.75 -12.14 71.88
N THR B 627 -25.36 -11.44 70.93
CA THR B 627 -26.56 -10.67 71.22
C THR B 627 -27.70 -11.59 71.66
N ALA B 628 -27.88 -12.72 70.97
CA ALA B 628 -28.91 -13.67 71.37
C ALA B 628 -28.62 -14.28 72.72
N PHE B 629 -27.35 -14.54 73.03
CA PHE B 629 -26.97 -15.08 74.33
C PHE B 629 -27.30 -14.09 75.45
N VAL B 630 -26.96 -12.82 75.26
CA VAL B 630 -27.28 -11.80 76.25
C VAL B 630 -28.78 -11.67 76.40
N LEU B 631 -29.52 -11.67 75.29
CA LEU B 631 -30.97 -11.54 75.35
C LEU B 631 -31.59 -12.72 76.07
N GLY B 632 -31.10 -13.94 75.80
CA GLY B 632 -31.61 -15.10 76.50
C GLY B 632 -31.32 -15.05 77.98
N VAL B 633 -30.12 -14.60 78.36
CA VAL B 633 -29.79 -14.45 79.77
C VAL B 633 -30.76 -13.48 80.43
N PHE B 634 -31.06 -12.37 79.75
CA PHE B 634 -31.98 -11.38 80.30
C PHE B 634 -33.39 -11.94 80.43
N ILE B 635 -33.85 -12.69 79.43
CA ILE B 635 -35.22 -13.20 79.47
C ILE B 635 -35.37 -14.27 80.55
N LYS B 636 -34.39 -15.17 80.64
CA LYS B 636 -34.52 -16.26 81.60
C LYS B 636 -34.37 -15.76 83.04
N PHE B 637 -33.53 -14.75 83.26
CA PHE B 637 -33.22 -14.27 84.60
C PHE B 637 -33.63 -12.81 84.79
N ARG B 638 -34.81 -12.46 84.29
CA ARG B 638 -35.27 -11.07 84.37
C ARG B 638 -35.66 -10.69 85.79
N ASN B 639 -36.03 -11.68 86.62
CA ASN B 639 -36.51 -11.38 87.96
C ASN B 639 -35.39 -10.96 88.89
N THR B 640 -34.14 -11.17 88.50
CA THR B 640 -33.02 -10.77 89.33
C THR B 640 -33.00 -9.24 89.45
N PRO B 641 -32.53 -8.70 90.58
CA PRO B 641 -32.57 -7.23 90.75
C PRO B 641 -31.77 -6.48 89.70
N ILE B 642 -30.71 -7.08 89.15
CA ILE B 642 -29.90 -6.38 88.16
C ILE B 642 -30.70 -6.12 86.89
N VAL B 643 -31.48 -7.09 86.44
CA VAL B 643 -32.27 -6.90 85.23
C VAL B 643 -33.42 -5.94 85.49
N LYS B 644 -33.98 -5.98 86.70
CA LYS B 644 -35.07 -5.07 87.03
C LYS B 644 -34.58 -3.63 87.14
N ALA B 645 -33.35 -3.43 87.59
CA ALA B 645 -32.82 -2.07 87.75
C ALA B 645 -32.79 -1.33 86.41
N THR B 646 -32.23 -1.96 85.39
CA THR B 646 -32.30 -1.40 84.06
C THR B 646 -33.66 -1.69 83.44
N ASN B 647 -34.05 -0.88 82.46
CA ASN B 647 -35.36 -1.02 81.84
C ASN B 647 -35.38 -2.30 81.01
N ARG B 648 -36.19 -3.26 81.45
CA ARG B 648 -36.25 -4.55 80.76
C ARG B 648 -36.74 -4.39 79.34
N GLU B 649 -37.79 -3.60 79.14
CA GLU B 649 -38.32 -3.38 77.79
C GLU B 649 -37.30 -2.67 76.92
N LEU B 650 -36.62 -1.66 77.47
CA LEU B 650 -35.61 -0.96 76.69
C LEU B 650 -34.39 -1.83 76.45
N SER B 651 -34.07 -2.73 77.38
CA SER B 651 -33.00 -3.69 77.13
C SER B 651 -33.35 -4.62 75.98
N TYR B 652 -34.59 -5.12 75.96
CA TYR B 652 -35.03 -5.96 74.86
C TYR B 652 -34.95 -5.21 73.54
N LEU B 653 -35.42 -3.95 73.54
CA LEU B 653 -35.39 -3.16 72.32
C LEU B 653 -33.95 -2.88 71.86
N LEU B 654 -33.06 -2.61 72.81
CA LEU B 654 -31.66 -2.39 72.46
C LEU B 654 -31.02 -3.63 71.86
N LEU B 655 -31.31 -4.80 72.43
CA LEU B 655 -30.75 -6.03 71.89
C LEU B 655 -31.31 -6.34 70.51
N PHE B 656 -32.61 -6.08 70.30
CA PHE B 656 -33.19 -6.22 68.97
C PHE B 656 -32.54 -5.27 67.99
N SER B 657 -32.25 -4.04 68.42
CA SER B 657 -31.56 -3.08 67.57
C SER B 657 -30.15 -3.55 67.22
N LEU B 658 -29.46 -4.15 68.18
CA LEU B 658 -28.12 -4.69 67.89
C LEU B 658 -28.20 -5.84 66.89
N LEU B 659 -29.22 -6.69 67.01
CA LEU B 659 -29.43 -7.73 66.02
C LEU B 659 -29.66 -7.14 64.64
N CYS B 660 -30.49 -6.10 64.56
CA CYS B 660 -30.74 -5.44 63.28
C CYS B 660 -29.45 -4.82 62.73
N CYS B 661 -28.60 -4.28 63.60
CA CYS B 661 -27.35 -3.70 63.16
C CYS B 661 -26.42 -4.75 62.58
N PHE B 662 -26.32 -5.92 63.22
CA PHE B 662 -25.52 -7.01 62.68
C PHE B 662 -26.08 -7.51 61.35
N SER B 663 -27.40 -7.62 61.26
CA SER B 663 -28.01 -8.01 60.00
C SER B 663 -27.73 -6.98 58.90
N SER B 664 -27.72 -5.69 59.25
CA SER B 664 -27.39 -4.66 58.28
C SER B 664 -25.94 -4.76 57.85
N SER B 665 -25.05 -5.10 58.78
CA SER B 665 -23.66 -5.38 58.41
C SER B 665 -23.58 -6.54 57.44
N LEU B 666 -24.48 -7.52 57.56
CA LEU B 666 -24.52 -8.61 56.61
C LEU B 666 -24.91 -8.14 55.21
N PHE B 667 -25.60 -7.01 55.09
CA PHE B 667 -26.05 -6.55 53.78
C PHE B 667 -24.87 -6.16 52.89
N PHE B 668 -23.85 -5.53 53.47
CA PHE B 668 -22.73 -5.03 52.67
C PHE B 668 -21.99 -6.17 52.00
N ILE B 669 -21.86 -7.31 52.66
CA ILE B 669 -21.23 -8.48 52.06
C ILE B 669 -22.10 -9.01 50.94
N GLY B 670 -21.47 -9.37 49.82
CA GLY B 670 -22.14 -10.01 48.71
C GLY B 670 -22.06 -9.19 47.44
N GLU B 671 -22.56 -9.78 46.37
CA GLU B 671 -22.61 -9.09 45.09
C GLU B 671 -23.65 -7.97 45.13
N PRO B 672 -23.27 -6.74 44.83
CA PRO B 672 -24.23 -5.63 44.94
C PRO B 672 -25.41 -5.80 44.00
N GLN B 673 -26.57 -5.35 44.47
CA GLN B 673 -27.79 -5.30 43.69
C GLN B 673 -28.50 -4.00 44.04
N ASP B 674 -29.43 -3.58 43.17
CA ASP B 674 -30.10 -2.31 43.36
C ASP B 674 -30.75 -2.22 44.73
N TRP B 675 -31.55 -3.22 45.09
CA TRP B 675 -32.20 -3.21 46.41
C TRP B 675 -31.18 -3.37 47.52
N THR B 676 -30.14 -4.18 47.29
CA THR B 676 -29.10 -4.35 48.31
C THR B 676 -28.40 -3.04 48.61
N CYS B 677 -28.05 -2.26 47.59
CA CYS B 677 -27.50 -0.93 47.83
C CYS B 677 -28.56 0.01 48.40
N ARG B 678 -29.84 -0.29 48.16
CA ARG B 678 -30.89 0.52 48.77
C ARG B 678 -31.04 0.23 50.26
N LEU B 679 -30.65 -0.97 50.71
CA LEU B 679 -30.94 -1.42 52.06
C LEU B 679 -29.70 -1.59 52.92
N ARG B 680 -28.54 -1.12 52.48
CA ARG B 680 -27.35 -1.22 53.33
C ARG B 680 -27.27 -0.08 54.33
N GLN B 681 -27.15 1.16 53.83
CA GLN B 681 -27.05 2.32 54.71
C GLN B 681 -28.33 2.59 55.51
N PRO B 682 -29.55 2.59 54.93
CA PRO B 682 -30.75 2.85 55.74
C PRO B 682 -30.92 1.89 56.90
N ALA B 683 -30.63 0.61 56.67
CA ALA B 683 -30.79 -0.39 57.72
C ALA B 683 -29.88 -0.09 58.91
N PHE B 684 -28.59 0.14 58.63
CA PHE B 684 -27.65 0.43 59.70
C PHE B 684 -28.00 1.73 60.40
N GLY B 685 -28.39 2.75 59.64
CA GLY B 685 -28.76 4.02 60.23
C GLY B 685 -29.94 3.90 61.17
N ILE B 686 -31.01 3.23 60.73
CA ILE B 686 -32.19 3.07 61.57
C ILE B 686 -31.86 2.25 62.80
N SER B 687 -31.13 1.15 62.64
CA SER B 687 -30.81 0.29 63.77
C SER B 687 -29.94 1.03 64.79
N PHE B 688 -28.95 1.77 64.32
CA PHE B 688 -28.04 2.45 65.24
C PHE B 688 -28.73 3.62 65.93
N VAL B 689 -29.62 4.33 65.22
CA VAL B 689 -30.39 5.36 65.87
C VAL B 689 -31.32 4.76 66.92
N LEU B 690 -31.91 3.60 66.63
CA LEU B 690 -32.75 2.92 67.61
C LEU B 690 -31.96 2.58 68.87
N CYS B 691 -30.78 1.98 68.70
CA CYS B 691 -29.96 1.60 69.86
C CYS B 691 -29.51 2.84 70.63
N ILE B 692 -29.06 3.88 69.92
CA ILE B 692 -28.61 5.09 70.60
C ILE B 692 -29.77 5.73 71.35
N SER B 693 -30.97 5.68 70.80
CA SER B 693 -32.12 6.26 71.48
C SER B 693 -32.49 5.48 72.73
N CYS B 694 -32.40 4.15 72.66
CA CYS B 694 -32.64 3.35 73.86
C CYS B 694 -31.63 3.70 74.94
N ILE B 695 -30.35 3.83 74.57
CA ILE B 695 -29.34 4.24 75.54
C ILE B 695 -29.66 5.61 76.09
N LEU B 696 -30.10 6.52 75.23
CA LEU B 696 -30.36 7.90 75.64
C LEU B 696 -31.52 7.96 76.63
N VAL B 697 -32.58 7.19 76.40
CA VAL B 697 -33.69 7.21 77.34
C VAL B 697 -33.31 6.52 78.65
N LYS B 698 -32.46 5.51 78.60
CA LYS B 698 -31.96 4.93 79.85
C LYS B 698 -31.16 5.95 80.64
N THR B 699 -30.33 6.75 79.95
CA THR B 699 -29.60 7.81 80.62
C THR B 699 -30.53 8.88 81.17
N ASN B 700 -31.58 9.23 80.42
CA ASN B 700 -32.54 10.21 80.91
C ASN B 700 -33.25 9.71 82.16
N ARG B 701 -33.52 8.40 82.23
CA ARG B 701 -33.99 7.81 83.48
C ARG B 701 -32.94 7.96 84.56
N VAL B 702 -31.67 7.70 84.23
CA VAL B 702 -30.58 7.91 85.18
C VAL B 702 -30.49 9.38 85.56
N LEU B 703 -30.61 10.25 84.57
CA LEU B 703 -30.61 11.69 84.81
C LEU B 703 -31.85 12.13 85.58
N ASN B 722 -43.24 4.41 78.67
CA ASN B 722 -44.18 5.46 78.27
C ASN B 722 -43.47 6.58 77.49
N LEU B 723 -42.87 7.52 78.23
CA LEU B 723 -42.18 8.63 77.59
C LEU B 723 -40.89 8.15 76.91
N GLN B 724 -40.23 7.16 77.50
CA GLN B 724 -39.00 6.63 76.90
C GLN B 724 -39.27 6.05 75.52
N PHE B 725 -40.35 5.28 75.40
CA PHE B 725 -40.74 4.74 74.10
C PHE B 725 -41.09 5.86 73.15
N LEU B 726 -41.68 6.94 73.66
CA LEU B 726 -41.98 8.09 72.81
C LEU B 726 -40.72 8.71 72.24
N LEU B 727 -39.68 8.90 73.07
CA LEU B 727 -38.46 9.51 72.56
C LEU B 727 -37.76 8.60 71.56
N VAL B 728 -37.66 7.30 71.86
CA VAL B 728 -36.97 6.42 70.93
C VAL B 728 -37.74 6.34 69.61
N PHE B 729 -39.08 6.32 69.67
CA PHE B 729 -39.87 6.27 68.45
C PHE B 729 -39.73 7.58 67.68
N LEU B 730 -39.62 8.71 68.37
CA LEU B 730 -39.43 9.98 67.69
C LEU B 730 -38.13 9.98 66.90
N CYS B 731 -37.05 9.54 67.52
CA CYS B 731 -35.76 9.55 66.83
C CYS B 731 -35.77 8.58 65.64
N THR B 732 -36.29 7.37 65.85
CA THR B 732 -36.35 6.41 64.74
C THR B 732 -37.27 6.88 63.63
N PHE B 733 -38.36 7.57 63.98
CA PHE B 733 -39.26 8.09 62.96
C PHE B 733 -38.57 9.17 62.15
N MET B 734 -37.80 10.05 62.79
CA MET B 734 -37.03 11.02 62.02
C MET B 734 -36.12 10.31 61.04
N GLN B 735 -35.37 9.32 61.53
CA GLN B 735 -34.42 8.62 60.66
C GLN B 735 -35.12 7.95 59.49
N ILE B 736 -36.26 7.31 59.74
CA ILE B 736 -36.97 6.63 58.66
C ILE B 736 -37.59 7.65 57.72
N VAL B 737 -37.86 8.86 58.20
CA VAL B 737 -38.30 9.91 57.29
C VAL B 737 -37.20 10.26 56.30
N ILE B 738 -35.97 10.47 56.79
CA ILE B 738 -34.86 10.68 55.85
C ILE B 738 -34.75 9.51 54.89
N CYS B 739 -34.78 8.29 55.41
CA CYS B 739 -34.56 7.12 54.57
C CYS B 739 -35.62 6.99 53.48
N VAL B 740 -36.90 7.12 53.85
CA VAL B 740 -37.98 7.03 52.88
C VAL B 740 -37.88 8.16 51.86
N ILE B 741 -37.58 9.37 52.32
CA ILE B 741 -37.53 10.51 51.42
C ILE B 741 -36.47 10.30 50.35
N TRP B 742 -35.27 9.88 50.75
CA TRP B 742 -34.19 9.80 49.77
C TRP B 742 -34.22 8.48 48.99
N LEU B 743 -34.96 7.48 49.48
CA LEU B 743 -35.20 6.32 48.65
C LEU B 743 -36.26 6.60 47.59
N TYR B 744 -37.22 7.47 47.91
CA TYR B 744 -38.24 7.84 46.95
C TYR B 744 -37.67 8.78 45.89
N THR B 745 -36.89 9.77 46.32
CA THR B 745 -36.38 10.76 45.37
C THR B 745 -35.31 10.18 44.45
N ALA B 746 -34.32 9.49 45.02
CA ALA B 746 -33.16 9.02 44.25
C ALA B 746 -32.59 7.78 44.91
N PRO B 747 -33.04 6.60 44.51
CA PRO B 747 -32.58 5.36 45.16
C PRO B 747 -31.15 5.03 44.79
N PRO B 748 -30.39 4.44 45.71
CA PRO B 748 -29.07 3.92 45.35
C PRO B 748 -29.20 2.78 44.35
N SER B 749 -28.18 2.62 43.51
CA SER B 749 -28.25 1.59 42.47
C SER B 749 -26.87 1.02 42.18
N SER B 750 -26.82 -0.27 41.89
CA SER B 750 -25.56 -0.92 41.58
C SER B 750 -25.07 -0.51 40.20
N TYR B 751 -23.80 -0.09 40.14
CA TYR B 751 -23.18 0.32 38.90
C TYR B 751 -21.84 -0.41 38.76
N ARG B 752 -21.48 -0.72 37.51
CA ARG B 752 -20.27 -1.47 37.21
C ARG B 752 -19.21 -0.49 36.72
N ASN B 753 -18.32 -0.08 37.61
CA ASN B 753 -17.27 0.88 37.26
C ASN B 753 -16.22 0.18 36.41
N GLN B 754 -15.96 0.72 35.23
CA GLN B 754 -14.90 0.26 34.34
C GLN B 754 -13.77 1.26 34.22
N GLU B 755 -13.83 2.39 34.95
CA GLU B 755 -12.83 3.43 34.80
C GLU B 755 -11.70 3.28 35.81
N LEU B 756 -11.92 2.50 36.87
CA LEU B 756 -10.87 2.31 37.87
C LEU B 756 -9.69 1.56 37.30
N GLU B 757 -9.94 0.41 36.66
CA GLU B 757 -8.91 -0.38 36.03
C GLU B 757 -9.43 -0.94 34.72
N ASP B 758 -8.56 -0.99 33.71
CA ASP B 758 -8.98 -1.48 32.40
C ASP B 758 -9.35 -2.95 32.45
N GLU B 759 -8.59 -3.76 33.18
CA GLU B 759 -8.79 -5.21 33.15
C GLU B 759 -10.00 -5.64 33.98
N ILE B 760 -10.33 -4.89 35.03
CA ILE B 760 -11.28 -5.35 36.05
C ILE B 760 -12.47 -4.40 36.09
N ILE B 761 -13.67 -4.98 36.17
CA ILE B 761 -14.89 -4.22 36.38
C ILE B 761 -15.27 -4.32 37.85
N PHE B 762 -15.31 -3.19 38.55
CA PHE B 762 -15.64 -3.15 39.97
C PHE B 762 -17.14 -2.94 40.10
N ILE B 763 -17.85 -3.94 40.63
CA ILE B 763 -19.29 -3.83 40.79
C ILE B 763 -19.57 -3.21 42.15
N THR B 764 -20.02 -1.95 42.16
CA THR B 764 -20.22 -1.26 43.43
C THR B 764 -21.59 -0.59 43.47
N CYS B 765 -21.83 0.23 44.49
CA CYS B 765 -23.11 0.90 44.69
C CYS B 765 -22.97 2.39 44.42
N HIS B 766 -24.06 3.00 43.99
CA HIS B 766 -24.15 4.43 43.75
C HIS B 766 -25.16 5.03 44.73
N GLU B 767 -24.69 6.03 45.48
CA GLU B 767 -25.47 6.62 46.57
C GLU B 767 -26.75 7.26 46.05
N GLY B 768 -26.67 7.97 44.93
CA GLY B 768 -27.81 8.71 44.42
C GLY B 768 -27.83 10.13 44.92
N SER B 769 -28.12 10.31 46.21
CA SER B 769 -28.11 11.62 46.85
C SER B 769 -27.05 11.63 47.94
N LEU B 770 -25.94 12.33 47.69
CA LEU B 770 -24.86 12.37 48.66
C LEU B 770 -25.26 13.14 49.91
N MET B 771 -26.01 14.23 49.75
CA MET B 771 -26.47 14.98 50.91
C MET B 771 -27.44 14.15 51.75
N ALA B 772 -28.08 13.14 51.15
CA ALA B 772 -28.90 12.24 51.94
C ALA B 772 -28.07 11.37 52.86
N LEU B 773 -26.95 10.84 52.36
CA LEU B 773 -26.00 10.15 53.22
C LEU B 773 -25.45 11.10 54.27
N GLY B 774 -25.25 12.36 53.89
CA GLY B 774 -24.84 13.37 54.87
C GLY B 774 -25.84 13.53 55.99
N PHE B 775 -27.13 13.63 55.65
CA PHE B 775 -28.17 13.73 56.67
C PHE B 775 -28.22 12.46 57.53
N LEU B 776 -28.09 11.30 56.90
CA LEU B 776 -28.08 10.04 57.65
C LEU B 776 -26.98 10.04 58.70
N ILE B 777 -25.74 10.22 58.26
CA ILE B 777 -24.61 10.17 59.20
C ILE B 777 -24.70 11.32 60.19
N GLY B 778 -25.18 12.49 59.75
CA GLY B 778 -25.26 13.63 60.64
C GLY B 778 -26.28 13.43 61.75
N TYR B 779 -27.45 12.88 61.42
CA TYR B 779 -28.43 12.61 62.45
C TYR B 779 -27.96 11.53 63.40
N THR B 780 -27.36 10.46 62.86
CA THR B 780 -26.81 9.43 63.75
C THR B 780 -25.75 10.00 64.68
N CYS B 781 -24.80 10.78 64.15
CA CYS B 781 -23.75 11.38 64.95
C CYS B 781 -24.27 12.45 65.90
N LEU B 782 -25.35 13.14 65.54
CA LEU B 782 -25.91 14.15 66.42
C LEU B 782 -26.58 13.52 67.62
N LEU B 783 -27.36 12.47 67.39
CA LEU B 783 -27.92 11.73 68.52
C LEU B 783 -26.80 11.10 69.35
N ALA B 784 -25.75 10.64 68.68
CA ALA B 784 -24.59 10.10 69.37
C ALA B 784 -23.95 11.15 70.27
N ALA B 785 -23.79 12.37 69.76
CA ALA B 785 -23.18 13.44 70.54
C ALA B 785 -24.06 13.84 71.71
N ILE B 786 -25.37 13.88 71.50
CA ILE B 786 -26.29 14.20 72.60
C ILE B 786 -26.16 13.16 73.71
N CYS B 787 -26.17 11.87 73.35
CA CYS B 787 -26.03 10.83 74.36
C CYS B 787 -24.66 10.89 75.02
N PHE B 788 -23.63 11.17 74.23
CA PHE B 788 -22.28 11.31 74.77
C PHE B 788 -22.22 12.39 75.83
N PHE B 789 -22.76 13.57 75.52
CA PHE B 789 -22.73 14.68 76.47
C PHE B 789 -23.55 14.37 77.71
N PHE B 790 -24.75 13.83 77.52
CA PHE B 790 -25.62 13.56 78.67
C PHE B 790 -25.02 12.48 79.56
N ALA B 791 -24.31 11.52 78.98
CA ALA B 791 -23.63 10.53 79.80
C ALA B 791 -22.38 11.10 80.46
N PHE B 792 -21.72 12.05 79.80
CA PHE B 792 -20.53 12.66 80.37
C PHE B 792 -20.87 13.50 81.59
N LYS B 793 -22.03 14.18 81.57
CA LYS B 793 -22.40 15.03 82.70
C LYS B 793 -22.60 14.22 83.97
N SER B 794 -23.05 12.96 83.86
CA SER B 794 -23.32 12.12 85.01
C SER B 794 -22.48 10.85 85.02
N ARG B 795 -21.24 10.94 84.53
CA ARG B 795 -20.40 9.75 84.42
C ARG B 795 -19.95 9.23 85.78
N LYS B 796 -19.79 10.13 86.76
CA LYS B 796 -19.32 9.69 88.07
C LYS B 796 -20.42 8.98 88.85
N LEU B 797 -21.68 9.19 88.48
CA LEU B 797 -22.81 8.75 89.30
C LEU B 797 -22.85 7.23 89.39
N PRO B 798 -22.86 6.66 90.59
CA PRO B 798 -22.90 5.20 90.72
C PRO B 798 -24.32 4.65 90.77
N GLU B 799 -25.01 4.70 89.64
CA GLU B 799 -26.35 4.15 89.52
C GLU B 799 -26.35 3.06 88.48
N ASN B 800 -27.07 1.97 88.77
CA ASN B 800 -27.13 0.80 87.89
C ASN B 800 -25.73 0.26 87.63
N PHE B 801 -24.93 0.18 88.69
CA PHE B 801 -23.53 -0.24 88.61
C PHE B 801 -22.75 0.64 87.63
N ASN B 802 -22.88 1.95 87.82
CA ASN B 802 -22.12 2.95 87.05
C ASN B 802 -22.30 2.75 85.55
N GLU B 803 -23.55 2.63 85.12
CA GLU B 803 -23.82 2.39 83.71
C GLU B 803 -23.49 3.61 82.86
N ALA B 804 -23.49 4.80 83.46
CA ALA B 804 -23.23 6.01 82.70
C ALA B 804 -21.82 6.03 82.13
N LYS B 805 -20.85 5.59 82.92
CA LYS B 805 -19.47 5.52 82.45
C LYS B 805 -19.34 4.55 81.28
N PHE B 806 -19.98 3.38 81.38
CA PHE B 806 -19.92 2.41 80.30
C PHE B 806 -20.65 2.90 79.05
N ILE B 807 -21.74 3.67 79.23
CA ILE B 807 -22.44 4.25 78.10
C ILE B 807 -21.54 5.26 77.39
N THR B 808 -20.84 6.09 78.16
CA THR B 808 -19.88 7.01 77.57
C THR B 808 -18.79 6.24 76.83
N PHE B 809 -18.32 5.14 77.41
CA PHE B 809 -17.31 4.32 76.75
C PHE B 809 -17.83 3.76 75.43
N SER B 810 -19.07 3.27 75.41
CA SER B 810 -19.64 2.72 74.18
C SER B 810 -19.75 3.78 73.10
N MET B 811 -20.23 4.97 73.48
CA MET B 811 -20.39 6.03 72.50
C MET B 811 -19.04 6.48 71.97
N LEU B 812 -18.05 6.58 72.84
CA LEU B 812 -16.70 6.97 72.43
C LEU B 812 -16.08 5.89 71.56
N ILE B 813 -16.42 4.63 71.80
CA ILE B 813 -15.96 3.54 70.93
C ILE B 813 -16.56 3.69 69.54
N PHE B 814 -17.86 3.97 69.47
CA PHE B 814 -18.51 4.26 68.19
C PHE B 814 -17.76 5.35 67.45
N PHE B 815 -17.46 6.44 68.15
CA PHE B 815 -16.78 7.57 67.52
C PHE B 815 -15.36 7.19 67.08
N ILE B 816 -14.65 6.40 67.89
CA ILE B 816 -13.33 5.92 67.49
C ILE B 816 -13.43 5.13 66.20
N VAL B 817 -14.38 4.20 66.14
CA VAL B 817 -14.48 3.32 64.99
C VAL B 817 -14.76 4.13 63.73
N TRP B 818 -15.72 5.05 63.79
CA TRP B 818 -16.09 5.76 62.58
C TRP B 818 -15.12 6.89 62.24
N ILE B 819 -14.30 7.31 63.20
CA ILE B 819 -13.21 8.22 62.88
C ILE B 819 -12.07 7.47 62.22
N SER B 820 -11.83 6.23 62.66
CA SER B 820 -10.65 5.47 62.25
C SER B 820 -10.66 5.19 60.75
N PHE B 821 -11.82 4.83 60.21
CA PHE B 821 -11.91 4.37 58.83
C PHE B 821 -12.34 5.48 57.87
N ILE B 822 -12.13 6.74 58.23
CA ILE B 822 -12.55 7.84 57.35
C ILE B 822 -11.87 7.79 55.98
N PRO B 823 -10.54 7.67 55.87
CA PRO B 823 -9.94 7.68 54.52
C PRO B 823 -10.43 6.55 53.64
N ALA B 824 -10.74 5.39 54.21
CA ALA B 824 -11.15 4.24 53.42
C ALA B 824 -12.62 4.28 53.02
N TYR B 825 -13.40 5.22 53.55
CA TYR B 825 -14.82 5.24 53.26
C TYR B 825 -15.12 5.61 51.80
N ALA B 826 -14.16 6.18 51.09
CA ALA B 826 -14.34 6.54 49.69
C ALA B 826 -13.04 6.29 48.95
N SER B 827 -13.03 6.69 47.67
CA SER B 827 -11.84 6.60 46.82
C SER B 827 -11.41 5.16 46.62
N THR B 828 -10.99 4.49 47.70
CA THR B 828 -10.59 3.09 47.60
C THR B 828 -11.81 2.21 47.43
N TYR B 829 -12.30 2.10 46.21
CA TYR B 829 -13.55 1.40 45.93
C TYR B 829 -13.27 -0.09 45.74
N GLY B 830 -14.26 -0.83 45.26
CA GLY B 830 -14.12 -2.26 45.09
C GLY B 830 -14.53 -3.03 46.32
N LYS B 831 -13.90 -4.18 46.56
CA LYS B 831 -14.21 -4.94 47.77
C LYS B 831 -13.69 -4.24 49.01
N PHE B 832 -12.69 -3.36 48.87
CA PHE B 832 -12.08 -2.74 50.03
C PHE B 832 -13.05 -1.82 50.76
N VAL B 833 -13.83 -1.05 50.01
CA VAL B 833 -14.75 -0.10 50.65
C VAL B 833 -15.85 -0.85 51.42
N SER B 834 -16.42 -1.89 50.82
CA SER B 834 -17.45 -2.66 51.50
C SER B 834 -16.87 -3.40 52.70
N ALA B 835 -15.65 -3.92 52.56
CA ALA B 835 -14.99 -4.60 53.68
C ALA B 835 -14.77 -3.64 54.83
N VAL B 836 -14.28 -2.43 54.53
CA VAL B 836 -14.07 -1.44 55.58
C VAL B 836 -15.38 -1.06 56.24
N GLU B 837 -16.44 -0.91 55.43
CA GLU B 837 -17.75 -0.57 55.98
C GLU B 837 -18.26 -1.62 56.94
N VAL B 838 -18.19 -2.91 56.54
CA VAL B 838 -18.71 -3.96 57.40
C VAL B 838 -17.84 -4.11 58.64
N ILE B 839 -16.53 -3.90 58.51
CA ILE B 839 -15.67 -3.94 59.69
C ILE B 839 -16.01 -2.81 60.65
N ALA B 840 -16.27 -1.61 60.12
CA ALA B 840 -16.65 -0.49 60.97
C ALA B 840 -17.94 -0.79 61.71
N ILE B 841 -18.94 -1.32 61.00
CA ILE B 841 -20.21 -1.64 61.63
C ILE B 841 -20.02 -2.69 62.72
N LEU B 842 -19.24 -3.73 62.42
CA LEU B 842 -19.00 -4.78 63.41
C LEU B 842 -18.30 -4.23 64.64
N ALA B 843 -17.28 -3.40 64.43
CA ALA B 843 -16.54 -2.85 65.56
C ALA B 843 -17.43 -1.97 66.43
N ALA B 844 -18.24 -1.10 65.80
CA ALA B 844 -19.12 -0.24 66.56
C ALA B 844 -20.15 -1.05 67.35
N SER B 845 -20.78 -2.02 66.68
CA SER B 845 -21.81 -2.82 67.35
C SER B 845 -21.23 -3.65 68.48
N PHE B 846 -20.06 -4.25 68.26
CA PHE B 846 -19.42 -5.00 69.33
C PHE B 846 -19.05 -4.10 70.50
N GLY B 847 -18.53 -2.91 70.22
CA GLY B 847 -18.21 -2.00 71.30
C GLY B 847 -19.43 -1.63 72.11
N LEU B 848 -20.53 -1.31 71.43
CA LEU B 848 -21.75 -0.93 72.15
C LEU B 848 -22.29 -2.09 72.97
N LEU B 849 -22.39 -3.27 72.36
CA LEU B 849 -22.92 -4.43 73.07
C LEU B 849 -22.07 -4.75 74.29
N ALA B 850 -20.74 -4.72 74.12
CA ALA B 850 -19.84 -5.02 75.23
C ALA B 850 -20.00 -4.02 76.35
N CYS B 851 -19.89 -2.72 76.04
CA CYS B 851 -19.96 -1.70 77.08
C CYS B 851 -21.30 -1.71 77.79
N ILE B 852 -22.37 -2.10 77.09
CA ILE B 852 -23.67 -2.08 77.75
C ILE B 852 -23.85 -3.31 78.62
N PHE B 853 -23.58 -4.51 78.09
CA PHE B 853 -24.06 -5.72 78.74
C PHE B 853 -22.98 -6.57 79.39
N PHE B 854 -21.70 -6.35 79.11
CA PHE B 854 -20.69 -7.27 79.61
C PHE B 854 -20.52 -7.11 81.12
N ASN B 855 -20.65 -5.89 81.64
CA ASN B 855 -20.61 -5.68 83.08
C ASN B 855 -21.77 -6.38 83.79
N LYS B 856 -22.98 -6.29 83.24
CA LYS B 856 -24.12 -6.97 83.84
C LYS B 856 -23.96 -8.48 83.76
N ILE B 857 -23.41 -8.99 82.66
CA ILE B 857 -23.16 -10.43 82.56
C ILE B 857 -22.10 -10.86 83.57
N TYR B 858 -21.07 -10.04 83.75
CA TYR B 858 -20.03 -10.32 84.75
C TYR B 858 -20.63 -10.37 86.14
N ILE B 859 -21.54 -9.44 86.45
CA ILE B 859 -22.24 -9.47 87.73
C ILE B 859 -23.04 -10.76 87.86
N ILE B 860 -23.78 -11.14 86.82
CA ILE B 860 -24.47 -12.43 86.78
C ILE B 860 -23.50 -13.59 86.67
N LEU B 861 -22.40 -13.43 85.96
CA LEU B 861 -21.39 -14.49 85.76
C LEU B 861 -21.99 -15.70 85.06
#